data_4HB4
#
_entry.id   4HB4
#
_cell.length_a   105.970
_cell.length_b   105.970
_cell.length_c   304.934
_cell.angle_alpha   90.00
_cell.angle_beta   90.00
_cell.angle_gamma   90.00
#
_symmetry.space_group_name_H-M   'P 43 21 2'
#
loop_
_entity.id
_entity.type
_entity.pdbx_description
1 polymer 'GTP-binding nuclear protein Ran'
2 polymer 'Ran-specific GTPase-activating protein 1'
3 polymer Exportin-1
4 non-polymer 'PHOSPHOAMINOPHOSPHONIC ACID-GUANYLATE ESTER'
5 non-polymer 'MAGNESIUM ION'
6 non-polymer 1,2-ETHANEDIOL
7 non-polymer 'Leptomycin B, bound form'
8 non-polymer GLYCEROL
9 non-polymer 'CHLORIDE ION'
10 water water
#
loop_
_entity_poly.entity_id
_entity_poly.type
_entity_poly.pdbx_seq_one_letter_code
_entity_poly.pdbx_strand_id
1 'polypeptide(L)'
;MAAQGEPQVQFKLVLVGDGGTGKTTFVKRHLTGEFEKKYVATLGVEVHPLVFHTNRGPIKFNVWDTAGQEKFGGLRDGYY
IQAQCAIIMFDVTSRVTYKNVPNWHRDLVRVCENIPIVLCGNKVDIKDRKVKAKSIVFHRKKNLQYYDISAKSNYNFEKP
FLWLARKLIGDPNLEFVAMPALAPPEVVMDPALAAQYEHDLEVAQTTALPDEDDDL
;
A
2 'polypeptide(L)'
;DIHFEPVVHLEKVDVKTMEEDEEVLYKVRAKLFRFDKDAKEWKERGTGDCKFLKNKKTNKVRILMRRDKTLKICANHIIA
PEYTLKPNVGSDRSWVYACTADIAEGEAEAFTFAIRFGSKENADKFKEEFEKAQEINKKA
;
B
3 'polypeptide(L)'
;GAMEGILDFSNDLDIALLDQVVSTFYQGSGVQQKQAQEILTKFQDNPDAWQKADQILQFSTNPQSKFIALSILDKLITRK
WKLLPNDHRIGIRNFVVGMIISMCQDDEVFKTQKNLINKSDLTLVQILKQEWPQNWPEFIPELIGSSSSSVNVCENNMIV
LKLLSEEVFDFSAEQMTQAKALHLKNSMSKEFEQIFKLCFQVLEQGSSSSLIVATLESLLRYLHWIPYRYIYETNILELL
STKFMTSPDTRAITLKCLTEVSNLKIPQDNDLIKRQTVLFFQNTLQQIATSVMPVTADLKATYANANGNDQSFLQDLAMF
LTTYLARNRALLESDESLRELLLNAHQYLIQLSKIEERELFKTTLDYWHNLVADLFYEPLKKHIYEEICSQLRLVIIENM
VRPEEVLVVENDEGEIVREFVKESDTIQLYKSEREVLVYLTHLNVIDTEEIMISKLARQIDGSEWSWHNINTLSWAIGSI
SGTMSEDTEKRFVVTVIKDLLGLCEQKRGKDNKAVVASDIMYVVGQYPRFLKAHWNFLRTVILKLFEFMHETHEGVQDMA
CDTFIKIVQKCKYHFVIQQPRESEPFIQTIIRDIQKTTADLQPQQVHTFYKACGIIISEERSVAERNRLLSDLMQLPNMA
WDTIVEQSTANPTLLLDSETVKIIANIIKTNVAVCTSMGADFYPQLGHIYYNMLQLYRAVSSMISAQVAAEGLIATKTPK
VRGLRTIKKEILKLVETYISKARNLDDVVKVLVEPLLNAVLEDYMNNVPDARDAEVLNCMTTVVEKVGHMIPQGVILILQ
SVFECTLDMINKDFTEYPEHRVEFYKLLKVINEKSFAAFLELPPAAFKLFVDAICWAFKHNNRDVEVNGLQIALDLVKNI
ERMGNVPFANEFHKNYFFIFVSETFFVLTDSDHKSGFSKQALLLMKLISLVYDNKISVPLYQEAEVPQGTSNQVYLSQYL
ANMLSNAFPHLTSEQIASFLSALTKQCKDLVVFKGTLRDFLVQIKEVGGDPTDYLFAEDKENA
;
C
#
loop_
_chem_comp.id
_chem_comp.type
_chem_comp.name
_chem_comp.formula
CL non-polymer 'CHLORIDE ION' 'Cl -1'
EDO non-polymer 1,2-ETHANEDIOL 'C2 H6 O2'
GNP non-polymer 'PHOSPHOAMINOPHOSPHONIC ACID-GUANYLATE ESTER' 'C10 H17 N6 O13 P3'
GOL non-polymer GLYCEROL 'C3 H8 O3'
LMB non-polymer 'Leptomycin B, bound form' 'C33 H52 O7'
MG non-polymer 'MAGNESIUM ION' 'Mg 2'
#
# COMPACT_ATOMS: atom_id res chain seq x y z
N GLN A 8 -10.54 5.72 33.32
CA GLN A 8 -9.14 5.47 32.85
C GLN A 8 -8.77 6.38 31.69
N VAL A 9 -7.46 6.55 31.50
CA VAL A 9 -6.86 7.31 30.38
C VAL A 9 -7.17 6.67 29.02
N GLN A 10 -8.33 7.03 28.46
CA GLN A 10 -8.79 6.47 27.15
C GLN A 10 -9.14 7.49 26.07
N PHE A 11 -8.86 7.11 24.83
CA PHE A 11 -9.03 8.00 23.67
C PHE A 11 -9.85 7.37 22.54
N LYS A 12 -10.75 8.18 21.99
CA LYS A 12 -11.57 7.76 20.85
C LYS A 12 -10.74 7.89 19.58
N LEU A 13 -10.56 6.75 18.94
CA LEU A 13 -9.83 6.64 17.66
C LEU A 13 -10.81 6.24 16.55
N VAL A 14 -10.87 7.03 15.49
CA VAL A 14 -11.69 6.67 14.33
C VAL A 14 -10.79 6.23 13.21
N LEU A 15 -11.18 5.13 12.60
CA LEU A 15 -10.41 4.53 11.54
C LEU A 15 -11.27 4.53 10.27
N VAL A 16 -10.76 5.21 9.27
CA VAL A 16 -11.49 5.48 8.02
C VAL A 16 -10.67 5.14 6.77
N GLY A 17 -11.37 4.96 5.66
CA GLY A 17 -10.73 4.66 4.38
C GLY A 17 -11.55 3.67 3.56
N ASP A 18 -11.18 3.52 2.30
CA ASP A 18 -11.98 2.75 1.33
C ASP A 18 -12.18 1.30 1.76
N GLY A 19 -13.27 0.72 1.26
CA GLY A 19 -13.52 -0.69 1.46
C GLY A 19 -12.34 -1.52 0.98
N GLY A 20 -11.99 -2.53 1.78
CA GLY A 20 -10.98 -3.53 1.38
C GLY A 20 -9.56 -3.11 1.62
N THR A 21 -9.38 -1.95 2.24
CA THR A 21 -8.03 -1.37 2.49
C THR A 21 -7.27 -2.06 3.63
N GLY A 22 -8.03 -2.74 4.47
CA GLY A 22 -7.46 -3.59 5.53
C GLY A 22 -7.70 -3.09 6.95
N LYS A 23 -8.62 -2.16 7.09
CA LYS A 23 -8.94 -1.51 8.38
C LYS A 23 -9.24 -2.53 9.49
N THR A 24 -10.25 -3.36 9.27
CA THR A 24 -10.70 -4.32 10.29
C THR A 24 -9.60 -5.36 10.56
N THR A 25 -8.95 -5.80 9.49
CA THR A 25 -7.87 -6.78 9.61
C THR A 25 -6.76 -6.19 10.48
N PHE A 26 -6.43 -4.95 10.18
CA PHE A 26 -5.46 -4.22 10.99
C PHE A 26 -5.82 -4.21 12.48
N VAL A 27 -7.03 -3.78 12.78
CA VAL A 27 -7.50 -3.76 14.19
C VAL A 27 -7.47 -5.16 14.82
N LYS A 28 -7.97 -6.15 14.10
CA LYS A 28 -8.01 -7.55 14.61
C LYS A 28 -6.62 -8.03 14.97
N ARG A 29 -5.69 -7.74 14.07
CA ARG A 29 -4.29 -8.11 14.31
C ARG A 29 -3.84 -7.63 15.68
N HIS A 30 -4.17 -6.39 15.99
CA HIS A 30 -3.79 -5.76 17.27
C HIS A 30 -4.58 -6.30 18.42
N LEU A 31 -5.85 -6.59 18.17
CA LEU A 31 -6.76 -7.12 19.20
C LEU A 31 -6.41 -8.52 19.73
N THR A 32 -6.22 -9.43 18.80
CA THR A 32 -6.12 -10.88 19.10
C THR A 32 -4.85 -11.53 18.59
N GLY A 33 -4.14 -10.80 17.72
CA GLY A 33 -2.93 -11.33 17.06
C GLY A 33 -3.17 -12.04 15.74
N GLU A 34 -4.45 -12.23 15.42
CA GLU A 34 -4.84 -13.07 14.27
C GLU A 34 -4.73 -12.31 12.95
N PHE A 35 -4.56 -13.06 11.87
CA PHE A 35 -4.71 -12.48 10.53
C PHE A 35 -5.94 -13.04 9.83
N GLU A 36 -6.97 -12.22 9.73
CA GLU A 36 -8.19 -12.59 9.01
C GLU A 36 -7.97 -12.48 7.50
N LYS A 37 -8.00 -13.62 6.85
CA LYS A 37 -7.83 -13.69 5.38
C LYS A 37 -9.08 -13.25 4.63
N LYS A 38 -10.23 -13.54 5.21
CA LYS A 38 -11.52 -13.28 4.54
C LYS A 38 -11.86 -11.81 4.62
N TYR A 39 -12.64 -11.37 3.63
CA TYR A 39 -13.14 -9.97 3.56
C TYR A 39 -14.63 -9.96 3.85
N VAL A 40 -14.94 -9.65 5.09
CA VAL A 40 -16.33 -9.46 5.52
C VAL A 40 -16.46 -7.97 5.79
N ALA A 41 -17.19 -7.30 4.91
CA ALA A 41 -17.38 -5.84 4.98
C ALA A 41 -17.89 -5.41 6.35
N THR A 42 -17.30 -4.36 6.91
CA THR A 42 -17.83 -3.77 8.17
C THR A 42 -19.18 -3.07 7.90
N LEU A 43 -20.14 -3.33 8.78
CA LEU A 43 -21.50 -2.73 8.66
C LEU A 43 -21.61 -1.52 9.59
N GLY A 44 -21.49 -0.33 9.01
CA GLY A 44 -21.52 0.93 9.76
C GLY A 44 -20.23 1.19 10.53
N VAL A 45 -20.18 0.67 11.75
CA VAL A 45 -19.00 0.76 12.61
C VAL A 45 -18.93 -0.38 13.63
N GLU A 46 -17.70 -0.69 14.01
CA GLU A 46 -17.38 -1.68 15.04
CA GLU A 46 -17.45 -1.63 15.10
C GLU A 46 -16.46 -1.04 16.07
N VAL A 47 -16.88 -0.98 17.33
CA VAL A 47 -16.10 -0.31 18.35
C VAL A 47 -15.34 -1.34 19.15
N HIS A 48 -14.03 -1.15 19.24
CA HIS A 48 -13.20 -2.06 20.02
C HIS A 48 -12.30 -1.36 20.98
N PRO A 49 -12.23 -1.87 22.22
CA PRO A 49 -11.23 -1.39 23.15
C PRO A 49 -9.87 -2.03 22.87
N LEU A 50 -8.85 -1.20 22.86
CA LEU A 50 -7.49 -1.65 22.58
C LEU A 50 -6.55 -0.98 23.59
N VAL A 51 -5.91 -1.79 24.43
CA VAL A 51 -4.99 -1.28 25.47
C VAL A 51 -3.54 -1.46 25.07
N PHE A 52 -2.73 -0.48 25.38
CA PHE A 52 -1.28 -0.61 25.22
C PHE A 52 -0.59 -0.31 26.52
N HIS A 53 0.49 -1.04 26.79
CA HIS A 53 1.31 -0.78 27.96
C HIS A 53 2.51 0.01 27.58
N THR A 54 2.71 1.10 28.31
CA THR A 54 3.80 2.06 28.01
C THR A 54 4.53 2.48 29.28
N ASN A 55 5.74 3.00 29.10
CA ASN A 55 6.53 3.57 30.23
C ASN A 55 5.84 4.75 30.92
N ARG A 56 4.74 5.20 30.34
CA ARG A 56 3.92 6.25 30.95
C ARG A 56 2.60 5.69 31.51
N GLY A 57 2.55 4.36 31.62
CA GLY A 57 1.35 3.64 32.09
C GLY A 57 0.53 3.09 30.94
N PRO A 58 -0.64 2.51 31.24
CA PRO A 58 -1.49 2.00 30.17
C PRO A 58 -2.24 3.11 29.47
N ILE A 59 -2.36 2.95 28.17
CA ILE A 59 -3.19 3.84 27.35
C ILE A 59 -4.24 3.03 26.58
N LYS A 60 -5.48 3.50 26.68
CA LYS A 60 -6.64 2.80 26.09
C LYS A 60 -7.18 3.57 24.91
N PHE A 61 -7.18 2.91 23.77
CA PHE A 61 -7.91 3.39 22.59
C PHE A 61 -9.25 2.70 22.44
N ASN A 62 -10.30 3.50 22.33
CA ASN A 62 -11.57 2.97 21.82
C ASN A 62 -11.60 3.21 20.34
N VAL A 63 -11.35 2.13 19.62
CA VAL A 63 -11.20 2.15 18.17
C VAL A 63 -12.55 1.98 17.49
N TRP A 64 -12.95 3.03 16.79
CA TRP A 64 -14.16 3.06 15.99
C TRP A 64 -13.79 2.71 14.58
N ASP A 65 -13.91 1.44 14.28
CA ASP A 65 -13.53 0.86 12.97
C ASP A 65 -14.71 1.00 12.02
N THR A 66 -14.64 2.00 11.17
CA THR A 66 -15.78 2.34 10.31
C THR A 66 -15.78 1.62 8.97
N ALA A 67 -16.98 1.58 8.40
CA ALA A 67 -17.22 0.95 7.11
C ALA A 67 -16.70 1.87 6.00
N GLY A 68 -15.88 1.30 5.11
CA GLY A 68 -15.39 2.01 3.93
C GLY A 68 -16.29 1.95 2.70
N GLN A 69 -17.11 0.92 2.60
CA GLN A 69 -18.03 0.79 1.45
CA GLN A 69 -18.04 0.79 1.46
C GLN A 69 -19.20 1.76 1.63
N GLU A 70 -19.44 2.58 0.61
CA GLU A 70 -20.51 3.58 0.67
C GLU A 70 -21.86 2.98 1.11
N LYS A 71 -22.22 1.86 0.49
CA LYS A 71 -23.52 1.18 0.77
C LYS A 71 -23.62 0.59 2.19
N PHE A 72 -22.48 0.44 2.86
CA PHE A 72 -22.49 0.02 4.27
C PHE A 72 -22.06 1.14 5.24
N GLY A 73 -22.10 2.36 4.73
CA GLY A 73 -21.57 3.54 5.47
C GLY A 73 -22.24 3.93 6.79
N GLY A 74 -23.49 3.57 6.94
CA GLY A 74 -24.27 3.88 8.14
C GLY A 74 -24.28 5.38 8.44
N LEU A 75 -24.01 5.74 9.68
CA LEU A 75 -24.04 7.16 10.10
C LEU A 75 -22.93 8.04 9.46
N ARG A 76 -21.99 7.39 8.78
CA ARG A 76 -20.90 8.10 8.08
CA ARG A 76 -20.89 8.08 8.07
C ARG A 76 -20.13 9.03 9.02
N ASP A 77 -20.16 10.34 8.76
CA ASP A 77 -19.37 11.29 9.57
C ASP A 77 -19.86 11.44 11.01
N GLY A 78 -21.09 11.00 11.23
CA GLY A 78 -21.63 10.87 12.59
C GLY A 78 -20.71 10.08 13.51
N TYR A 79 -19.95 9.17 12.93
CA TYR A 79 -19.01 8.37 13.74
C TYR A 79 -17.85 9.19 14.31
N TYR A 80 -17.54 10.30 13.65
CA TYR A 80 -16.35 11.10 13.99
C TYR A 80 -16.55 12.02 15.19
N ILE A 81 -17.79 12.19 15.62
CA ILE A 81 -18.10 13.17 16.69
C ILE A 81 -17.22 12.87 17.90
N GLN A 82 -16.46 13.86 18.31
CA GLN A 82 -15.60 13.79 19.53
C GLN A 82 -14.48 12.72 19.48
N ALA A 83 -14.13 12.29 18.29
CA ALA A 83 -12.90 11.52 18.07
C ALA A 83 -11.71 12.36 18.54
N GLN A 84 -10.75 11.72 19.19
CA GLN A 84 -9.54 12.42 19.70
C GLN A 84 -8.28 12.13 18.88
N CYS A 85 -8.44 11.18 17.97
CA CYS A 85 -7.37 10.84 17.02
C CYS A 85 -7.97 9.99 15.91
N ALA A 86 -7.18 9.76 14.88
CA ALA A 86 -7.66 8.98 13.73
C ALA A 86 -6.55 8.37 12.91
N ILE A 87 -6.91 7.29 12.23
CA ILE A 87 -6.06 6.65 11.23
C ILE A 87 -6.80 6.67 9.89
N ILE A 88 -6.12 7.15 8.86
CA ILE A 88 -6.66 7.07 7.49
C ILE A 88 -5.88 5.97 6.78
N MET A 89 -6.62 5.02 6.23
N MET A 89 -6.61 5.02 6.22
CA MET A 89 -6.05 3.83 5.57
CA MET A 89 -6.01 3.87 5.57
C MET A 89 -6.29 3.86 4.06
C MET A 89 -6.28 3.85 4.07
N PHE A 90 -5.26 3.47 3.33
CA PHE A 90 -5.41 3.15 1.92
C PHE A 90 -4.64 1.87 1.63
N ASP A 91 -4.75 1.39 0.41
CA ASP A 91 -4.17 0.12 -0.06
C ASP A 91 -3.19 0.47 -1.17
N VAL A 92 -1.90 0.19 -0.97
CA VAL A 92 -0.85 0.59 -1.95
C VAL A 92 -0.94 -0.17 -3.27
N THR A 93 -1.68 -1.26 -3.26
CA THR A 93 -1.90 -2.04 -4.48
C THR A 93 -3.17 -1.54 -5.20
N SER A 94 -3.80 -0.53 -4.64
CA SER A 94 -5.00 0.06 -5.27
C SER A 94 -4.95 1.58 -5.26
N ARG A 95 -4.65 2.11 -6.43
CA ARG A 95 -4.48 3.57 -6.65
C ARG A 95 -5.72 4.39 -6.26
N VAL A 96 -6.89 3.88 -6.63
CA VAL A 96 -8.15 4.59 -6.32
C VAL A 96 -8.28 4.82 -4.81
N THR A 97 -7.75 3.90 -4.00
CA THR A 97 -7.85 4.04 -2.53
C THR A 97 -7.03 5.24 -2.07
N TYR A 98 -5.86 5.46 -2.69
CA TYR A 98 -5.07 6.69 -2.42
C TYR A 98 -5.77 7.94 -2.94
N LYS A 99 -6.30 7.85 -4.15
N LYS A 99 -6.28 7.85 -4.16
CA LYS A 99 -7.06 8.96 -4.76
CA LYS A 99 -7.06 8.94 -4.77
C LYS A 99 -8.14 9.48 -3.82
C LYS A 99 -8.15 9.47 -3.84
N ASN A 100 -8.79 8.56 -3.13
CA ASN A 100 -9.90 8.95 -2.20
C ASN A 100 -9.44 9.45 -0.84
N VAL A 101 -8.14 9.38 -0.58
CA VAL A 101 -7.63 9.80 0.74
C VAL A 101 -8.07 11.23 1.11
N PRO A 102 -7.98 12.19 0.16
CA PRO A 102 -8.41 13.56 0.44
C PRO A 102 -9.89 13.65 0.80
N ASN A 103 -10.68 12.78 0.20
CA ASN A 103 -12.12 12.74 0.52
C ASN A 103 -12.38 12.33 1.97
N TRP A 104 -11.75 11.22 2.37
CA TRP A 104 -11.87 10.75 3.76
C TRP A 104 -11.38 11.80 4.71
N HIS A 105 -10.24 12.39 4.39
CA HIS A 105 -9.63 13.45 5.22
C HIS A 105 -10.54 14.63 5.37
N ARG A 106 -11.13 15.03 4.26
CA ARG A 106 -12.05 16.18 4.24
C ARG A 106 -13.19 15.97 5.24
N ASP A 107 -13.88 14.86 5.07
CA ASP A 107 -15.06 14.56 5.91
C ASP A 107 -14.65 14.41 7.37
N LEU A 108 -13.44 13.89 7.57
CA LEU A 108 -12.92 13.72 8.92
C LEU A 108 -12.64 15.04 9.64
N VAL A 109 -11.86 15.92 9.00
CA VAL A 109 -11.40 17.17 9.67
C VAL A 109 -12.50 18.22 9.79
N ARG A 110 -13.53 18.11 8.95
CA ARG A 110 -14.74 18.95 9.13
C ARG A 110 -15.40 18.72 10.49
N VAL A 111 -15.37 17.49 10.97
CA VAL A 111 -15.94 17.15 12.29
C VAL A 111 -14.90 17.25 13.39
N CYS A 112 -13.69 16.81 13.10
CA CYS A 112 -12.59 16.74 14.07
C CYS A 112 -11.47 17.70 13.68
N GLU A 113 -11.57 18.93 14.16
CA GLU A 113 -10.74 20.03 13.60
C GLU A 113 -9.27 20.01 14.00
N ASN A 114 -8.96 19.43 15.14
CA ASN A 114 -7.58 19.48 15.62
C ASN A 114 -7.19 18.22 16.38
N ILE A 115 -7.11 17.13 15.64
CA ILE A 115 -6.67 15.86 16.21
C ILE A 115 -5.44 15.31 15.49
N PRO A 116 -4.63 14.51 16.19
CA PRO A 116 -3.57 13.82 15.48
C PRO A 116 -4.11 12.68 14.62
N ILE A 117 -3.55 12.61 13.42
CA ILE A 117 -3.98 11.68 12.38
C ILE A 117 -2.78 11.05 11.69
N VAL A 118 -2.84 9.73 11.61
CA VAL A 118 -1.89 8.92 10.82
C VAL A 118 -2.49 8.47 9.50
N LEU A 119 -1.76 8.72 8.42
CA LEU A 119 -2.07 8.14 7.11
C LEU A 119 -1.31 6.82 7.01
N CYS A 120 -2.02 5.75 6.66
CA CYS A 120 -1.40 4.43 6.50
C CYS A 120 -1.63 3.84 5.11
N GLY A 121 -0.51 3.51 4.46
CA GLY A 121 -0.53 2.79 3.18
C GLY A 121 -0.35 1.32 3.49
N ASN A 122 -1.45 0.57 3.45
CA ASN A 122 -1.45 -0.86 3.82
C ASN A 122 -1.09 -1.79 2.65
N LYS A 123 -0.83 -3.05 2.99
CA LYS A 123 -0.60 -4.17 2.03
C LYS A 123 0.71 -4.10 1.26
N VAL A 124 1.74 -3.60 1.93
CA VAL A 124 3.07 -3.46 1.28
C VAL A 124 3.73 -4.83 1.11
N ASP A 125 3.19 -5.85 1.77
CA ASP A 125 3.67 -7.24 1.57
C ASP A 125 3.50 -7.75 0.13
N ILE A 126 2.55 -7.17 -0.58
CA ILE A 126 2.21 -7.59 -1.95
C ILE A 126 3.23 -7.06 -2.96
N LYS A 127 3.83 -7.97 -3.70
CA LYS A 127 4.95 -7.62 -4.59
C LYS A 127 4.64 -6.50 -5.59
N ASP A 128 3.48 -6.58 -6.25
CA ASP A 128 3.10 -5.58 -7.29
C ASP A 128 2.46 -4.33 -6.67
N ARG A 129 3.30 -3.50 -6.11
CA ARG A 129 2.87 -2.23 -5.54
C ARG A 129 2.43 -1.26 -6.64
N LYS A 130 1.32 -0.56 -6.42
CA LYS A 130 0.77 0.38 -7.44
C LYS A 130 0.92 1.87 -7.09
N VAL A 131 0.74 2.18 -5.82
CA VAL A 131 0.92 3.55 -5.32
C VAL A 131 2.39 3.70 -4.92
N LYS A 132 3.18 4.26 -5.82
CA LYS A 132 4.62 4.44 -5.56
C LYS A 132 4.89 5.31 -4.33
N ALA A 133 5.92 4.91 -3.59
CA ALA A 133 6.42 5.65 -2.43
C ALA A 133 6.54 7.15 -2.73
N LYS A 134 7.07 7.45 -3.89
CA LYS A 134 7.33 8.83 -4.32
C LYS A 134 6.04 9.64 -4.44
N SER A 135 4.97 8.97 -4.84
CA SER A 135 3.64 9.57 -5.02
C SER A 135 2.97 10.01 -3.72
N ILE A 136 3.39 9.44 -2.62
CA ILE A 136 2.64 9.62 -1.37
C ILE A 136 3.10 10.88 -0.64
N VAL A 137 2.37 11.96 -0.90
CA VAL A 137 2.70 13.33 -0.39
C VAL A 137 1.52 14.09 0.23
N PHE A 138 0.32 13.53 0.12
CA PHE A 138 -0.90 14.21 0.63
C PHE A 138 -0.77 14.63 2.10
N HIS A 139 -0.02 13.86 2.87
CA HIS A 139 0.11 14.10 4.32
C HIS A 139 0.92 15.31 4.71
N ARG A 140 1.72 15.80 3.78
CA ARG A 140 2.68 16.89 4.10
C ARG A 140 2.02 18.22 4.49
N LYS A 141 1.23 18.76 3.57
CA LYS A 141 0.44 19.99 3.84
C LYS A 141 -0.61 19.83 4.94
N LYS A 142 -1.00 18.60 5.24
CA LYS A 142 -2.07 18.33 6.25
C LYS A 142 -1.56 17.91 7.63
N ASN A 143 -0.25 17.88 7.78
CA ASN A 143 0.37 17.54 9.07
C ASN A 143 -0.01 16.15 9.59
N LEU A 144 -0.27 15.24 8.67
CA LEU A 144 -0.50 13.83 9.05
C LEU A 144 0.85 13.10 9.11
N GLN A 145 0.99 12.21 10.09
CA GLN A 145 2.11 11.25 10.09
C GLN A 145 1.82 10.21 9.02
N TYR A 146 2.82 9.75 8.29
CA TYR A 146 2.64 8.65 7.32
C TYR A 146 3.45 7.40 7.64
N TYR A 147 2.82 6.24 7.47
CA TYR A 147 3.57 4.96 7.45
C TYR A 147 3.08 3.99 6.38
N ASP A 148 4.04 3.44 5.66
CA ASP A 148 3.89 2.14 4.95
C ASP A 148 3.62 1.09 6.03
N ILE A 149 2.54 0.32 5.87
CA ILE A 149 2.27 -0.84 6.75
C ILE A 149 1.78 -2.08 6.00
N SER A 150 1.90 -3.22 6.65
CA SER A 150 1.21 -4.43 6.26
C SER A 150 0.59 -5.10 7.50
N ALA A 151 -0.73 -5.23 7.52
CA ALA A 151 -1.39 -6.04 8.55
C ALA A 151 -0.96 -7.51 8.44
N LYS A 152 -0.61 -7.93 7.22
CA LYS A 152 -0.26 -9.34 6.96
C LYS A 152 1.11 -9.73 7.48
N SER A 153 2.09 -8.92 7.17
CA SER A 153 3.47 -9.21 7.55
C SER A 153 3.82 -8.53 8.86
N ASN A 154 2.92 -7.69 9.35
CA ASN A 154 3.17 -6.83 10.53
C ASN A 154 4.19 -5.71 10.32
N TYR A 155 4.65 -5.52 9.09
CA TYR A 155 5.52 -4.37 8.77
C TYR A 155 4.91 -3.09 9.35
N ASN A 156 5.66 -2.46 10.24
CA ASN A 156 5.29 -1.16 10.90
C ASN A 156 3.92 -1.14 11.59
N PHE A 157 3.44 -2.28 12.02
CA PHE A 157 2.03 -2.36 12.48
C PHE A 157 1.75 -1.60 13.79
N GLU A 158 2.80 -1.41 14.57
CA GLU A 158 2.73 -0.76 15.89
C GLU A 158 2.89 0.75 15.80
N LYS A 159 3.43 1.21 14.67
CA LYS A 159 3.83 2.62 14.48
C LYS A 159 2.67 3.61 14.63
N PRO A 160 1.56 3.36 13.93
CA PRO A 160 0.46 4.30 14.09
C PRO A 160 0.05 4.51 15.54
N PHE A 161 0.01 3.44 16.32
CA PHE A 161 -0.46 3.55 17.71
C PHE A 161 0.59 4.16 18.62
N LEU A 162 1.85 3.81 18.38
CA LEU A 162 2.97 4.40 19.15
C LEU A 162 2.99 5.91 18.95
N TRP A 163 2.89 6.33 17.70
CA TRP A 163 2.95 7.77 17.36
C TRP A 163 1.80 8.53 17.97
N LEU A 164 0.62 7.96 17.85
CA LEU A 164 -0.60 8.58 18.37
C LEU A 164 -0.57 8.68 19.90
N ALA A 165 -0.02 7.64 20.52
CA ALA A 165 0.10 7.59 21.98
C ALA A 165 1.05 8.69 22.48
N ARG A 166 2.18 8.82 21.79
CA ARG A 166 3.10 9.96 22.00
C ARG A 166 2.41 11.33 21.87
N LYS A 167 1.63 11.50 20.81
CA LYS A 167 0.97 12.79 20.56
C LYS A 167 -0.11 13.09 21.62
N LEU A 168 -0.87 12.07 22.05
CA LEU A 168 -2.00 12.28 23.01
C LEU A 168 -1.57 12.43 24.46
N ILE A 169 -0.51 11.72 24.83
CA ILE A 169 0.02 11.76 26.19
C ILE A 169 1.00 12.93 26.31
N GLY A 170 1.42 13.43 25.16
CA GLY A 170 2.33 14.59 25.07
C GLY A 170 3.75 14.28 25.49
N ASP A 171 4.22 13.09 25.12
CA ASP A 171 5.57 12.67 25.51
C ASP A 171 6.26 11.94 24.37
N PRO A 172 7.16 12.64 23.66
CA PRO A 172 7.84 12.07 22.50
C PRO A 172 8.73 10.88 22.82
N ASN A 173 9.12 10.75 24.08
CA ASN A 173 9.98 9.62 24.52
C ASN A 173 9.21 8.40 25.07
N LEU A 174 7.89 8.46 24.91
CA LEU A 174 7.01 7.34 25.27
C LEU A 174 7.34 6.09 24.44
N GLU A 175 7.49 4.98 25.13
CA GLU A 175 7.75 3.66 24.52
C GLU A 175 6.75 2.64 25.03
N PHE A 176 6.48 1.65 24.20
CA PHE A 176 5.77 0.45 24.65
C PHE A 176 6.70 -0.31 25.56
N VAL A 177 6.15 -0.81 26.65
CA VAL A 177 6.95 -1.59 27.62
C VAL A 177 6.30 -2.95 27.88
N ALA A 178 7.13 -3.92 28.22
CA ALA A 178 6.66 -5.29 28.57
C ALA A 178 5.86 -5.26 29.88
N MET A 179 4.62 -5.69 29.80
CA MET A 179 3.74 -5.87 30.99
C MET A 179 4.32 -6.95 31.91
N PRO A 180 4.32 -6.75 33.25
CA PRO A 180 4.72 -7.84 34.12
C PRO A 180 3.85 -9.08 33.96
N ALA A 181 4.48 -10.22 34.14
CA ALA A 181 3.84 -11.52 33.86
C ALA A 181 3.63 -12.36 35.13
N LEU A 182 2.40 -12.34 35.63
CA LEU A 182 1.99 -13.07 36.85
C LEU A 182 2.35 -14.57 36.76
N ALA A 183 2.72 -15.16 37.90
CA ALA A 183 2.97 -16.61 37.95
C ALA A 183 1.71 -17.35 37.45
N PRO A 184 1.86 -18.29 36.49
CA PRO A 184 0.67 -18.99 36.02
C PRO A 184 0.32 -20.18 36.93
N PRO A 185 -0.98 -20.53 37.02
CA PRO A 185 -1.46 -21.53 37.97
C PRO A 185 -1.00 -22.96 37.72
N GLU A 186 -1.11 -23.75 38.78
CA GLU A 186 -0.88 -25.21 38.75
C GLU A 186 -2.20 -25.98 38.65
N VAL A 187 -2.72 -26.12 37.43
CA VAL A 187 -4.00 -26.80 37.19
C VAL A 187 -3.82 -28.25 36.69
N VAL A 188 -4.57 -29.16 37.28
CA VAL A 188 -4.65 -30.57 36.79
C VAL A 188 -5.95 -30.77 35.99
N MET A 189 -5.82 -31.36 34.80
CA MET A 189 -6.98 -31.74 33.95
C MET A 189 -7.88 -32.67 34.78
N ASP A 190 -9.18 -32.39 34.78
CA ASP A 190 -10.17 -33.16 35.59
C ASP A 190 -10.62 -34.42 34.83
N PRO A 191 -10.95 -35.52 35.57
CA PRO A 191 -11.34 -36.80 34.96
C PRO A 191 -12.38 -36.69 33.84
N ALA A 192 -13.45 -35.97 34.11
CA ALA A 192 -14.62 -35.87 33.19
C ALA A 192 -14.30 -35.46 31.74
N LEU A 193 -13.78 -34.24 31.59
CA LEU A 193 -13.53 -33.62 30.24
C LEU A 193 -12.35 -34.23 29.45
N ALA A 194 -11.54 -35.05 30.12
CA ALA A 194 -10.39 -35.75 29.50
C ALA A 194 -10.77 -36.51 28.22
N ALA A 195 -12.00 -37.03 28.20
CA ALA A 195 -12.57 -37.74 27.04
C ALA A 195 -12.77 -36.81 25.83
N GLN A 196 -13.30 -35.63 26.11
CA GLN A 196 -13.58 -34.62 25.06
C GLN A 196 -12.29 -33.96 24.56
N TYR A 197 -11.37 -33.72 25.49
CA TYR A 197 -10.05 -33.16 25.14
CA TYR A 197 -10.00 -33.23 25.20
C TYR A 197 -9.39 -33.97 24.02
N GLU A 198 -9.61 -35.28 24.01
CA GLU A 198 -9.06 -36.15 22.94
C GLU A 198 -9.71 -35.90 21.57
N HIS A 199 -11.02 -35.75 21.57
CA HIS A 199 -11.77 -35.44 20.34
C HIS A 199 -11.39 -34.07 19.81
N ASP A 200 -11.41 -33.09 20.70
CA ASP A 200 -11.10 -31.69 20.35
C ASP A 200 -9.67 -31.53 19.79
N LEU A 201 -8.75 -32.27 20.39
CA LEU A 201 -7.32 -32.27 19.98
C LEU A 201 -7.16 -32.89 18.58
N GLU A 202 -7.89 -33.97 18.38
CA GLU A 202 -7.90 -34.70 17.09
C GLU A 202 -8.23 -33.82 15.90
N VAL A 203 -9.31 -33.05 16.03
CA VAL A 203 -9.73 -32.08 15.00
C VAL A 203 -8.61 -31.07 14.71
N ALA A 204 -7.93 -30.70 15.78
CA ALA A 204 -6.86 -29.70 15.73
C ALA A 204 -5.63 -30.21 14.97
N GLN A 205 -5.21 -31.41 15.32
CA GLN A 205 -4.03 -32.04 14.68
C GLN A 205 -4.19 -32.21 13.19
N THR A 206 -5.42 -32.57 12.80
CA THR A 206 -5.76 -32.84 11.42
C THR A 206 -6.31 -31.62 10.67
N THR A 207 -6.37 -30.47 11.33
CA THR A 207 -6.61 -29.21 10.61
C THR A 207 -5.27 -28.51 10.35
N ALA A 208 -4.91 -28.38 9.08
CA ALA A 208 -3.65 -27.77 8.68
C ALA A 208 -3.49 -26.33 9.18
N LEU A 209 -2.32 -26.04 9.71
CA LEU A 209 -1.94 -24.66 10.09
C LEU A 209 -1.88 -23.84 8.80
N PRO A 210 -2.30 -22.56 8.83
CA PRO A 210 -2.23 -21.71 7.64
C PRO A 210 -0.83 -21.22 7.27
N ASP A 211 -0.67 -20.87 6.00
CA ASP A 211 0.56 -20.26 5.45
C ASP A 211 1.83 -21.00 5.84
N GLU A 212 1.84 -22.28 5.52
CA GLU A 212 2.93 -23.18 5.92
C GLU A 212 4.22 -22.80 5.18
N ASP A 213 4.07 -21.92 4.20
CA ASP A 213 5.22 -21.43 3.42
C ASP A 213 5.90 -20.17 3.96
N ASP A 214 5.39 -19.63 5.05
CA ASP A 214 5.98 -18.43 5.64
C ASP A 214 7.25 -18.80 6.44
N ASP A 215 8.00 -17.75 6.77
CA ASP A 215 9.27 -17.88 7.51
C ASP A 215 9.09 -18.25 8.97
N LEU A 216 8.33 -17.39 9.64
CA LEU A 216 7.92 -17.56 11.06
C LEU A 216 8.99 -17.35 12.13
N GLU B 19 10.03 -10.74 35.97
CA GLU B 19 10.80 -11.91 35.42
C GLU B 19 12.24 -11.96 35.94
N GLU B 20 12.55 -11.13 36.93
CA GLU B 20 13.89 -11.05 37.54
C GLU B 20 14.19 -12.23 38.49
N ASP B 21 13.12 -12.91 38.90
CA ASP B 21 13.20 -14.06 39.79
C ASP B 21 13.26 -15.38 39.03
N GLU B 22 13.53 -15.25 37.73
CA GLU B 22 13.52 -16.40 36.79
C GLU B 22 14.76 -16.56 35.94
N GLU B 23 15.11 -17.82 35.72
CA GLU B 23 16.23 -18.17 34.83
C GLU B 23 15.71 -18.54 33.44
N VAL B 24 16.39 -18.05 32.40
CA VAL B 24 16.03 -18.40 31.01
C VAL B 24 16.70 -19.69 30.54
N LEU B 25 15.94 -20.78 30.59
CA LEU B 25 16.44 -22.12 30.20
C LEU B 25 16.62 -22.24 28.69
N TYR B 26 15.64 -21.72 27.96
CA TYR B 26 15.55 -21.88 26.51
C TYR B 26 14.79 -20.69 25.94
N LYS B 27 15.31 -20.20 24.82
CA LYS B 27 14.65 -19.15 24.02
C LYS B 27 14.68 -19.55 22.56
N VAL B 28 13.55 -19.35 21.91
CA VAL B 28 13.41 -19.67 20.49
C VAL B 28 12.32 -18.79 19.88
N ARG B 29 12.62 -18.28 18.71
CA ARG B 29 11.67 -17.48 17.94
C ARG B 29 10.57 -18.42 17.45
N ALA B 30 9.32 -17.96 17.53
CA ALA B 30 8.19 -18.83 17.27
C ALA B 30 6.95 -18.06 16.84
N LYS B 31 6.01 -18.82 16.29
CA LYS B 31 4.67 -18.32 15.98
C LYS B 31 3.63 -19.26 16.59
N LEU B 32 2.74 -18.65 17.37
CA LEU B 32 1.77 -19.36 18.18
C LEU B 32 0.38 -19.17 17.59
N PHE B 33 -0.32 -20.29 17.52
CA PHE B 33 -1.71 -20.32 17.08
C PHE B 33 -2.55 -20.89 18.20
N ARG B 34 -3.82 -20.53 18.17
CA ARG B 34 -4.86 -21.13 19.02
C ARG B 34 -5.94 -21.67 18.11
N PHE B 35 -6.50 -22.82 18.47
CA PHE B 35 -7.54 -23.44 17.64
C PHE B 35 -8.90 -22.89 18.00
N ASP B 36 -9.52 -22.20 17.05
CA ASP B 36 -10.93 -21.81 17.19
C ASP B 36 -11.74 -23.03 16.81
N LYS B 37 -12.57 -23.49 17.74
CA LYS B 37 -13.33 -24.73 17.52
C LYS B 37 -14.64 -24.46 16.78
N ASP B 38 -15.34 -23.41 17.22
CA ASP B 38 -16.61 -23.00 16.58
C ASP B 38 -16.43 -22.77 15.08
N ALA B 39 -15.43 -21.98 14.75
CA ALA B 39 -14.86 -21.97 13.40
C ALA B 39 -13.98 -23.21 13.33
N LYS B 40 -13.70 -23.74 12.16
CA LYS B 40 -12.79 -24.89 12.13
C LYS B 40 -11.42 -24.45 11.68
N GLU B 41 -10.83 -23.52 12.41
CA GLU B 41 -9.55 -22.95 11.97
C GLU B 41 -8.61 -22.56 13.07
N TRP B 42 -7.35 -22.68 12.73
CA TRP B 42 -6.28 -22.06 13.47
C TRP B 42 -6.23 -20.58 13.24
N LYS B 43 -5.99 -19.85 14.32
CA LYS B 43 -5.79 -18.40 14.32
C LYS B 43 -4.52 -18.07 15.06
N GLU B 44 -3.72 -17.21 14.45
CA GLU B 44 -2.49 -16.69 15.07
C GLU B 44 -2.78 -15.96 16.35
N ARG B 45 -1.95 -16.22 17.34
CA ARG B 45 -2.04 -15.50 18.62
C ARG B 45 -0.86 -14.56 18.79
N GLY B 46 0.31 -14.98 18.33
CA GLY B 46 1.47 -14.10 18.34
C GLY B 46 2.73 -14.64 17.71
N THR B 47 3.58 -13.71 17.29
CA THR B 47 4.92 -14.00 16.81
C THR B 47 5.92 -13.30 17.72
N GLY B 48 6.92 -14.05 18.16
CA GLY B 48 7.92 -13.49 19.05
C GLY B 48 8.80 -14.53 19.69
N ASP B 49 9.47 -14.12 20.75
CA ASP B 49 10.35 -15.05 21.46
C ASP B 49 9.56 -15.88 22.44
N CYS B 50 9.59 -17.18 22.22
CA CYS B 50 9.04 -18.12 23.19
C CYS B 50 10.15 -18.46 24.19
N LYS B 51 9.93 -18.14 25.45
CA LYS B 51 10.93 -18.40 26.51
C LYS B 51 10.46 -19.44 27.50
N PHE B 52 11.40 -20.27 27.95
CA PHE B 52 11.15 -21.20 29.06
C PHE B 52 11.78 -20.59 30.30
N LEU B 53 10.96 -20.36 31.31
CA LEU B 53 11.42 -19.65 32.52
C LEU B 53 11.28 -20.45 33.82
N LYS B 54 12.43 -20.72 34.45
CA LYS B 54 12.50 -21.40 35.76
C LYS B 54 12.55 -20.42 36.94
N ASN B 55 11.50 -20.48 37.75
CA ASN B 55 11.40 -19.66 38.99
C ASN B 55 12.45 -20.10 40.01
N LYS B 56 13.30 -19.15 40.38
CA LYS B 56 14.39 -19.43 41.33
C LYS B 56 13.91 -19.83 42.74
N LYS B 57 12.67 -19.48 43.07
CA LYS B 57 12.09 -19.79 44.40
C LYS B 57 11.35 -21.13 44.48
N THR B 58 10.64 -21.45 43.41
CA THR B 58 9.76 -22.62 43.38
C THR B 58 10.29 -23.73 42.48
N ASN B 59 11.29 -23.37 41.67
CA ASN B 59 11.91 -24.29 40.69
C ASN B 59 10.96 -24.70 39.55
N LYS B 60 9.83 -24.03 39.49
CA LYS B 60 8.79 -24.30 38.48
C LYS B 60 9.15 -23.64 37.16
N VAL B 61 8.84 -24.35 36.07
CA VAL B 61 9.19 -23.93 34.69
C VAL B 61 7.93 -23.62 33.86
N ARG B 62 7.86 -22.38 33.40
CA ARG B 62 6.73 -21.91 32.59
C ARG B 62 7.15 -21.54 31.17
N ILE B 63 6.17 -21.52 30.28
CA ILE B 63 6.35 -20.91 28.95
C ILE B 63 5.86 -19.46 29.02
N LEU B 64 6.71 -18.55 28.59
CA LEU B 64 6.31 -17.14 28.46
C LEU B 64 6.73 -16.60 27.11
N MET B 65 5.75 -16.03 26.43
CA MET B 65 5.94 -15.59 25.05
C MET B 65 5.25 -14.25 24.86
N ARG B 66 5.96 -13.34 24.23
CA ARG B 66 5.49 -11.97 24.00
C ARG B 66 5.54 -11.64 22.52
N ARG B 67 4.55 -10.87 22.10
CA ARG B 67 4.51 -10.37 20.72
C ARG B 67 5.62 -9.36 20.45
N ASP B 68 6.24 -9.48 19.29
CA ASP B 68 7.24 -8.49 18.85
C ASP B 68 6.64 -7.10 18.80
N LYS B 69 7.47 -6.12 19.12
CA LYS B 69 7.12 -4.69 19.03
C LYS B 69 6.18 -4.21 20.13
N THR B 70 5.03 -4.86 20.32
CA THR B 70 4.09 -4.42 21.38
C THR B 70 4.44 -5.05 22.74
N LEU B 71 5.20 -6.13 22.66
CA LEU B 71 5.70 -6.88 23.85
C LEU B 71 4.58 -7.50 24.72
N LYS B 72 3.39 -7.60 24.13
CA LYS B 72 2.20 -8.18 24.79
C LYS B 72 2.33 -9.70 24.96
N ILE B 73 1.99 -10.14 26.16
CA ILE B 73 2.01 -11.57 26.53
C ILE B 73 0.97 -12.36 25.71
N CYS B 74 1.45 -13.30 24.90
CA CYS B 74 0.55 -14.15 24.06
C CYS B 74 0.53 -15.61 24.54
N ALA B 75 1.46 -15.94 25.42
CA ALA B 75 1.43 -17.21 26.16
C ALA B 75 2.06 -17.09 27.55
N ASN B 76 1.37 -17.64 28.54
CA ASN B 76 1.84 -17.67 29.94
C ASN B 76 1.20 -18.86 30.72
N HIS B 77 1.93 -19.96 30.76
CA HIS B 77 1.47 -21.21 31.43
C HIS B 77 2.59 -22.12 31.84
N ILE B 78 2.34 -22.87 32.90
CA ILE B 78 3.29 -23.89 33.34
C ILE B 78 3.33 -24.98 32.27
N ILE B 79 4.53 -25.48 32.03
CA ILE B 79 4.74 -26.66 31.18
C ILE B 79 4.37 -27.91 31.97
N ALA B 80 3.08 -28.16 32.11
CA ALA B 80 2.57 -29.25 32.97
C ALA B 80 3.13 -30.60 32.50
N PRO B 81 3.54 -31.46 33.46
CA PRO B 81 3.99 -32.81 33.10
C PRO B 81 2.98 -33.61 32.26
N GLU B 82 1.71 -33.25 32.38
CA GLU B 82 0.62 -33.97 31.69
C GLU B 82 0.50 -33.69 30.20
N TYR B 83 1.15 -32.63 29.74
CA TYR B 83 1.00 -32.17 28.35
C TYR B 83 1.77 -33.08 27.40
N THR B 84 1.26 -33.23 26.17
CA THR B 84 1.99 -33.97 25.11
C THR B 84 2.01 -33.19 23.81
N LEU B 85 3.22 -33.00 23.30
CA LEU B 85 3.42 -32.33 22.01
C LEU B 85 3.07 -33.29 20.87
N LYS B 86 2.05 -32.95 20.10
CA LYS B 86 1.62 -33.79 18.98
C LYS B 86 1.93 -33.10 17.65
N PRO B 87 2.18 -33.87 16.56
CA PRO B 87 2.39 -33.23 15.26
C PRO B 87 1.11 -32.70 14.66
N ASN B 88 1.24 -31.68 13.82
CA ASN B 88 0.13 -31.17 13.00
C ASN B 88 0.23 -31.76 11.61
N VAL B 89 -0.90 -32.02 10.98
CA VAL B 89 -0.91 -32.73 9.68
C VAL B 89 -0.22 -31.94 8.56
N GLY B 90 -0.11 -30.63 8.73
CA GLY B 90 0.41 -29.75 7.69
C GLY B 90 1.89 -29.43 7.75
N SER B 91 2.54 -29.82 8.83
CA SER B 91 3.85 -29.26 9.16
C SER B 91 4.85 -30.25 9.75
N ASP B 92 6.10 -30.14 9.31
CA ASP B 92 7.25 -30.87 9.92
C ASP B 92 8.04 -30.02 10.92
N ARG B 93 7.52 -28.84 11.25
CA ARG B 93 8.21 -27.88 12.13
C ARG B 93 7.22 -27.22 13.11
N SER B 94 6.29 -28.02 13.61
CA SER B 94 5.26 -27.53 14.56
C SER B 94 4.83 -28.59 15.56
N TRP B 95 4.32 -28.12 16.69
CA TRP B 95 3.73 -29.00 17.70
C TRP B 95 2.39 -28.48 18.07
N VAL B 96 1.48 -29.39 18.34
CA VAL B 96 0.19 -29.02 18.91
C VAL B 96 0.01 -29.70 20.27
N TYR B 97 -0.56 -28.96 21.20
CA TYR B 97 -0.89 -29.50 22.53
C TYR B 97 -2.04 -28.73 23.19
N ALA B 98 -2.76 -29.43 24.05
CA ALA B 98 -3.84 -28.86 24.86
C ALA B 98 -3.28 -28.28 26.15
N CYS B 99 -3.64 -27.03 26.41
CA CYS B 99 -3.22 -26.29 27.62
C CYS B 99 -4.45 -25.94 28.43
N THR B 100 -4.43 -26.30 29.70
CA THR B 100 -5.64 -26.19 30.53
C THR B 100 -5.75 -24.87 31.29
N ALA B 101 -4.61 -24.19 31.45
CA ALA B 101 -4.56 -22.93 32.24
C ALA B 101 -3.50 -21.91 31.79
N ASP B 102 -3.81 -21.23 30.70
CA ASP B 102 -3.03 -20.07 30.20
C ASP B 102 -3.64 -18.76 30.67
N ILE B 103 -2.80 -17.86 31.17
CA ILE B 103 -3.28 -16.60 31.78
C ILE B 103 -2.86 -15.33 31.00
N ALA B 104 -2.45 -15.51 29.74
CA ALA B 104 -1.98 -14.39 28.88
C ALA B 104 -3.01 -13.27 28.71
N GLU B 105 -4.25 -13.64 28.43
CA GLU B 105 -5.36 -12.69 28.23
C GLU B 105 -5.82 -12.09 29.56
N GLY B 106 -5.82 -12.93 30.58
CA GLY B 106 -6.20 -12.53 31.94
C GLY B 106 -6.63 -13.74 32.76
N GLU B 107 -7.93 -13.96 32.81
N GLU B 107 -7.93 -13.97 32.80
CA GLU B 107 -8.52 -15.08 33.56
CA GLU B 107 -8.48 -15.07 33.60
C GLU B 107 -8.03 -16.43 33.01
C GLU B 107 -8.06 -16.43 33.02
N ALA B 108 -7.70 -17.33 33.92
CA ALA B 108 -7.18 -18.67 33.57
C ALA B 108 -8.14 -19.37 32.63
N GLU B 109 -7.58 -19.92 31.56
CA GLU B 109 -8.38 -20.34 30.41
C GLU B 109 -7.68 -21.44 29.63
N ALA B 110 -8.51 -22.33 29.09
CA ALA B 110 -8.05 -23.51 28.37
C ALA B 110 -7.98 -23.23 26.87
N PHE B 111 -6.93 -23.74 26.26
CA PHE B 111 -6.74 -23.60 24.82
C PHE B 111 -6.17 -24.88 24.25
N THR B 112 -6.41 -25.08 22.97
CA THR B 112 -5.60 -25.95 22.13
C THR B 112 -4.60 -25.10 21.34
N PHE B 113 -3.34 -25.28 21.65
CA PHE B 113 -2.28 -24.46 21.07
C PHE B 113 -1.53 -25.18 19.95
N ALA B 114 -1.09 -24.38 18.98
CA ALA B 114 -0.10 -24.81 17.99
C ALA B 114 1.04 -23.80 17.96
N ILE B 115 2.26 -24.32 17.91
CA ILE B 115 3.43 -23.46 17.89
C ILE B 115 4.33 -23.94 16.77
N ARG B 116 4.63 -23.03 15.83
CA ARG B 116 5.48 -23.33 14.66
C ARG B 116 6.78 -22.55 14.70
N PHE B 117 7.82 -23.16 14.16
CA PHE B 117 9.18 -22.63 14.22
C PHE B 117 9.75 -22.34 12.85
N GLY B 118 10.91 -21.70 12.84
CA GLY B 118 11.65 -21.38 11.61
C GLY B 118 12.15 -22.62 10.88
N SER B 119 12.42 -23.66 11.66
CA SER B 119 12.92 -24.92 11.09
C SER B 119 12.48 -26.15 11.87
N LYS B 120 12.67 -27.29 11.23
CA LYS B 120 12.47 -28.60 11.87
C LYS B 120 13.45 -28.80 13.05
N GLU B 121 14.69 -28.38 12.84
CA GLU B 121 15.74 -28.40 13.90
C GLU B 121 15.21 -27.72 15.15
N ASN B 122 14.63 -26.54 14.94
CA ASN B 122 14.07 -25.74 16.03
C ASN B 122 12.88 -26.41 16.70
N ALA B 123 12.05 -27.04 15.87
CA ALA B 123 10.88 -27.78 16.37
C ALA B 123 11.30 -28.96 17.25
N ASP B 124 12.28 -29.70 16.76
CA ASP B 124 12.86 -30.86 17.48
C ASP B 124 13.56 -30.42 18.77
N LYS B 125 14.29 -29.31 18.69
CA LYS B 125 15.00 -28.77 19.86
C LYS B 125 14.01 -28.34 20.95
N PHE B 126 12.95 -27.66 20.53
CA PHE B 126 11.87 -27.20 21.44
C PHE B 126 11.24 -28.36 22.21
N LYS B 127 10.87 -29.39 21.47
CA LYS B 127 10.25 -30.61 22.03
C LYS B 127 11.10 -31.21 23.14
N GLU B 128 12.36 -31.36 22.82
CA GLU B 128 13.38 -31.85 23.74
C GLU B 128 13.41 -31.03 25.03
N GLU B 129 13.48 -29.72 24.87
CA GLU B 129 13.60 -28.81 26.01
C GLU B 129 12.31 -28.84 26.83
N PHE B 130 11.20 -28.83 26.11
CA PHE B 130 9.84 -28.93 26.69
C PHE B 130 9.73 -30.12 27.63
N GLU B 131 10.20 -31.27 27.15
CA GLU B 131 10.14 -32.52 27.94
C GLU B 131 11.12 -32.52 29.11
N LYS B 132 12.26 -31.88 28.94
CA LYS B 132 13.22 -31.68 30.04
C LYS B 132 12.57 -30.85 31.15
N ALA B 133 11.95 -29.76 30.73
CA ALA B 133 11.18 -28.87 31.62
C ALA B 133 10.08 -29.60 32.39
N GLN B 134 9.40 -30.49 31.69
CA GLN B 134 8.32 -31.29 32.30
C GLN B 134 8.86 -32.12 33.48
N GLU B 135 10.08 -32.64 33.31
CA GLU B 135 10.76 -33.42 34.37
C GLU B 135 11.15 -32.55 35.56
N ILE B 136 11.67 -31.37 35.26
CA ILE B 136 12.01 -30.39 36.32
C ILE B 136 10.74 -30.13 37.13
N ASN B 137 9.68 -29.86 36.38
CA ASN B 137 8.34 -29.61 36.97
C ASN B 137 7.75 -30.74 37.81
N LYS B 138 8.13 -31.97 37.50
CA LYS B 138 7.71 -33.14 38.32
C LYS B 138 8.33 -33.15 39.72
N LYS B 139 9.64 -32.98 39.79
CA LYS B 139 10.43 -33.04 41.05
C LYS B 139 9.68 -32.51 42.28
N GLY C 1 -34.97 -3.92 22.44
CA GLY C 1 -36.26 -4.03 23.15
C GLY C 1 -37.02 -2.73 23.12
N ALA C 2 -36.96 -1.99 24.24
CA ALA C 2 -37.55 -0.64 24.37
C ALA C 2 -36.94 0.33 23.36
N MET C 3 -35.64 0.19 23.20
CA MET C 3 -34.84 0.98 22.24
C MET C 3 -35.41 0.98 20.81
N GLU C 4 -35.76 -0.19 20.32
CA GLU C 4 -36.24 -0.32 18.91
C GLU C 4 -37.49 0.52 18.57
N GLY C 5 -38.20 0.94 19.62
CA GLY C 5 -39.49 1.66 19.48
C GLY C 5 -39.47 2.84 18.52
N ILE C 6 -38.39 3.60 18.56
CA ILE C 6 -38.24 4.80 17.69
C ILE C 6 -38.34 4.51 16.17
N LEU C 7 -38.14 3.25 15.79
CA LEU C 7 -38.24 2.80 14.37
C LEU C 7 -39.69 2.74 13.87
N ASP C 8 -40.62 2.58 14.80
CA ASP C 8 -42.07 2.66 14.52
C ASP C 8 -42.55 4.11 14.33
N PHE C 9 -42.84 4.48 13.09
CA PHE C 9 -43.19 5.88 12.71
C PHE C 9 -44.68 6.23 12.82
N SER C 10 -45.51 5.21 12.77
CA SER C 10 -46.97 5.33 12.95
C SER C 10 -47.29 5.92 14.33
N ASN C 11 -46.42 5.60 15.28
CA ASN C 11 -46.36 6.29 16.57
C ASN C 11 -45.53 7.58 16.43
N ASP C 12 -45.94 8.60 17.17
CA ASP C 12 -45.21 9.89 17.24
C ASP C 12 -43.80 9.66 17.83
N LEU C 13 -42.82 10.40 17.31
CA LEU C 13 -41.42 10.20 17.77
C LEU C 13 -41.19 10.72 19.19
N ASP C 14 -40.92 9.77 20.07
CA ASP C 14 -40.41 10.05 21.42
C ASP C 14 -38.95 10.55 21.35
N ILE C 15 -38.82 11.86 21.42
CA ILE C 15 -37.53 12.55 21.36
C ILE C 15 -36.58 12.17 22.51
N ALA C 16 -37.13 12.17 23.72
CA ALA C 16 -36.41 11.66 24.91
C ALA C 16 -35.77 10.30 24.64
N LEU C 17 -36.53 9.42 24.01
CA LEU C 17 -36.09 8.03 23.77
C LEU C 17 -34.97 8.04 22.75
N LEU C 18 -35.12 8.91 21.76
CA LEU C 18 -34.07 9.13 20.76
C LEU C 18 -32.76 9.49 21.46
N ASP C 19 -32.84 10.46 22.37
CA ASP C 19 -31.62 10.94 23.06
C ASP C 19 -30.95 9.82 23.86
N GLN C 20 -31.77 8.93 24.42
CA GLN C 20 -31.25 7.81 25.23
C GLN C 20 -30.46 6.88 24.31
N VAL C 21 -31.06 6.59 23.17
CA VAL C 21 -30.48 5.69 22.18
C VAL C 21 -29.18 6.27 21.65
N VAL C 22 -29.20 7.58 21.38
CA VAL C 22 -28.02 8.31 20.89
C VAL C 22 -26.87 8.28 21.91
N SER C 23 -27.18 8.63 23.15
CA SER C 23 -26.19 8.57 24.23
C SER C 23 -25.66 7.18 24.48
N THR C 24 -26.55 6.19 24.40
CA THR C 24 -26.14 4.77 24.48
C THR C 24 -25.08 4.44 23.42
N PHE C 25 -25.33 4.90 22.20
CA PHE C 25 -24.38 4.70 21.12
C PHE C 25 -23.05 5.47 21.35
N TYR C 26 -23.14 6.74 21.74
CA TYR C 26 -21.91 7.58 21.87
C TYR C 26 -21.08 7.33 23.12
N GLN C 27 -21.76 7.22 24.27
CA GLN C 27 -21.10 7.01 25.60
C GLN C 27 -21.21 5.61 26.18
N GLY C 28 -21.86 4.71 25.46
CA GLY C 28 -22.11 3.36 25.96
C GLY C 28 -21.00 2.40 25.60
N SER C 29 -21.29 1.11 25.72
CA SER C 29 -20.29 0.08 25.44
C SER C 29 -20.89 -1.29 25.17
N GLY C 30 -20.06 -2.16 24.61
CA GLY C 30 -20.39 -3.58 24.43
C GLY C 30 -21.67 -3.84 23.65
N VAL C 31 -22.55 -4.64 24.23
CA VAL C 31 -23.79 -5.09 23.52
C VAL C 31 -24.79 -3.96 23.33
N GLN C 32 -25.01 -3.21 24.39
CA GLN C 32 -25.95 -2.07 24.41
C GLN C 32 -25.65 -1.03 23.33
N GLN C 33 -24.41 -0.56 23.31
CA GLN C 33 -23.95 0.39 22.29
C GLN C 33 -24.18 -0.16 20.88
N LYS C 34 -23.80 -1.43 20.70
CA LYS C 34 -23.96 -2.13 19.42
C LYS C 34 -25.41 -2.15 18.93
N GLN C 35 -26.33 -2.46 19.83
CA GLN C 35 -27.77 -2.50 19.49
C GLN C 35 -28.30 -1.11 19.14
N ALA C 36 -27.90 -0.13 19.94
CA ALA C 36 -28.21 1.27 19.66
C ALA C 36 -27.69 1.68 18.27
N GLN C 37 -26.45 1.33 17.99
CA GLN C 37 -25.84 1.66 16.68
C GLN C 37 -26.74 1.21 15.51
N GLU C 38 -27.14 -0.06 15.55
CA GLU C 38 -27.96 -0.68 14.47
C GLU C 38 -29.28 0.04 14.34
N ILE C 39 -29.86 0.30 15.49
CA ILE C 39 -31.12 1.04 15.59
C ILE C 39 -30.98 2.39 14.92
N LEU C 40 -29.97 3.14 15.31
CA LEU C 40 -29.79 4.51 14.84
C LEU C 40 -29.57 4.50 13.33
N THR C 41 -28.84 3.51 12.86
CA THR C 41 -28.55 3.41 11.41
C THR C 41 -29.86 3.18 10.66
N LYS C 42 -30.71 2.32 11.21
CA LYS C 42 -32.02 2.04 10.56
C LYS C 42 -32.93 3.27 10.56
N PHE C 43 -32.97 3.96 11.70
CA PHE C 43 -33.71 5.21 11.81
C PHE C 43 -33.26 6.18 10.72
N GLN C 44 -31.95 6.39 10.66
CA GLN C 44 -31.38 7.34 9.69
C GLN C 44 -31.76 6.98 8.25
N ASP C 45 -31.67 5.69 7.95
CA ASP C 45 -31.92 5.18 6.59
C ASP C 45 -33.39 5.22 6.18
N ASN C 46 -34.28 5.36 7.14
CA ASN C 46 -35.71 5.42 6.84
C ASN C 46 -36.06 6.67 6.00
N PRO C 47 -36.62 6.46 4.78
CA PRO C 47 -36.81 7.57 3.83
C PRO C 47 -37.81 8.65 4.24
N ASP C 48 -38.59 8.37 5.27
CA ASP C 48 -39.51 9.36 5.84
C ASP C 48 -38.83 10.11 6.97
N ALA C 49 -37.69 9.58 7.41
CA ALA C 49 -37.02 10.02 8.65
C ALA C 49 -36.73 11.53 8.72
N TRP C 50 -36.59 12.14 7.54
CA TRP C 50 -36.30 13.58 7.44
C TRP C 50 -37.44 14.42 7.92
N GLN C 51 -38.64 13.87 7.83
CA GLN C 51 -39.86 14.56 8.25
C GLN C 51 -39.86 14.84 9.75
N LYS C 52 -39.12 13.99 10.46
CA LYS C 52 -38.92 14.14 11.91
C LYS C 52 -37.78 15.14 12.23
N ALA C 53 -37.13 15.66 11.19
CA ALA C 53 -35.90 16.45 11.35
C ALA C 53 -36.08 17.76 12.11
N ASP C 54 -37.18 18.44 11.85
CA ASP C 54 -37.43 19.75 12.52
C ASP C 54 -37.75 19.50 14.00
N GLN C 55 -38.61 18.50 14.23
CA GLN C 55 -38.99 18.06 15.59
C GLN C 55 -37.76 17.78 16.46
N ILE C 56 -36.80 17.07 15.88
CA ILE C 56 -35.53 16.74 16.58
C ILE C 56 -34.70 18.00 16.85
N LEU C 57 -34.52 18.82 15.81
CA LEU C 57 -33.73 20.06 15.96
C LEU C 57 -34.33 20.94 17.06
N GLN C 58 -35.65 21.01 17.09
CA GLN C 58 -36.38 21.89 18.05
C GLN C 58 -36.32 21.42 19.51
N PHE C 59 -36.56 20.13 19.69
CA PHE C 59 -36.86 19.54 21.01
C PHE C 59 -35.75 18.70 21.66
N SER C 60 -34.80 18.23 20.86
CA SER C 60 -33.70 17.40 21.42
C SER C 60 -32.85 18.21 22.40
N THR C 61 -32.42 17.52 23.45
CA THR C 61 -31.48 18.13 24.42
C THR C 61 -30.09 17.54 24.24
N ASN C 62 -29.83 17.01 23.04
CA ASN C 62 -28.62 16.25 22.75
C ASN C 62 -28.11 16.67 21.37
N PRO C 63 -26.90 17.24 21.31
CA PRO C 63 -26.32 17.74 20.05
C PRO C 63 -26.07 16.67 18.97
N GLN C 64 -25.64 15.49 19.39
CA GLN C 64 -25.44 14.33 18.47
C GLN C 64 -26.74 13.92 17.79
N SER C 65 -27.83 14.04 18.52
CA SER C 65 -29.18 13.81 17.97
C SER C 65 -29.48 14.74 16.79
N LYS C 66 -29.19 16.02 17.00
CA LYS C 66 -29.40 17.04 15.97
C LYS C 66 -28.39 16.87 14.82
N PHE C 67 -27.17 16.53 15.19
CA PHE C 67 -26.14 16.20 14.20
C PHE C 67 -26.72 15.14 13.27
N ILE C 68 -27.21 14.07 13.89
CA ILE C 68 -27.80 12.93 13.15
C ILE C 68 -29.01 13.36 12.33
N ALA C 69 -29.82 14.23 12.93
CA ALA C 69 -30.93 14.90 12.21
C ALA C 69 -30.43 15.60 10.94
N LEU C 70 -29.31 16.30 11.09
CA LEU C 70 -28.71 17.00 9.95
C LEU C 70 -28.16 16.05 8.88
N SER C 71 -27.47 14.99 9.30
CA SER C 71 -27.04 13.92 8.36
C SER C 71 -28.25 13.37 7.58
N ILE C 72 -29.40 13.31 8.21
CA ILE C 72 -30.63 12.78 7.56
C ILE C 72 -31.08 13.73 6.44
N LEU C 73 -31.07 15.02 6.75
CA LEU C 73 -31.40 16.07 5.77
C LEU C 73 -30.39 16.10 4.62
N ASP C 74 -29.13 16.14 5.02
CA ASP C 74 -28.03 16.12 4.05
C ASP C 74 -28.26 15.03 2.99
N LYS C 75 -28.56 13.83 3.46
CA LYS C 75 -28.89 12.68 2.57
C LYS C 75 -30.05 13.02 1.63
N LEU C 76 -31.08 13.61 2.21
CA LEU C 76 -32.28 14.04 1.47
C LEU C 76 -31.99 15.15 0.46
N ILE C 77 -31.18 16.12 0.85
CA ILE C 77 -30.88 17.28 -0.01
C ILE C 77 -30.01 16.88 -1.21
N THR C 78 -29.07 16.00 -0.94
CA THR C 78 -28.04 15.68 -1.93
C THR C 78 -28.56 14.68 -2.96
N ARG C 79 -29.60 13.94 -2.58
CA ARG C 79 -30.09 12.81 -3.40
C ARG C 79 -31.53 12.93 -3.89
N LYS C 80 -32.41 13.48 -3.05
CA LYS C 80 -33.88 13.53 -3.35
C LYS C 80 -34.51 14.93 -3.41
N TRP C 81 -33.70 15.96 -3.27
CA TRP C 81 -34.18 17.36 -3.19
C TRP C 81 -35.25 17.75 -4.19
N LYS C 82 -35.01 17.46 -5.46
CA LYS C 82 -35.93 17.92 -6.54
C LYS C 82 -37.22 17.10 -6.69
N LEU C 83 -37.29 15.99 -5.97
CA LEU C 83 -38.50 15.15 -5.85
C LEU C 83 -39.47 15.75 -4.81
N LEU C 84 -38.93 16.48 -3.86
CA LEU C 84 -39.74 17.14 -2.79
C LEU C 84 -40.69 18.17 -3.36
N PRO C 85 -41.92 18.26 -2.82
CA PRO C 85 -42.79 19.39 -3.15
C PRO C 85 -42.08 20.70 -2.84
N ASN C 86 -42.40 21.75 -3.59
CA ASN C 86 -41.72 23.04 -3.41
C ASN C 86 -41.78 23.60 -1.98
N ASP C 87 -42.89 23.36 -1.31
CA ASP C 87 -43.08 23.88 0.06
C ASP C 87 -42.20 23.20 1.10
N HIS C 88 -41.97 21.92 0.93
CA HIS C 88 -41.02 21.22 1.81
C HIS C 88 -39.61 21.73 1.61
N ARG C 89 -39.32 22.20 0.39
CA ARG C 89 -38.00 22.81 0.09
C ARG C 89 -37.81 24.17 0.78
N ILE C 90 -38.83 25.00 0.66
CA ILE C 90 -38.86 26.30 1.34
C ILE C 90 -38.67 26.10 2.85
N GLY C 91 -39.50 25.20 3.39
CA GLY C 91 -39.52 24.89 4.84
C GLY C 91 -38.22 24.34 5.36
N ILE C 92 -37.58 23.51 4.55
CA ILE C 92 -36.28 22.93 4.95
C ILE C 92 -35.23 24.05 4.96
N ARG C 93 -35.18 24.83 3.89
CA ARG C 93 -34.28 26.00 3.85
C ARG C 93 -34.48 26.86 5.09
N ASN C 94 -35.73 27.20 5.35
CA ASN C 94 -36.06 28.13 6.44
C ASN C 94 -35.60 27.62 7.79
N PHE C 95 -35.91 26.37 8.13
CA PHE C 95 -35.53 25.93 9.47
C PHE C 95 -34.02 25.68 9.61
N VAL C 96 -33.32 25.47 8.50
CA VAL C 96 -31.84 25.38 8.52
C VAL C 96 -31.19 26.74 8.77
N VAL C 97 -31.59 27.72 7.96
CA VAL C 97 -31.12 29.11 8.16
C VAL C 97 -31.40 29.57 9.59
N GLY C 98 -32.65 29.39 10.01
CA GLY C 98 -33.13 29.89 11.32
C GLY C 98 -32.36 29.31 12.49
N MET C 99 -32.11 28.02 12.40
CA MET C 99 -31.33 27.26 13.41
C MET C 99 -29.90 27.81 13.51
N ILE C 100 -29.38 28.23 12.38
CA ILE C 100 -28.00 28.76 12.29
C ILE C 100 -27.95 30.14 12.93
N ILE C 101 -28.87 30.99 12.51
CA ILE C 101 -29.02 32.35 13.08
C ILE C 101 -29.17 32.23 14.59
N SER C 102 -30.05 31.31 14.98
CA SER C 102 -30.40 31.08 16.40
C SER C 102 -29.21 30.60 17.22
N MET C 103 -28.43 29.71 16.64
N MET C 103 -28.44 29.69 16.62
CA MET C 103 -27.24 29.17 17.33
CA MET C 103 -27.23 29.16 17.27
C MET C 103 -26.08 30.17 17.36
C MET C 103 -26.14 30.23 17.40
N CYS C 104 -26.04 31.06 16.38
CA CYS C 104 -25.04 32.17 16.37
C CYS C 104 -25.32 33.33 17.32
N GLN C 105 -26.58 33.53 17.67
CA GLN C 105 -26.94 34.67 18.55
C GLN C 105 -26.68 34.43 20.06
N ASP C 106 -26.95 33.21 20.49
CA ASP C 106 -26.62 32.74 21.85
C ASP C 106 -25.13 32.33 21.98
N ASP C 107 -24.34 33.20 22.62
CA ASP C 107 -22.86 33.04 22.71
C ASP C 107 -22.39 31.73 23.36
N GLU C 108 -23.19 31.21 24.27
CA GLU C 108 -22.86 29.93 24.93
C GLU C 108 -22.94 28.78 23.94
N VAL C 109 -24.08 28.69 23.27
CA VAL C 109 -24.33 27.72 22.19
C VAL C 109 -23.29 27.90 21.08
N PHE C 110 -23.08 29.13 20.65
CA PHE C 110 -22.01 29.44 19.69
C PHE C 110 -20.62 28.96 20.11
N LYS C 111 -20.33 29.06 21.39
CA LYS C 111 -18.98 28.77 21.88
C LYS C 111 -18.77 27.28 22.04
N THR C 112 -19.77 26.62 22.57
CA THR C 112 -19.64 25.22 23.00
C THR C 112 -20.29 24.18 22.08
N GLN C 113 -20.89 24.65 20.99
CA GLN C 113 -21.57 23.75 20.01
C GLN C 113 -21.00 23.79 18.59
N LYS C 114 -19.71 24.06 18.47
CA LYS C 114 -19.04 24.22 17.14
C LYS C 114 -19.29 23.07 16.16
N ASN C 115 -19.33 21.86 16.67
CA ASN C 115 -19.55 20.65 15.84
C ASN C 115 -20.90 20.71 15.17
N LEU C 116 -21.91 21.01 15.98
CA LEU C 116 -23.28 21.10 15.48
C LEU C 116 -23.42 22.31 14.55
N ILE C 117 -22.74 23.40 14.85
CA ILE C 117 -22.84 24.57 13.98
C ILE C 117 -22.14 24.32 12.63
N ASN C 118 -20.99 23.65 12.67
CA ASN C 118 -20.25 23.31 11.43
C ASN C 118 -21.07 22.37 10.54
N LYS C 119 -21.69 21.38 11.17
CA LYS C 119 -22.62 20.47 10.47
C LYS C 119 -23.75 21.25 9.80
N SER C 120 -24.32 22.19 10.55
CA SER C 120 -25.44 23.03 10.06
C SER C 120 -25.04 23.84 8.84
N ASP C 121 -23.85 24.42 8.91
CA ASP C 121 -23.28 25.20 7.79
C ASP C 121 -23.12 24.33 6.55
N LEU C 122 -22.51 23.16 6.73
CA LEU C 122 -22.30 22.23 5.63
C LEU C 122 -23.65 21.87 5.04
N THR C 123 -24.64 21.61 5.90
CA THR C 123 -25.98 21.26 5.42
C THR C 123 -26.55 22.40 4.58
N LEU C 124 -26.41 23.61 5.10
CA LEU C 124 -26.81 24.82 4.35
C LEU C 124 -26.14 24.88 2.99
N VAL C 125 -24.84 24.66 2.97
CA VAL C 125 -24.07 24.70 1.72
C VAL C 125 -24.63 23.68 0.73
N GLN C 126 -25.06 22.51 1.22
CA GLN C 126 -25.69 21.49 0.35
CA GLN C 126 -25.68 21.49 0.34
C GLN C 126 -26.94 22.08 -0.34
N ILE C 127 -27.69 22.87 0.41
CA ILE C 127 -28.91 23.55 -0.13
C ILE C 127 -28.50 24.58 -1.20
N LEU C 128 -27.41 25.28 -0.94
CA LEU C 128 -26.89 26.27 -1.91
C LEU C 128 -26.52 25.59 -3.23
N LYS C 129 -25.90 24.41 -3.16
CA LYS C 129 -25.52 23.66 -4.37
C LYS C 129 -26.74 23.38 -5.26
N GLN C 130 -27.83 23.01 -4.61
CA GLN C 130 -29.12 22.84 -5.30
C GLN C 130 -29.79 24.14 -5.78
N GLU C 131 -29.79 25.16 -4.93
CA GLU C 131 -30.66 26.32 -5.15
C GLU C 131 -30.02 27.63 -5.55
N TRP C 132 -28.71 27.69 -5.54
CA TRP C 132 -28.02 28.98 -5.68
C TRP C 132 -27.18 29.04 -6.92
N PRO C 133 -27.19 30.20 -7.59
CA PRO C 133 -27.91 31.39 -7.19
C PRO C 133 -29.24 31.59 -7.89
N GLN C 134 -29.61 30.66 -8.75
CA GLN C 134 -30.79 30.85 -9.62
C GLN C 134 -32.07 31.03 -8.83
N ASN C 135 -32.22 30.26 -7.77
CA ASN C 135 -33.39 30.35 -6.89
C ASN C 135 -33.08 31.00 -5.55
N TRP C 136 -31.91 31.60 -5.45
CA TRP C 136 -31.52 32.31 -4.22
C TRP C 136 -30.54 33.42 -4.49
N PRO C 137 -30.92 34.35 -5.35
CA PRO C 137 -29.99 35.33 -5.89
C PRO C 137 -29.34 36.23 -4.86
N GLU C 138 -30.05 36.51 -3.79
CA GLU C 138 -29.61 37.49 -2.79
C GLU C 138 -28.73 36.96 -1.68
N PHE C 139 -28.41 35.67 -1.73
CA PHE C 139 -27.75 35.02 -0.60
C PHE C 139 -26.41 35.65 -0.24
N ILE C 140 -25.60 35.95 -1.25
CA ILE C 140 -24.29 36.59 -1.01
C ILE C 140 -24.42 38.01 -0.41
N PRO C 141 -25.17 38.92 -1.06
CA PRO C 141 -25.39 40.25 -0.47
C PRO C 141 -25.94 40.23 0.94
N GLU C 142 -26.88 39.33 1.19
CA GLU C 142 -27.50 39.24 2.51
C GLU C 142 -26.56 38.64 3.55
N LEU C 143 -25.73 37.72 3.11
CA LEU C 143 -24.62 37.21 3.95
C LEU C 143 -23.64 38.35 4.29
N ILE C 144 -23.29 39.16 3.28
CA ILE C 144 -22.40 40.32 3.53
C ILE C 144 -23.03 41.31 4.52
N GLY C 145 -24.28 41.70 4.29
CA GLY C 145 -25.01 42.57 5.23
C GLY C 145 -25.05 42.01 6.65
N SER C 146 -25.55 40.79 6.79
CA SER C 146 -25.67 40.08 8.09
CA SER C 146 -25.67 40.10 8.09
C SER C 146 -24.36 40.06 8.86
N SER C 147 -23.26 40.04 8.13
CA SER C 147 -21.91 39.94 8.74
C SER C 147 -21.58 41.13 9.66
N SER C 148 -21.85 42.34 9.20
CA SER C 148 -21.57 43.55 10.01
C SER C 148 -22.44 43.66 11.27
N SER C 149 -23.55 42.93 11.32
CA SER C 149 -24.47 42.99 12.48
C SER C 149 -23.97 42.27 13.75
N SER C 150 -23.07 41.32 13.58
CA SER C 150 -22.68 40.42 14.67
C SER C 150 -21.37 39.69 14.41
N VAL C 151 -20.52 39.72 15.42
CA VAL C 151 -19.19 39.09 15.34
C VAL C 151 -19.30 37.56 15.17
N ASN C 152 -20.22 36.97 15.93
CA ASN C 152 -20.51 35.50 15.84
C ASN C 152 -21.02 35.03 14.46
N VAL C 153 -22.00 35.77 13.94
CA VAL C 153 -22.59 35.52 12.62
C VAL C 153 -21.55 35.74 11.53
N CYS C 154 -20.82 36.83 11.65
CA CYS C 154 -19.79 37.15 10.65
C CYS C 154 -18.76 36.00 10.55
N GLU C 155 -18.26 35.59 11.70
CA GLU C 155 -17.30 34.49 11.78
C GLU C 155 -17.88 33.23 11.15
N ASN C 156 -19.12 32.93 11.54
CA ASN C 156 -19.79 31.71 11.05
C ASN C 156 -20.04 31.78 9.54
N ASN C 157 -20.23 32.98 9.04
CA ASN C 157 -20.37 33.21 7.59
C ASN C 157 -19.09 32.79 6.84
N MET C 158 -17.97 33.14 7.43
CA MET C 158 -16.62 32.75 6.92
C MET C 158 -16.48 31.22 6.82
N ILE C 159 -17.00 30.52 7.82
CA ILE C 159 -17.07 29.05 7.81
C ILE C 159 -17.89 28.57 6.61
N VAL C 160 -19.03 29.23 6.42
CA VAL C 160 -19.96 28.88 5.32
C VAL C 160 -19.33 29.12 3.93
N LEU C 161 -18.62 30.23 3.78
CA LEU C 161 -18.01 30.59 2.49
C LEU C 161 -16.83 29.67 2.18
N LYS C 162 -16.09 29.31 3.22
CA LYS C 162 -15.00 28.33 3.13
C LYS C 162 -15.57 26.99 2.65
N LEU C 163 -16.66 26.57 3.28
CA LEU C 163 -17.24 25.28 2.93
C LEU C 163 -17.72 25.32 1.48
N LEU C 164 -18.31 26.45 1.10
CA LEU C 164 -18.85 26.63 -0.25
C LEU C 164 -17.76 26.60 -1.29
N SER C 165 -16.67 27.30 -1.00
CA SER C 165 -15.53 27.32 -1.91
C SER C 165 -14.99 25.91 -2.09
N GLU C 166 -14.86 25.20 -0.97
CA GLU C 166 -14.44 23.77 -1.01
C GLU C 166 -15.32 22.94 -1.94
N GLU C 167 -16.62 23.03 -1.71
CA GLU C 167 -17.57 22.16 -2.42
C GLU C 167 -17.66 22.50 -3.89
N VAL C 168 -17.34 23.75 -4.22
CA VAL C 168 -17.43 24.23 -5.61
C VAL C 168 -16.12 24.01 -6.41
N PHE C 169 -15.00 24.32 -5.78
CA PHE C 169 -13.69 24.33 -6.47
C PHE C 169 -12.75 23.18 -6.18
N ASP C 170 -12.83 22.64 -4.98
CA ASP C 170 -11.85 21.63 -4.55
C ASP C 170 -12.40 20.22 -4.70
N PHE C 171 -13.70 20.10 -4.50
CA PHE C 171 -14.34 18.77 -4.40
C PHE C 171 -15.53 18.56 -5.31
N SER C 172 -15.58 19.31 -6.41
CA SER C 172 -16.71 19.21 -7.33
C SER C 172 -16.46 18.23 -8.48
N ALA C 173 -15.22 18.03 -8.87
CA ALA C 173 -14.90 17.15 -10.01
C ALA C 173 -15.63 15.79 -9.90
N GLU C 174 -15.51 15.14 -8.76
CA GLU C 174 -16.13 13.80 -8.61
C GLU C 174 -17.64 13.84 -8.35
N GLN C 175 -18.16 14.97 -7.88
CA GLN C 175 -19.51 15.03 -7.23
C GLN C 175 -20.63 15.75 -7.99
N MET C 176 -20.27 16.39 -9.11
CA MET C 176 -21.21 17.20 -9.90
C MET C 176 -20.97 17.00 -11.36
N THR C 177 -21.97 17.27 -12.17
CA THR C 177 -21.76 17.26 -13.61
C THR C 177 -20.82 18.41 -14.04
N GLN C 178 -20.15 18.19 -15.16
CA GLN C 178 -19.32 19.24 -15.75
C GLN C 178 -20.12 20.56 -15.85
N ALA C 179 -21.35 20.50 -16.36
CA ALA C 179 -22.19 21.73 -16.52
C ALA C 179 -22.49 22.44 -15.19
N LYS C 180 -22.79 21.65 -14.17
CA LYS C 180 -23.23 22.23 -12.90
C LYS C 180 -22.02 22.78 -12.14
N ALA C 181 -20.87 22.13 -12.33
CA ALA C 181 -19.60 22.57 -11.70
C ALA C 181 -19.23 23.94 -12.27
N LEU C 182 -19.34 24.07 -13.58
CA LEU C 182 -19.11 25.32 -14.29
C LEU C 182 -20.07 26.44 -13.86
N HIS C 183 -21.35 26.12 -13.82
CA HIS C 183 -22.35 27.04 -13.28
C HIS C 183 -21.96 27.60 -11.92
N LEU C 184 -21.67 26.71 -10.98
CA LEU C 184 -21.33 27.15 -9.60
C LEU C 184 -20.00 27.92 -9.51
N LYS C 185 -18.98 27.47 -10.20
CA LYS C 185 -17.70 28.21 -10.29
C LYS C 185 -17.92 29.60 -10.86
N ASN C 186 -18.68 29.65 -11.95
CA ASN C 186 -19.02 30.94 -12.59
C ASN C 186 -19.76 31.85 -11.63
N SER C 187 -20.71 31.27 -10.92
CA SER C 187 -21.58 32.03 -9.99
C SER C 187 -20.75 32.61 -8.86
N MET C 188 -19.89 31.78 -8.30
CA MET C 188 -18.98 32.24 -7.21
C MET C 188 -18.04 33.33 -7.72
N SER C 189 -17.54 33.11 -8.92
CA SER C 189 -16.62 34.05 -9.56
CA SER C 189 -16.62 34.07 -9.57
C SER C 189 -17.27 35.43 -9.73
N LYS C 190 -18.50 35.44 -10.24
CA LYS C 190 -19.21 36.71 -10.55
C LYS C 190 -19.45 37.60 -9.33
N GLU C 191 -19.50 36.99 -8.16
CA GLU C 191 -19.76 37.72 -6.91
C GLU C 191 -18.58 37.75 -5.94
N PHE C 192 -17.44 37.24 -6.35
CA PHE C 192 -16.29 37.18 -5.43
C PHE C 192 -15.74 38.57 -5.07
N GLU C 193 -15.87 39.52 -5.99
CA GLU C 193 -15.49 40.94 -5.74
C GLU C 193 -15.95 41.39 -4.36
N GLN C 194 -17.23 41.15 -4.10
CA GLN C 194 -17.84 41.58 -2.84
CA GLN C 194 -17.90 41.54 -2.85
C GLN C 194 -17.44 40.67 -1.68
N ILE C 195 -17.20 39.40 -1.96
CA ILE C 195 -16.75 38.45 -0.94
C ILE C 195 -15.37 38.85 -0.43
N PHE C 196 -14.54 39.28 -1.37
CA PHE C 196 -13.16 39.64 -1.04
C PHE C 196 -13.12 40.90 -0.18
N LYS C 197 -13.90 41.89 -0.62
CA LYS C 197 -14.06 43.18 0.08
C LYS C 197 -14.31 42.97 1.58
N LEU C 198 -15.30 42.14 1.89
CA LEU C 198 -15.60 41.75 3.30
C LEU C 198 -14.39 41.09 3.97
N CYS C 199 -13.82 40.11 3.27
CA CYS C 199 -12.64 39.40 3.76
CA CYS C 199 -12.62 39.40 3.72
C CYS C 199 -11.51 40.39 4.09
N PHE C 200 -11.21 41.32 3.18
CA PHE C 200 -10.17 42.32 3.43
C PHE C 200 -10.51 43.24 4.63
N GLN C 201 -11.74 43.71 4.71
CA GLN C 201 -12.11 44.64 5.78
C GLN C 201 -11.91 43.97 7.14
N VAL C 202 -12.49 42.79 7.28
CA VAL C 202 -12.35 42.00 8.51
C VAL C 202 -10.87 41.87 8.89
N LEU C 203 -10.04 41.58 7.88
CA LEU C 203 -8.60 41.35 8.15
C LEU C 203 -7.89 42.62 8.59
N GLU C 204 -8.40 43.75 8.11
CA GLU C 204 -7.88 45.06 8.52
C GLU C 204 -8.32 45.57 9.89
N GLN C 205 -9.41 45.03 10.43
CA GLN C 205 -9.98 45.55 11.70
C GLN C 205 -9.94 44.54 12.85
N GLY C 206 -8.82 43.85 12.97
CA GLY C 206 -8.60 42.85 14.02
C GLY C 206 -7.18 42.28 13.91
N SER C 207 -6.68 41.67 14.98
CA SER C 207 -5.28 41.17 15.04
C SER C 207 -5.13 39.66 15.30
N SER C 208 -5.83 39.18 16.32
CA SER C 208 -5.73 37.78 16.78
C SER C 208 -7.08 37.26 17.30
N SER C 209 -7.96 36.99 16.35
CA SER C 209 -9.37 36.74 16.65
C SER C 209 -9.75 35.39 16.07
N SER C 210 -10.75 34.76 16.66
CA SER C 210 -11.30 33.54 16.06
C SER C 210 -11.95 33.91 14.72
N LEU C 211 -12.40 35.15 14.63
CA LEU C 211 -12.94 35.69 13.37
C LEU C 211 -11.85 35.87 12.32
N ILE C 212 -10.72 36.39 12.75
CA ILE C 212 -9.56 36.53 11.88
C ILE C 212 -9.09 35.16 11.41
N VAL C 213 -9.01 34.23 12.35
CA VAL C 213 -8.53 32.89 12.03
C VAL C 213 -9.48 32.31 10.97
N ALA C 214 -10.78 32.40 11.27
CA ALA C 214 -11.84 31.90 10.35
C ALA C 214 -11.74 32.55 8.96
N THR C 215 -11.44 33.83 8.93
CA THR C 215 -11.42 34.59 7.67
C THR C 215 -10.25 34.07 6.85
N LEU C 216 -9.13 33.91 7.54
CA LEU C 216 -7.89 33.41 6.92
C LEU C 216 -8.08 31.96 6.44
N GLU C 217 -8.77 31.17 7.23
CA GLU C 217 -9.13 29.80 6.80
C GLU C 217 -9.84 29.87 5.44
N SER C 218 -10.82 30.77 5.31
CA SER C 218 -11.58 30.89 4.04
C SER C 218 -10.66 31.36 2.92
N LEU C 219 -9.79 32.30 3.26
CA LEU C 219 -8.80 32.80 2.30
C LEU C 219 -7.91 31.69 1.74
N LEU C 220 -7.52 30.73 2.58
CA LEU C 220 -6.68 29.64 2.10
C LEU C 220 -7.41 28.92 0.95
N ARG C 221 -8.70 28.69 1.12
CA ARG C 221 -9.52 28.06 0.06
C ARG C 221 -9.58 28.91 -1.22
N TYR C 222 -9.82 30.21 -1.06
CA TYR C 222 -9.96 31.13 -2.22
C TYR C 222 -8.72 31.16 -3.09
N LEU C 223 -7.60 31.07 -2.42
CA LEU C 223 -6.28 31.12 -3.09
C LEU C 223 -6.09 29.97 -4.13
N HIS C 224 -6.89 28.91 -4.02
CA HIS C 224 -6.87 27.79 -4.98
C HIS C 224 -7.31 28.26 -6.34
N TRP C 225 -8.14 29.28 -6.39
CA TRP C 225 -8.76 29.66 -7.67
C TRP C 225 -8.89 31.13 -8.04
N ILE C 226 -8.87 32.02 -7.06
CA ILE C 226 -9.10 33.47 -7.35
C ILE C 226 -8.06 34.09 -8.31
N PRO C 227 -8.46 35.13 -9.08
CA PRO C 227 -7.47 35.81 -9.93
C PRO C 227 -6.35 36.45 -9.11
N TYR C 228 -5.15 36.49 -9.67
CA TYR C 228 -3.95 36.94 -8.92
C TYR C 228 -4.04 38.40 -8.43
N ARG C 229 -4.75 39.23 -9.18
CA ARG C 229 -4.87 40.67 -8.85
C ARG C 229 -5.44 40.92 -7.44
N TYR C 230 -6.38 40.10 -7.01
CA TYR C 230 -6.89 40.21 -5.64
C TYR C 230 -5.76 40.08 -4.62
N ILE C 231 -4.73 39.36 -5.02
CA ILE C 231 -3.59 39.11 -4.11
C ILE C 231 -2.52 40.18 -4.26
N TYR C 232 -2.19 40.50 -5.50
CA TYR C 232 -1.10 41.44 -5.76
C TYR C 232 -1.48 42.91 -5.80
N GLU C 233 -2.76 43.22 -5.98
CA GLU C 233 -3.17 44.64 -6.19
C GLU C 233 -3.85 45.25 -4.99
N THR C 234 -3.84 44.51 -3.90
CA THR C 234 -4.34 44.98 -2.64
C THR C 234 -3.19 44.94 -1.65
N ASN C 235 -3.45 45.39 -0.46
CA ASN C 235 -2.40 45.41 0.56
C ASN C 235 -2.20 44.04 1.24
N ILE C 236 -2.82 43.00 0.70
CA ILE C 236 -3.03 41.77 1.48
C ILE C 236 -1.73 41.01 1.79
N LEU C 237 -0.77 41.06 0.88
CA LEU C 237 0.51 40.35 1.12
C LEU C 237 1.24 40.92 2.35
N GLU C 238 1.20 42.23 2.49
CA GLU C 238 1.80 42.94 3.65
CA GLU C 238 1.81 42.93 3.64
C GLU C 238 1.22 42.46 4.98
N LEU C 239 -0.10 42.41 5.03
CA LEU C 239 -0.83 41.98 6.24
C LEU C 239 -0.47 40.55 6.64
N LEU C 240 -0.41 39.69 5.63
CA LEU C 240 -0.19 38.25 5.81
C LEU C 240 1.24 38.02 6.27
N SER C 241 2.16 38.68 5.58
CA SER C 241 3.60 38.48 5.82
C SER C 241 4.19 39.24 7.03
N THR C 242 3.40 40.14 7.62
CA THR C 242 3.84 40.87 8.82
C THR C 242 2.88 40.63 10.00
N LYS C 243 1.82 41.42 10.02
CA LYS C 243 0.80 41.38 11.07
C LYS C 243 0.37 39.96 11.45
N PHE C 244 0.00 39.14 10.48
CA PHE C 244 -0.57 37.82 10.82
C PHE C 244 0.47 36.76 11.17
N MET C 245 1.72 37.07 10.87
CA MET C 245 2.84 36.22 11.28
C MET C 245 3.20 36.40 12.76
N THR C 246 2.82 37.53 13.35
CA THR C 246 3.32 37.87 14.71
C THR C 246 2.59 37.13 15.85
N SER C 247 1.28 37.03 15.74
CA SER C 247 0.48 36.24 16.69
C SER C 247 0.46 34.78 16.28
N PRO C 248 0.67 33.85 17.23
CA PRO C 248 0.79 32.42 16.93
C PRO C 248 -0.48 31.70 16.53
N ASP C 249 -1.61 32.15 17.04
CA ASP C 249 -2.91 31.55 16.68
C ASP C 249 -3.35 31.92 15.24
N THR C 250 -2.78 33.00 14.69
CA THR C 250 -2.96 33.30 13.25
C THR C 250 -1.80 32.87 12.35
N ARG C 251 -0.67 32.52 12.95
CA ARG C 251 0.58 32.29 12.20
C ARG C 251 0.52 31.04 11.32
N ALA C 252 -0.04 29.98 11.89
CA ALA C 252 -0.18 28.69 11.21
C ALA C 252 -0.88 28.86 9.86
N ILE C 253 -2.09 29.41 9.92
CA ILE C 253 -2.99 29.57 8.75
C ILE C 253 -2.41 30.57 7.74
N THR C 254 -1.76 31.60 8.25
CA THR C 254 -1.13 32.63 7.38
C THR C 254 0.00 32.08 6.54
N LEU C 255 0.81 31.24 7.17
CA LEU C 255 1.93 30.59 6.50
C LEU C 255 1.40 29.66 5.39
N LYS C 256 0.32 28.94 5.67
CA LYS C 256 -0.33 28.09 4.63
C LYS C 256 -0.90 28.92 3.46
N CYS C 257 -1.48 30.09 3.77
CA CYS C 257 -1.96 31.04 2.73
C CYS C 257 -0.77 31.53 1.88
N LEU C 258 0.29 31.89 2.57
CA LEU C 258 1.54 32.35 1.91
C LEU C 258 2.18 31.28 1.02
N THR C 259 2.14 30.03 1.47
CA THR C 259 2.55 28.89 0.65
C THR C 259 1.72 28.81 -0.62
N GLU C 260 0.42 28.92 -0.45
CA GLU C 260 -0.48 28.89 -1.62
C GLU C 260 -0.23 30.07 -2.56
N VAL C 261 0.00 31.24 -1.98
CA VAL C 261 0.36 32.43 -2.77
C VAL C 261 1.61 32.20 -3.61
N SER C 262 2.57 31.52 -3.02
CA SER C 262 3.79 31.18 -3.75
C SER C 262 3.49 30.30 -5.00
N ASN C 263 2.22 29.88 -5.15
CA ASN C 263 1.74 29.08 -6.31
C ASN C 263 0.72 29.74 -7.26
N LEU C 264 0.41 31.00 -7.03
CA LEU C 264 -0.54 31.72 -7.90
C LEU C 264 -0.03 31.83 -9.35
N LYS C 265 -0.94 31.84 -10.32
CA LYS C 265 -0.54 32.12 -11.73
C LYS C 265 -0.16 33.61 -11.83
N ILE C 266 1.11 33.85 -12.14
CA ILE C 266 1.73 35.19 -11.99
C ILE C 266 2.63 35.60 -13.18
N PRO C 267 2.34 36.75 -13.82
CA PRO C 267 3.14 37.25 -14.94
C PRO C 267 4.64 37.12 -14.74
N GLN C 268 5.31 36.79 -15.83
CA GLN C 268 6.76 36.48 -15.81
C GLN C 268 7.69 37.69 -15.95
N ASP C 269 7.16 38.74 -16.57
CA ASP C 269 7.96 39.85 -17.08
C ASP C 269 7.61 41.16 -16.38
N ASN C 270 6.83 41.05 -15.32
CA ASN C 270 6.38 42.21 -14.54
C ASN C 270 7.28 42.51 -13.35
N ASP C 271 8.13 43.52 -13.49
CA ASP C 271 9.14 43.84 -12.46
C ASP C 271 8.59 44.21 -11.09
N LEU C 272 7.42 44.84 -11.08
CA LEU C 272 6.79 45.28 -9.84
C LEU C 272 6.22 44.08 -9.06
N ILE C 273 5.60 43.15 -9.78
CA ILE C 273 5.08 41.92 -9.16
C ILE C 273 6.22 41.10 -8.56
N LYS C 274 7.26 40.92 -9.36
CA LYS C 274 8.51 40.32 -8.87
C LYS C 274 8.90 40.91 -7.50
N ARG C 275 8.92 42.24 -7.45
CA ARG C 275 9.28 42.96 -6.22
C ARG C 275 8.36 42.63 -5.04
N GLN C 276 7.09 42.44 -5.36
CA GLN C 276 6.08 42.11 -4.35
C GLN C 276 6.29 40.70 -3.83
N THR C 277 6.76 39.84 -4.71
CA THR C 277 7.00 38.44 -4.38
C THR C 277 8.24 38.33 -3.50
N VAL C 278 9.18 39.23 -3.72
CA VAL C 278 10.41 39.28 -2.91
C VAL C 278 10.08 39.80 -1.50
N LEU C 279 9.26 40.84 -1.50
CA LEU C 279 8.90 41.56 -0.29
C LEU C 279 8.13 40.71 0.73
N PHE C 280 7.15 39.94 0.27
CA PHE C 280 6.40 39.09 1.23
C PHE C 280 7.30 38.01 1.83
N PHE C 281 8.21 37.50 1.03
CA PHE C 281 9.18 36.48 1.51
C PHE C 281 10.09 37.14 2.54
N GLN C 282 10.60 38.30 2.17
CA GLN C 282 11.50 39.08 3.04
C GLN C 282 10.85 39.41 4.39
N ASN C 283 9.63 39.92 4.33
CA ASN C 283 8.80 40.15 5.52
C ASN C 283 8.64 38.89 6.34
N THR C 284 8.28 37.80 5.66
CA THR C 284 7.97 36.55 6.37
C THR C 284 9.20 36.02 7.11
N LEU C 285 10.33 36.00 6.43
CA LEU C 285 11.59 35.52 7.04
C LEU C 285 11.98 36.40 8.25
N GLN C 286 11.78 37.69 8.11
CA GLN C 286 12.04 38.66 9.19
CA GLN C 286 12.09 38.62 9.20
C GLN C 286 11.22 38.36 10.45
N GLN C 287 9.95 38.03 10.25
CA GLN C 287 9.06 37.73 11.41
C GLN C 287 9.47 36.44 12.12
N ILE C 288 9.91 35.48 11.33
CA ILE C 288 10.43 34.20 11.86
CA ILE C 288 10.41 34.21 11.88
C ILE C 288 11.64 34.48 12.73
N ALA C 289 12.54 35.29 12.21
CA ALA C 289 13.85 35.52 12.86
C ALA C 289 13.69 36.28 14.17
N THR C 290 12.70 37.18 14.22
CA THR C 290 12.52 38.00 15.41
C THR C 290 11.40 37.54 16.33
N SER C 291 10.38 36.90 15.77
CA SER C 291 9.22 36.44 16.58
C SER C 291 9.20 34.96 17.00
N VAL C 292 9.93 34.12 16.29
CA VAL C 292 9.87 32.65 16.52
C VAL C 292 11.23 32.08 16.93
N MET C 293 12.18 32.09 16.01
CA MET C 293 13.55 31.63 16.33
C MET C 293 14.56 32.17 15.33
N PRO C 294 15.79 32.41 15.77
CA PRO C 294 16.86 32.82 14.85
C PRO C 294 17.35 31.64 13.99
N VAL C 295 18.11 31.97 12.94
CA VAL C 295 18.59 30.98 11.98
CA VAL C 295 18.57 30.95 11.98
C VAL C 295 19.52 29.94 12.61
N THR C 296 20.13 30.34 13.72
CA THR C 296 21.07 29.47 14.42
C THR C 296 20.37 28.43 15.32
N ALA C 297 19.06 28.57 15.49
CA ALA C 297 18.35 27.74 16.49
C ALA C 297 18.38 26.25 16.13
N ASP C 298 18.46 25.43 17.17
CA ASP C 298 18.51 23.98 17.03
C ASP C 298 17.11 23.45 16.78
N LEU C 299 16.71 23.41 15.52
CA LEU C 299 15.38 22.92 15.14
C LEU C 299 15.21 21.39 15.36
N LYS C 300 16.29 20.64 15.14
CA LYS C 300 16.34 19.24 15.55
C LYS C 300 15.79 19.06 16.99
N ALA C 301 16.35 19.82 17.92
CA ALA C 301 15.96 19.74 19.35
C ALA C 301 14.52 20.23 19.61
N THR C 302 14.19 21.36 19.01
CA THR C 302 12.85 21.94 19.14
C THR C 302 11.77 20.94 18.72
N TYR C 303 11.94 20.35 17.54
CA TYR C 303 10.98 19.38 16.99
C TYR C 303 10.87 18.17 17.93
N ALA C 304 12.02 17.61 18.27
CA ALA C 304 12.14 16.47 19.20
C ALA C 304 11.41 16.69 20.53
N ASN C 305 11.45 17.92 21.02
CA ASN C 305 10.73 18.31 22.27
C ASN C 305 9.21 18.28 22.13
N ALA C 306 8.75 18.58 20.93
CA ALA C 306 7.32 18.47 20.58
C ALA C 306 6.37 19.33 21.43
N ASN C 307 6.79 20.54 21.79
CA ASN C 307 5.90 21.46 22.53
C ASN C 307 4.80 22.03 21.64
N GLY C 308 3.67 22.30 22.28
CA GLY C 308 2.51 22.88 21.60
C GLY C 308 2.39 22.42 20.16
N ASN C 309 2.51 23.36 19.24
CA ASN C 309 2.33 23.09 17.81
C ASN C 309 3.62 23.20 17.04
N ASP C 310 4.71 23.06 17.76
CA ASP C 310 6.05 23.24 17.17
C ASP C 310 6.28 22.34 15.96
N GLN C 311 5.89 21.06 16.07
CA GLN C 311 6.15 20.11 14.97
C GLN C 311 5.45 20.57 13.69
N SER C 312 4.19 20.92 13.85
CA SER C 312 3.34 21.38 12.73
C SER C 312 3.89 22.65 12.09
N PHE C 313 4.25 23.58 12.95
CA PHE C 313 4.79 24.86 12.48
C PHE C 313 6.07 24.62 11.65
N LEU C 314 6.98 23.84 12.20
CA LEU C 314 8.24 23.50 11.52
C LEU C 314 7.93 22.79 10.19
N GLN C 315 6.97 21.89 10.23
CA GLN C 315 6.52 21.23 9.00
C GLN C 315 5.99 22.24 7.99
N ASP C 316 5.16 23.17 8.45
CA ASP C 316 4.56 24.16 7.56
C ASP C 316 5.62 25.14 7.04
N LEU C 317 6.61 25.42 7.86
CA LEU C 317 7.75 26.29 7.46
C LEU C 317 8.59 25.66 6.34
N ALA C 318 8.94 24.40 6.54
CA ALA C 318 9.63 23.61 5.52
C ALA C 318 8.85 23.67 4.20
N MET C 319 7.55 23.46 4.29
CA MET C 319 6.66 23.51 3.10
C MET C 319 6.66 24.90 2.45
N PHE C 320 6.61 25.94 3.26
CA PHE C 320 6.64 27.33 2.76
C PHE C 320 7.93 27.69 2.04
N LEU C 321 9.03 27.41 2.72
CA LEU C 321 10.37 27.69 2.21
C LEU C 321 10.69 26.91 0.93
N THR C 322 10.44 25.61 0.94
CA THR C 322 10.75 24.76 -0.24
C THR C 322 9.90 25.14 -1.45
N THR C 323 8.60 25.37 -1.21
CA THR C 323 7.67 25.80 -2.26
C THR C 323 8.11 27.11 -2.88
N TYR C 324 8.34 28.11 -2.03
CA TYR C 324 8.67 29.46 -2.50
C TYR C 324 9.95 29.46 -3.30
N LEU C 325 10.97 28.82 -2.73
CA LEU C 325 12.33 28.86 -3.28
C LEU C 325 12.38 28.08 -4.60
N ALA C 326 11.75 26.92 -4.62
CA ALA C 326 11.63 26.13 -5.86
C ALA C 326 11.10 26.98 -7.01
N ARG C 327 10.09 27.81 -6.73
CA ARG C 327 9.54 28.72 -7.77
C ARG C 327 10.34 29.99 -8.00
N ASN C 328 10.82 30.57 -6.91
CA ASN C 328 11.26 31.97 -6.94
C ASN C 328 12.72 32.27 -6.63
N ARG C 329 13.52 31.28 -6.23
CA ARG C 329 14.88 31.62 -5.76
C ARG C 329 15.65 32.51 -6.76
N ALA C 330 15.37 32.34 -8.05
CA ALA C 330 16.07 33.14 -9.08
C ALA C 330 15.87 34.63 -8.88
N LEU C 331 14.71 35.02 -8.36
CA LEU C 331 14.44 36.44 -8.00
C LEU C 331 15.45 37.00 -6.99
N LEU C 332 16.05 36.10 -6.22
CA LEU C 332 16.97 36.47 -5.11
C LEU C 332 18.45 36.33 -5.46
N GLU C 333 18.76 35.86 -6.65
CA GLU C 333 20.12 35.35 -6.93
C GLU C 333 21.10 36.33 -7.50
N SER C 334 20.58 37.32 -8.21
CA SER C 334 21.43 38.29 -8.94
C SER C 334 21.67 39.62 -8.22
N ASP C 335 20.70 40.01 -7.44
CA ASP C 335 20.72 41.27 -6.67
C ASP C 335 21.43 41.08 -5.33
N GLU C 336 22.56 41.76 -5.17
CA GLU C 336 23.40 41.58 -3.95
C GLU C 336 22.67 41.90 -2.64
N SER C 337 21.77 42.87 -2.70
CA SER C 337 20.96 43.25 -1.52
C SER C 337 20.06 42.10 -1.07
N LEU C 338 19.87 41.11 -1.94
CA LEU C 338 18.99 39.96 -1.62
C LEU C 338 19.75 38.68 -1.27
N ARG C 339 21.07 38.74 -1.32
CA ARG C 339 21.89 37.56 -1.07
C ARG C 339 21.69 36.98 0.33
N GLU C 340 21.71 37.85 1.32
CA GLU C 340 21.60 37.44 2.73
C GLU C 340 20.27 36.74 2.99
N LEU C 341 19.21 37.30 2.41
CA LEU C 341 17.87 36.71 2.48
C LEU C 341 17.86 35.29 1.92
N LEU C 342 18.36 35.18 0.70
CA LEU C 342 18.42 33.90 -0.02
C LEU C 342 19.11 32.84 0.82
N LEU C 343 20.28 33.19 1.32
CA LEU C 343 21.12 32.26 2.11
C LEU C 343 20.54 31.95 3.49
N ASN C 344 19.91 32.95 4.08
CA ASN C 344 19.22 32.78 5.39
C ASN C 344 18.07 31.80 5.33
N ALA C 345 17.24 31.99 4.33
CA ALA C 345 16.16 31.05 4.02
C ALA C 345 16.72 29.62 3.84
N HIS C 346 17.80 29.51 3.09
CA HIS C 346 18.43 28.19 2.87
C HIS C 346 19.04 27.63 4.13
N GLN C 347 19.50 28.53 4.99
CA GLN C 347 20.10 28.12 6.28
C GLN C 347 18.99 27.56 7.19
N TYR C 348 17.82 28.18 7.17
CA TYR C 348 16.67 27.58 7.88
C TYR C 348 16.41 26.16 7.37
N LEU C 349 16.42 26.02 6.05
CA LEU C 349 16.21 24.70 5.42
C LEU C 349 17.29 23.70 5.85
N ILE C 350 18.54 24.16 5.91
CA ILE C 350 19.61 23.30 6.44
C ILE C 350 19.28 22.85 7.86
N GLN C 351 18.79 23.77 8.69
CA GLN C 351 18.45 23.42 10.09
C GLN C 351 17.24 22.46 10.15
N LEU C 352 16.21 22.80 9.40
CA LEU C 352 15.10 21.87 9.17
C LEU C 352 15.49 20.43 8.77
N SER C 353 16.55 20.30 7.96
CA SER C 353 16.98 19.01 7.38
C SER C 353 17.73 18.15 8.39
N LYS C 354 17.99 18.73 9.54
CA LYS C 354 18.63 18.02 10.65
C LYS C 354 17.60 17.36 11.56
N ILE C 355 16.34 17.71 11.38
CA ILE C 355 15.27 17.16 12.22
C ILE C 355 15.16 15.66 12.01
N GLU C 356 14.90 14.93 13.10
CA GLU C 356 14.66 13.50 13.02
C GLU C 356 13.16 13.26 12.78
N GLU C 357 12.77 13.29 11.52
CA GLU C 357 11.40 12.96 11.13
C GLU C 357 11.45 12.55 9.66
N ARG C 358 11.26 11.28 9.38
CA ARG C 358 11.55 10.78 8.04
C ARG C 358 10.72 11.46 6.97
N GLU C 359 9.42 11.58 7.23
CA GLU C 359 8.55 12.21 6.25
C GLU C 359 8.92 13.67 6.00
N LEU C 360 9.25 14.39 7.06
CA LEU C 360 9.70 15.77 6.93
C LEU C 360 11.00 15.83 6.13
N PHE C 361 11.90 14.92 6.45
CA PHE C 361 13.19 14.84 5.75
C PHE C 361 12.99 14.64 4.25
N LYS C 362 12.01 13.83 3.88
CA LYS C 362 11.77 13.57 2.44
C LYS C 362 11.32 14.84 1.72
N THR C 363 10.56 15.65 2.44
CA THR C 363 10.06 16.93 1.91
C THR C 363 11.21 17.88 1.64
N THR C 364 12.12 17.99 2.59
CA THR C 364 13.30 18.85 2.37
C THR C 364 14.25 18.26 1.35
N LEU C 365 14.41 16.94 1.37
CA LEU C 365 15.31 16.27 0.38
C LEU C 365 14.85 16.51 -1.06
N ASP C 366 13.55 16.42 -1.27
CA ASP C 366 12.94 16.77 -2.57
C ASP C 366 13.38 18.15 -3.01
N TYR C 367 13.42 19.07 -2.06
CA TYR C 367 13.86 20.44 -2.34
C TYR C 367 15.34 20.47 -2.69
N TRP C 368 16.15 19.85 -1.86
CA TRP C 368 17.57 19.79 -2.14
C TRP C 368 17.86 19.23 -3.52
N HIS C 369 17.15 18.16 -3.89
CA HIS C 369 17.31 17.57 -5.24
C HIS C 369 16.97 18.57 -6.32
N ASN C 370 15.85 19.26 -6.15
CA ASN C 370 15.47 20.36 -7.06
C ASN C 370 16.58 21.42 -7.15
N LEU C 371 17.18 21.75 -6.02
CA LEU C 371 18.25 22.77 -6.00
C LEU C 371 19.48 22.28 -6.73
N VAL C 372 20.01 21.15 -6.28
CA VAL C 372 21.33 20.68 -6.79
C VAL C 372 21.31 20.33 -8.30
N ALA C 373 20.18 19.81 -8.74
CA ALA C 373 19.93 19.47 -10.16
C ALA C 373 19.99 20.72 -11.01
N ASP C 374 19.43 21.79 -10.47
CA ASP C 374 19.51 23.11 -11.10
C ASP C 374 20.94 23.68 -11.09
N LEU C 375 21.65 23.51 -9.98
CA LEU C 375 23.03 24.02 -9.89
C LEU C 375 24.00 23.24 -10.77
N PHE C 376 23.68 21.98 -10.99
CA PHE C 376 24.45 21.10 -11.89
C PHE C 376 24.47 21.58 -13.35
N TYR C 377 23.38 22.23 -13.73
CA TYR C 377 23.14 22.71 -15.10
C TYR C 377 23.23 24.21 -15.35
N GLU C 378 22.66 25.00 -14.46
CA GLU C 378 22.48 26.43 -14.74
C GLU C 378 23.76 27.17 -14.50
N PRO C 379 24.25 27.95 -15.57
CA PRO C 379 25.54 28.58 -15.50
C PRO C 379 25.59 29.63 -14.40
N LEU C 380 26.71 29.64 -13.70
CA LEU C 380 27.04 30.70 -12.74
C LEU C 380 26.23 30.70 -11.45
N LYS C 381 25.53 29.61 -11.16
CA LYS C 381 24.70 29.55 -9.94
C LYS C 381 25.35 28.83 -8.75
N LYS C 382 26.15 27.80 -9.02
CA LYS C 382 26.65 26.93 -7.90
C LYS C 382 27.48 27.66 -6.84
N HIS C 383 28.26 28.66 -7.25
CA HIS C 383 29.13 29.37 -6.29
C HIS C 383 28.33 30.09 -5.23
N ILE C 384 27.16 30.58 -5.60
CA ILE C 384 26.24 31.22 -4.65
C ILE C 384 25.97 30.33 -3.41
N TYR C 385 25.87 29.04 -3.65
CA TYR C 385 25.35 28.09 -2.66
C TYR C 385 26.43 27.19 -2.09
N GLU C 386 27.67 27.56 -2.36
CA GLU C 386 28.80 26.68 -2.02
CA GLU C 386 28.86 26.76 -1.99
C GLU C 386 28.83 26.30 -0.53
N GLU C 387 28.59 27.27 0.34
CA GLU C 387 28.60 27.02 1.79
C GLU C 387 27.39 26.19 2.27
N ILE C 388 26.20 26.51 1.76
CA ILE C 388 24.97 25.69 1.96
C ILE C 388 25.20 24.22 1.54
N CYS C 389 25.74 24.05 0.33
CA CYS C 389 26.04 22.70 -0.22
C CYS C 389 27.03 21.97 0.68
N SER C 390 28.02 22.69 1.16
CA SER C 390 29.02 22.10 2.05
C SER C 390 28.38 21.56 3.34
N GLN C 391 27.48 22.33 3.92
CA GLN C 391 26.72 21.88 5.11
C GLN C 391 25.80 20.71 4.75
N LEU C 392 25.19 20.78 3.58
CA LEU C 392 24.23 19.76 3.10
C LEU C 392 24.94 18.40 2.95
N ARG C 393 26.16 18.43 2.42
CA ARG C 393 26.99 17.22 2.27
C ARG C 393 27.09 16.52 3.64
N LEU C 394 27.33 17.31 4.66
CA LEU C 394 27.47 16.78 6.02
C LEU C 394 26.16 16.14 6.50
N VAL C 395 25.07 16.87 6.33
CA VAL C 395 23.75 16.40 6.73
C VAL C 395 23.39 15.05 6.09
N ILE C 396 23.60 14.96 4.77
CA ILE C 396 23.24 13.73 4.02
CA ILE C 396 23.24 13.73 4.03
C ILE C 396 24.13 12.55 4.40
N ILE C 397 25.42 12.79 4.44
CA ILE C 397 26.36 11.75 4.84
C ILE C 397 26.06 11.19 6.25
N GLU C 398 25.58 12.04 7.13
CA GLU C 398 25.31 11.67 8.54
C GLU C 398 23.91 11.08 8.74
N ASN C 399 23.08 11.20 7.72
CA ASN C 399 21.71 10.62 7.73
C ASN C 399 21.47 9.60 6.61
N MET C 400 22.54 8.99 6.10
CA MET C 400 22.38 7.93 5.09
C MET C 400 21.58 6.79 5.73
N VAL C 401 20.50 6.41 5.09
CA VAL C 401 19.76 5.23 5.54
C VAL C 401 20.47 3.94 5.06
N ARG C 402 20.25 2.86 5.80
CA ARG C 402 20.79 1.52 5.45
C ARG C 402 20.38 1.09 4.05
N PRO C 403 21.36 0.84 3.18
CA PRO C 403 21.00 0.31 1.87
C PRO C 403 20.37 -1.09 1.96
N GLU C 404 19.56 -1.41 0.98
N GLU C 404 19.56 -1.40 0.97
CA GLU C 404 18.92 -2.74 0.88
CA GLU C 404 18.93 -2.74 0.81
C GLU C 404 19.94 -3.90 0.95
C GLU C 404 19.94 -3.89 0.95
N GLU C 405 21.16 -3.66 0.46
CA GLU C 405 22.24 -4.70 0.42
C GLU C 405 22.86 -5.01 1.78
N VAL C 406 22.76 -4.07 2.69
CA VAL C 406 23.38 -4.22 4.02
C VAL C 406 22.40 -4.99 4.92
N LEU C 407 22.66 -6.30 5.04
CA LEU C 407 21.70 -7.27 5.61
C LEU C 407 21.84 -7.49 7.10
N VAL C 408 22.88 -6.91 7.68
CA VAL C 408 23.02 -6.91 9.15
C VAL C 408 22.40 -5.64 9.75
N VAL C 409 21.79 -5.84 10.90
CA VAL C 409 21.18 -4.77 11.70
C VAL C 409 21.46 -5.06 13.19
N GLU C 410 21.39 -4.04 14.03
CA GLU C 410 21.56 -4.20 15.51
C GLU C 410 20.20 -4.38 16.19
N ASN C 411 20.07 -5.43 17.00
CA ASN C 411 18.81 -5.66 17.74
C ASN C 411 18.79 -4.90 19.06
N ASP C 412 17.65 -4.99 19.75
CA ASP C 412 17.42 -4.23 21.01
C ASP C 412 18.40 -4.54 22.14
N GLU C 413 19.19 -5.60 21.96
CA GLU C 413 20.12 -6.08 22.98
C GLU C 413 21.60 -5.75 22.67
N GLY C 414 21.81 -4.88 21.71
CA GLY C 414 23.17 -4.49 21.27
C GLY C 414 23.91 -5.51 20.41
N GLU C 415 23.14 -6.39 19.80
CA GLU C 415 23.69 -7.50 18.99
C GLU C 415 23.55 -7.20 17.50
N ILE C 416 24.62 -7.47 16.76
CA ILE C 416 24.60 -7.37 15.28
C ILE C 416 24.09 -8.70 14.74
N VAL C 417 22.86 -8.67 14.23
CA VAL C 417 22.19 -9.86 13.68
C VAL C 417 21.76 -9.69 12.24
N ARG C 418 21.46 -10.80 11.61
CA ARG C 418 20.78 -10.76 10.32
C ARG C 418 19.39 -10.14 10.49
N GLU C 419 19.00 -9.33 9.53
CA GLU C 419 17.65 -8.73 9.51
C GLU C 419 16.56 -9.81 9.43
N PHE C 420 15.46 -9.62 10.15
CA PHE C 420 14.31 -10.55 10.05
C PHE C 420 13.58 -10.38 8.72
N VAL C 421 13.56 -9.15 8.25
CA VAL C 421 12.81 -8.78 7.03
C VAL C 421 13.53 -7.64 6.30
N LYS C 422 13.12 -7.43 5.05
CA LYS C 422 13.55 -6.27 4.25
C LYS C 422 12.94 -5.00 4.85
N GLU C 423 13.73 -3.92 4.89
CA GLU C 423 13.20 -2.59 5.24
C GLU C 423 12.66 -1.97 3.96
N SER C 424 11.50 -2.49 3.57
CA SER C 424 10.85 -2.14 2.31
C SER C 424 10.62 -0.63 2.21
N ASP C 425 10.40 0.01 3.35
CA ASP C 425 10.01 1.44 3.29
C ASP C 425 11.17 2.47 3.22
N THR C 426 12.41 2.00 3.27
CA THR C 426 13.59 2.90 3.16
C THR C 426 14.27 2.83 1.77
N ILE C 427 13.68 2.04 0.87
CA ILE C 427 14.22 1.85 -0.49
CA ILE C 427 14.23 1.84 -0.48
C ILE C 427 14.22 3.16 -1.27
N GLN C 428 13.06 3.80 -1.37
CA GLN C 428 12.95 5.07 -2.10
C GLN C 428 13.75 6.20 -1.44
N LEU C 429 13.81 6.16 -0.12
CA LEU C 429 14.57 7.15 0.64
C LEU C 429 16.04 7.04 0.31
N TYR C 430 16.59 5.83 0.24
CA TYR C 430 18.02 5.66 -0.10
CA TYR C 430 18.01 5.65 -0.09
C TYR C 430 18.31 6.21 -1.49
N LYS C 431 17.48 5.85 -2.45
CA LYS C 431 17.64 6.33 -3.83
C LYS C 431 17.66 7.87 -3.91
N SER C 432 16.75 8.46 -3.17
CA SER C 432 16.65 9.93 -3.07
C SER C 432 17.90 10.55 -2.48
N GLU C 433 18.40 9.96 -1.42
CA GLU C 433 19.60 10.47 -0.75
C GLU C 433 20.84 10.36 -1.65
N ARG C 434 20.94 9.21 -2.29
CA ARG C 434 22.06 8.91 -3.21
C ARG C 434 22.09 9.94 -4.34
N GLU C 435 20.93 10.17 -4.90
CA GLU C 435 20.77 11.10 -6.01
CA GLU C 435 20.77 11.10 -6.01
C GLU C 435 21.28 12.48 -5.62
N VAL C 436 20.83 12.96 -4.47
CA VAL C 436 21.22 14.30 -4.02
C VAL C 436 22.74 14.32 -3.76
N LEU C 437 23.20 13.31 -3.01
CA LEU C 437 24.65 13.18 -2.65
C LEU C 437 25.53 13.06 -3.89
N VAL C 438 24.98 12.41 -4.90
CA VAL C 438 25.72 12.25 -6.17
C VAL C 438 25.87 13.62 -6.83
N TYR C 439 24.79 14.38 -6.90
CA TYR C 439 24.88 15.76 -7.41
C TYR C 439 25.85 16.64 -6.62
N LEU C 440 25.78 16.56 -5.30
CA LEU C 440 26.66 17.33 -4.41
C LEU C 440 28.12 16.97 -4.68
N THR C 441 28.37 15.70 -4.98
CA THR C 441 29.77 15.28 -5.20
C THR C 441 30.29 15.93 -6.48
N HIS C 442 29.45 15.86 -7.51
N HIS C 442 29.47 15.84 -7.53
CA HIS C 442 29.80 16.47 -8.80
CA HIS C 442 29.81 16.45 -8.83
C HIS C 442 30.05 17.93 -8.63
C HIS C 442 30.02 17.93 -8.67
N LEU C 443 29.17 18.57 -7.87
CA LEU C 443 29.29 20.02 -7.59
C LEU C 443 30.61 20.40 -6.90
N ASN C 444 31.09 19.56 -5.99
CA ASN C 444 32.44 19.81 -5.39
C ASN C 444 33.08 18.54 -4.84
N VAL C 445 33.89 17.93 -5.69
CA VAL C 445 34.40 16.59 -5.45
C VAL C 445 35.56 16.66 -4.45
N ILE C 446 36.27 17.78 -4.46
CA ILE C 446 37.33 17.99 -3.45
C ILE C 446 36.70 18.03 -2.04
N ASP C 447 35.69 18.87 -1.88
CA ASP C 447 35.04 19.03 -0.56
C ASP C 447 34.47 17.70 -0.06
N THR C 448 33.81 17.00 -0.96
CA THR C 448 33.18 15.71 -0.64
C THR C 448 34.22 14.69 -0.22
N GLU C 449 35.29 14.60 -0.98
CA GLU C 449 36.35 13.66 -0.58
C GLU C 449 36.97 14.03 0.78
N GLU C 450 37.26 15.33 0.96
CA GLU C 450 37.93 15.81 2.20
C GLU C 450 37.06 15.49 3.43
N ILE C 451 35.77 15.68 3.27
CA ILE C 451 34.83 15.38 4.34
C ILE C 451 34.83 13.88 4.70
N MET C 452 34.75 13.04 3.69
CA MET C 452 34.66 11.58 3.93
C MET C 452 35.96 11.02 4.51
N ILE C 453 37.07 11.42 3.91
CA ILE C 453 38.40 10.95 4.36
C ILE C 453 38.65 11.38 5.81
N SER C 454 38.26 12.61 6.15
CA SER C 454 38.59 13.12 7.49
C SER C 454 37.64 12.50 8.53
N LYS C 455 36.37 12.33 8.17
CA LYS C 455 35.45 11.51 9.01
C LYS C 455 35.99 10.09 9.29
N LEU C 456 36.62 9.53 8.27
CA LEU C 456 37.20 8.18 8.35
C LEU C 456 38.35 8.15 9.37
N ALA C 457 39.19 9.18 9.32
CA ALA C 457 40.31 9.35 10.28
C ALA C 457 39.85 9.37 11.75
N ARG C 458 38.73 10.04 11.98
CA ARG C 458 38.10 10.14 13.30
C ARG C 458 37.39 8.87 13.74
N GLN C 459 37.28 7.93 12.81
CA GLN C 459 36.88 6.54 13.13
C GLN C 459 38.12 5.76 13.61
N ILE C 460 39.18 5.80 12.80
CA ILE C 460 40.47 5.12 13.13
C ILE C 460 41.04 5.48 14.50
N ASP C 461 41.15 6.77 14.76
CA ASP C 461 41.79 7.26 16.02
C ASP C 461 40.88 7.06 17.24
N GLY C 462 39.64 6.68 16.96
CA GLY C 462 38.65 6.39 18.00
C GLY C 462 37.74 7.55 18.37
N SER C 463 38.12 8.77 18.00
CA SER C 463 37.39 9.97 18.47
C SER C 463 35.87 9.90 18.25
N GLU C 464 35.45 9.39 17.09
CA GLU C 464 34.01 9.35 16.72
C GLU C 464 33.50 7.94 16.41
N TRP C 465 34.30 6.95 16.74
CA TRP C 465 33.97 5.54 16.51
C TRP C 465 32.60 5.19 17.04
N SER C 466 31.85 4.48 16.22
CA SER C 466 30.58 3.87 16.65
C SER C 466 30.03 3.14 15.43
N TRP C 467 29.13 2.20 15.66
CA TRP C 467 28.58 1.43 14.54
C TRP C 467 27.80 2.34 13.64
N HIS C 468 27.01 3.21 14.24
CA HIS C 468 26.22 4.20 13.47
C HIS C 468 27.08 5.06 12.58
N ASN C 469 28.17 5.57 13.14
CA ASN C 469 29.05 6.51 12.41
C ASN C 469 29.83 5.87 11.26
N ILE C 470 30.36 4.69 11.51
CA ILE C 470 31.07 3.92 10.47
C ILE C 470 30.08 3.48 9.38
N ASN C 471 28.88 3.11 9.80
CA ASN C 471 27.86 2.65 8.86
C ASN C 471 27.46 3.75 7.87
N THR C 472 26.85 4.81 8.38
CA THR C 472 26.38 5.94 7.57
CA THR C 472 26.38 5.93 7.55
C THR C 472 27.49 6.42 6.62
N LEU C 473 28.71 6.49 7.17
CA LEU C 473 29.90 6.88 6.37
C LEU C 473 30.14 5.88 5.23
N SER C 474 30.21 4.60 5.58
CA SER C 474 30.45 3.56 4.55
C SER C 474 29.40 3.58 3.44
N TRP C 475 28.16 3.73 3.85
CA TRP C 475 27.03 3.75 2.93
C TRP C 475 27.15 4.91 1.97
N ALA C 476 27.59 6.05 2.49
CA ALA C 476 27.71 7.28 1.70
C ALA C 476 28.82 7.15 0.67
N ILE C 477 29.93 6.59 1.14
CA ILE C 477 31.14 6.34 0.33
C ILE C 477 30.80 5.45 -0.86
N GLY C 478 29.99 4.44 -0.59
CA GLY C 478 29.55 3.49 -1.61
C GLY C 478 28.56 4.14 -2.56
N SER C 479 27.67 4.94 -1.96
CA SER C 479 26.62 5.59 -2.76
C SER C 479 27.11 6.61 -3.80
N ILE C 480 28.32 7.14 -3.66
CA ILE C 480 28.82 8.16 -4.64
C ILE C 480 29.59 7.58 -5.82
N SER C 481 29.55 6.26 -5.94
CA SER C 481 30.33 5.56 -6.97
C SER C 481 29.95 6.11 -8.33
N GLY C 482 30.94 6.41 -9.15
CA GLY C 482 30.65 6.96 -10.47
C GLY C 482 30.85 8.46 -10.56
N THR C 483 31.00 9.12 -9.41
CA THR C 483 31.14 10.59 -9.41
C THR C 483 32.56 11.07 -9.60
N MET C 484 33.51 10.25 -9.22
CA MET C 484 34.91 10.66 -9.30
C MET C 484 35.48 10.20 -10.62
N SER C 485 36.62 10.77 -10.97
CA SER C 485 37.42 10.27 -12.07
C SER C 485 38.03 8.93 -11.64
N GLU C 486 38.28 8.07 -12.62
CA GLU C 486 38.87 6.74 -12.35
C GLU C 486 40.11 6.88 -11.48
N ASP C 487 40.92 7.86 -11.83
CA ASP C 487 42.17 8.12 -11.12
C ASP C 487 41.95 8.53 -9.68
N THR C 488 41.05 9.48 -9.48
CA THR C 488 40.74 9.96 -8.13
C THR C 488 40.09 8.81 -7.37
N GLU C 489 39.18 8.13 -8.06
CA GLU C 489 38.49 6.96 -7.51
C GLU C 489 39.51 5.92 -7.04
N LYS C 490 40.45 5.62 -7.92
CA LYS C 490 41.54 4.68 -7.60
C LYS C 490 42.11 5.00 -6.20
N ARG C 491 42.65 6.21 -6.06
CA ARG C 491 43.34 6.60 -4.81
C ARG C 491 42.34 6.60 -3.68
N PHE C 492 41.21 7.23 -3.94
CA PHE C 492 40.13 7.31 -2.95
C PHE C 492 39.80 5.91 -2.39
N VAL C 493 39.50 4.99 -3.30
CA VAL C 493 39.00 3.65 -2.89
C VAL C 493 40.10 2.87 -2.15
N VAL C 494 41.31 2.95 -2.68
CA VAL C 494 42.51 2.36 -2.03
C VAL C 494 42.61 2.80 -0.55
N THR C 495 42.49 4.11 -0.33
CA THR C 495 42.57 4.69 1.02
C THR C 495 41.48 4.15 1.92
N VAL C 496 40.27 4.18 1.37
CA VAL C 496 39.06 3.75 2.10
C VAL C 496 39.20 2.30 2.56
N ILE C 497 39.64 1.43 1.66
CA ILE C 497 39.79 0.00 1.99
C ILE C 497 40.92 -0.26 3.00
N LYS C 498 42.09 0.33 2.75
CA LYS C 498 43.21 0.23 3.71
C LYS C 498 42.68 0.60 5.09
N ASP C 499 41.97 1.72 5.14
CA ASP C 499 41.46 2.23 6.40
C ASP C 499 40.39 1.33 7.03
N LEU C 500 39.48 0.83 6.21
CA LEU C 500 38.44 -0.08 6.72
C LEU C 500 39.09 -1.36 7.26
N LEU C 501 40.12 -1.85 6.57
CA LEU C 501 40.86 -3.03 7.07
C LEU C 501 41.59 -2.74 8.40
N GLY C 502 42.32 -1.64 8.42
CA GLY C 502 43.01 -1.20 9.64
C GLY C 502 42.00 -1.10 10.79
N LEU C 503 40.87 -0.50 10.47
CA LEU C 503 39.75 -0.34 11.43
C LEU C 503 39.27 -1.71 11.98
N CYS C 504 39.08 -2.65 11.07
CA CYS C 504 38.69 -4.02 11.44
C CYS C 504 39.75 -4.71 12.31
N GLU C 505 41.00 -4.51 11.94
CA GLU C 505 42.15 -5.05 12.71
C GLU C 505 42.05 -4.61 14.17
N GLN C 506 41.69 -3.34 14.37
CA GLN C 506 41.54 -2.77 15.73
C GLN C 506 40.39 -3.39 16.52
N LYS C 507 39.22 -3.44 15.90
CA LYS C 507 38.01 -3.94 16.60
C LYS C 507 38.05 -5.46 16.75
N ARG C 508 37.35 -5.93 17.76
CA ARG C 508 37.31 -7.34 18.11
C ARG C 508 35.91 -7.74 18.52
N GLY C 509 35.69 -9.05 18.53
CA GLY C 509 34.37 -9.61 18.85
C GLY C 509 33.49 -9.72 17.61
N LYS C 510 32.55 -10.66 17.64
CA LYS C 510 31.75 -11.04 16.46
C LYS C 510 30.89 -9.88 15.92
N ASP C 511 30.33 -9.10 16.83
CA ASP C 511 29.47 -7.96 16.47
C ASP C 511 30.22 -6.88 15.67
N ASN C 512 31.34 -6.43 16.22
CA ASN C 512 32.25 -5.50 15.50
C ASN C 512 32.63 -6.01 14.11
N LYS C 513 33.13 -7.24 14.07
CA LYS C 513 33.54 -7.90 12.81
C LYS C 513 32.39 -7.96 11.79
N ALA C 514 31.20 -8.33 12.24
CA ALA C 514 30.02 -8.36 11.35
C ALA C 514 29.79 -6.99 10.69
N VAL C 515 29.79 -5.95 11.53
CA VAL C 515 29.56 -4.55 11.12
C VAL C 515 30.57 -4.10 10.06
N VAL C 516 31.86 -4.23 10.37
CA VAL C 516 32.92 -3.80 9.45
C VAL C 516 32.92 -4.64 8.16
N ALA C 517 32.61 -5.93 8.30
CA ALA C 517 32.44 -6.83 7.15
C ALA C 517 31.38 -6.31 6.19
N SER C 518 30.21 -6.05 6.74
CA SER C 518 29.06 -5.53 5.94
C SER C 518 29.41 -4.24 5.21
N ASP C 519 30.18 -3.39 5.86
CA ASP C 519 30.52 -2.08 5.29
C ASP C 519 31.53 -2.25 4.13
N ILE C 520 32.50 -3.13 4.34
CA ILE C 520 33.53 -3.41 3.31
C ILE C 520 32.87 -4.05 2.10
N MET C 521 32.00 -5.00 2.37
CA MET C 521 31.25 -5.70 1.32
C MET C 521 30.45 -4.71 0.49
N TYR C 522 29.72 -3.83 1.18
CA TYR C 522 28.94 -2.79 0.49
C TYR C 522 29.81 -1.90 -0.40
N VAL C 523 30.93 -1.44 0.14
CA VAL C 523 31.80 -0.55 -0.61
C VAL C 523 32.35 -1.25 -1.86
N VAL C 524 32.99 -2.40 -1.69
CA VAL C 524 33.58 -3.11 -2.84
C VAL C 524 32.50 -3.43 -3.89
N GLY C 525 31.34 -3.85 -3.44
CA GLY C 525 30.23 -4.13 -4.38
C GLY C 525 29.80 -2.90 -5.18
N GLN C 526 30.08 -1.73 -4.64
CA GLN C 526 29.65 -0.49 -5.29
C GLN C 526 30.66 0.07 -6.29
N TYR C 527 31.86 -0.49 -6.29
CA TYR C 527 32.92 0.00 -7.19
C TYR C 527 33.46 -1.02 -8.19
N PRO C 528 32.58 -1.56 -9.06
CA PRO C 528 33.06 -2.51 -10.08
C PRO C 528 34.13 -1.94 -10.97
N ARG C 529 34.06 -0.66 -11.28
CA ARG C 529 35.05 -0.07 -12.21
C ARG C 529 36.44 -0.30 -11.64
N PHE C 530 36.54 -0.07 -10.34
CA PHE C 530 37.80 -0.27 -9.62
C PHE C 530 38.24 -1.73 -9.68
N LEU C 531 37.29 -2.61 -9.41
CA LEU C 531 37.54 -4.07 -9.41
C LEU C 531 38.08 -4.54 -10.77
N LYS C 532 37.49 -4.02 -11.84
CA LYS C 532 37.90 -4.38 -13.22
C LYS C 532 39.34 -4.02 -13.54
N ALA C 533 39.84 -2.99 -12.88
CA ALA C 533 41.22 -2.51 -13.06
C ALA C 533 42.20 -3.18 -12.11
N HIS C 534 41.69 -3.91 -11.13
CA HIS C 534 42.53 -4.47 -10.06
C HIS C 534 42.27 -5.92 -9.85
N TRP C 535 42.80 -6.72 -10.77
CA TRP C 535 42.51 -8.16 -10.78
C TRP C 535 42.91 -8.82 -9.48
N ASN C 536 44.17 -8.62 -9.09
CA ASN C 536 44.68 -9.21 -7.84
C ASN C 536 43.77 -8.92 -6.66
N PHE C 537 43.42 -7.67 -6.58
CA PHE C 537 42.53 -7.20 -5.53
C PHE C 537 41.18 -7.92 -5.63
N LEU C 538 40.60 -7.87 -6.81
CA LEU C 538 39.31 -8.52 -7.09
C LEU C 538 39.32 -9.99 -6.69
N ARG C 539 40.33 -10.72 -7.17
CA ARG C 539 40.48 -12.15 -6.85
C ARG C 539 40.48 -12.36 -5.32
N THR C 540 41.29 -11.58 -4.62
CA THR C 540 41.39 -11.65 -3.14
C THR C 540 40.05 -11.34 -2.47
N VAL C 541 39.36 -10.35 -2.99
CA VAL C 541 37.98 -10.02 -2.52
C VAL C 541 37.02 -11.23 -2.65
N ILE C 542 37.02 -11.88 -3.80
CA ILE C 542 36.12 -13.03 -4.04
C ILE C 542 36.42 -14.20 -3.09
N LEU C 543 37.70 -14.49 -2.93
CA LEU C 543 38.17 -15.52 -2.00
C LEU C 543 37.72 -15.25 -0.57
N LYS C 544 37.72 -13.99 -0.18
CA LYS C 544 37.27 -13.59 1.17
C LYS C 544 35.78 -13.81 1.34
N LEU C 545 35.05 -13.44 0.29
CA LEU C 545 33.60 -13.69 0.22
C LEU C 545 33.31 -15.20 0.33
N PHE C 546 34.19 -16.02 -0.22
CA PHE C 546 34.03 -17.48 -0.14
C PHE C 546 34.23 -17.93 1.30
N GLU C 547 35.20 -17.32 1.96
CA GLU C 547 35.45 -17.57 3.38
C GLU C 547 34.20 -17.25 4.20
N PHE C 548 33.60 -16.10 3.87
CA PHE C 548 32.35 -15.67 4.56
C PHE C 548 31.21 -16.64 4.33
N MET C 549 31.24 -17.35 3.21
CA MET C 549 30.21 -18.37 2.93
C MET C 549 30.23 -19.53 3.95
N HIS C 550 31.30 -19.58 4.75
CA HIS C 550 31.43 -20.52 5.91
C HIS C 550 31.20 -19.86 7.25
N GLU C 551 30.93 -18.56 7.24
CA GLU C 551 30.64 -17.81 8.48
C GLU C 551 29.47 -18.38 9.29
N THR C 552 29.67 -18.41 10.60
CA THR C 552 28.61 -18.81 11.53
C THR C 552 27.64 -17.66 11.76
N HIS C 553 28.14 -16.44 11.62
CA HIS C 553 27.24 -15.29 11.50
C HIS C 553 26.49 -15.31 10.17
N GLU C 554 25.19 -15.53 10.25
CA GLU C 554 24.33 -15.75 9.06
C GLU C 554 24.13 -14.52 8.17
N GLY C 555 24.06 -13.35 8.79
CA GLY C 555 23.90 -12.10 8.04
C GLY C 555 25.06 -11.86 7.07
N VAL C 556 26.26 -12.02 7.62
CA VAL C 556 27.52 -11.89 6.85
C VAL C 556 27.60 -12.89 5.69
N GLN C 557 27.27 -14.13 6.02
CA GLN C 557 27.19 -15.24 5.07
C GLN C 557 26.24 -14.92 3.91
N ASP C 558 25.04 -14.49 4.27
CA ASP C 558 24.02 -14.20 3.27
C ASP C 558 24.46 -13.03 2.40
N MET C 559 25.07 -12.04 3.06
CA MET C 559 25.55 -10.84 2.36
C MET C 559 26.71 -11.16 1.43
N ALA C 560 27.47 -12.18 1.79
CA ALA C 560 28.62 -12.60 0.97
C ALA C 560 28.13 -13.11 -0.38
N CYS C 561 27.08 -13.90 -0.34
CA CYS C 561 26.47 -14.45 -1.56
C CYS C 561 25.92 -13.35 -2.47
N ASP C 562 25.21 -12.40 -1.85
CA ASP C 562 24.59 -11.30 -2.62
C ASP C 562 25.66 -10.40 -3.23
N THR C 563 26.67 -10.11 -2.42
CA THR C 563 27.82 -9.31 -2.87
C THR C 563 28.55 -10.00 -4.03
N PHE C 564 28.74 -11.32 -3.89
CA PHE C 564 29.40 -12.14 -4.95
C PHE C 564 28.67 -11.98 -6.28
N ILE C 565 27.36 -12.21 -6.26
CA ILE C 565 26.61 -12.13 -7.53
C ILE C 565 26.56 -10.67 -8.03
N LYS C 566 26.44 -9.72 -7.10
CA LYS C 566 26.44 -8.28 -7.48
C LYS C 566 27.71 -7.89 -8.23
N ILE C 567 28.86 -8.34 -7.73
CA ILE C 567 30.15 -8.10 -8.39
C ILE C 567 30.21 -8.81 -9.76
N VAL C 568 29.77 -10.06 -9.78
CA VAL C 568 29.80 -10.88 -11.00
C VAL C 568 28.91 -10.28 -12.11
N GLN C 569 27.75 -9.79 -11.72
CA GLN C 569 26.85 -9.11 -12.69
C GLN C 569 27.58 -8.01 -13.46
N LYS C 570 28.54 -7.37 -12.82
CA LYS C 570 29.30 -6.27 -13.45
C LYS C 570 30.68 -6.63 -13.97
N CYS C 571 31.31 -7.63 -13.38
CA CYS C 571 32.72 -7.93 -13.67
C CYS C 571 32.98 -9.31 -14.29
N LYS C 572 31.90 -10.00 -14.66
CA LYS C 572 31.99 -11.40 -15.18
C LYS C 572 33.09 -11.66 -16.22
N TYR C 573 33.33 -10.66 -17.07
CA TYR C 573 34.34 -10.79 -18.13
C TYR C 573 35.72 -11.13 -17.57
N HIS C 574 36.02 -10.57 -16.41
CA HIS C 574 37.32 -10.81 -15.75
C HIS C 574 37.42 -12.14 -15.06
N PHE C 575 36.32 -12.87 -15.04
CA PHE C 575 36.31 -14.25 -14.50
C PHE C 575 36.40 -15.28 -15.60
N VAL C 576 36.02 -14.89 -16.81
CA VAL C 576 35.96 -15.84 -17.92
C VAL C 576 37.30 -15.93 -18.67
N ILE C 577 38.03 -14.83 -18.72
CA ILE C 577 39.36 -14.80 -19.39
C ILE C 577 40.45 -15.27 -18.43
N GLN C 578 41.57 -15.69 -18.99
CA GLN C 578 42.75 -16.05 -18.19
C GLN C 578 43.60 -14.80 -17.96
N GLN C 579 43.74 -14.42 -16.70
CA GLN C 579 44.42 -13.16 -16.34
C GLN C 579 45.93 -13.35 -16.38
N PRO C 580 46.69 -12.26 -16.56
CA PRO C 580 48.12 -12.47 -16.60
C PRO C 580 48.61 -13.07 -15.29
N ARG C 581 49.63 -13.90 -15.37
CA ARG C 581 50.23 -14.51 -14.17
C ARG C 581 49.29 -15.48 -13.45
N GLU C 582 48.14 -15.75 -14.06
CA GLU C 582 47.21 -16.82 -13.64
C GLU C 582 47.27 -17.99 -14.61
N SER C 583 47.09 -19.20 -14.07
CA SER C 583 47.23 -20.46 -14.85
C SER C 583 45.93 -20.96 -15.49
N GLU C 584 44.81 -20.29 -15.17
CA GLU C 584 43.48 -20.66 -15.69
C GLU C 584 42.47 -19.54 -15.48
N PRO C 585 41.45 -19.43 -16.35
CA PRO C 585 40.36 -18.53 -16.03
C PRO C 585 39.81 -18.82 -14.64
N PHE C 586 39.41 -17.78 -13.91
CA PHE C 586 39.01 -17.94 -12.50
C PHE C 586 37.73 -18.77 -12.39
N ILE C 587 36.88 -18.68 -13.41
CA ILE C 587 35.68 -19.53 -13.45
C ILE C 587 36.06 -21.00 -13.28
N GLN C 588 37.16 -21.41 -13.88
CA GLN C 588 37.60 -22.79 -13.77
C GLN C 588 37.89 -23.09 -12.29
N THR C 589 38.54 -22.14 -11.64
CA THR C 589 38.90 -22.27 -10.22
C THR C 589 37.66 -22.38 -9.34
N ILE C 590 36.70 -21.53 -9.64
CA ILE C 590 35.41 -21.46 -8.89
C ILE C 590 34.64 -22.78 -8.99
N ILE C 591 34.45 -23.23 -10.22
CA ILE C 591 33.80 -24.52 -10.47
C ILE C 591 34.51 -25.71 -9.80
N ARG C 592 35.83 -25.80 -9.95
CA ARG C 592 36.59 -26.95 -9.37
C ARG C 592 36.36 -27.12 -7.87
N ASP C 593 36.20 -26.00 -7.18
CA ASP C 593 36.09 -25.97 -5.70
C ASP C 593 34.69 -25.71 -5.15
N ILE C 594 33.71 -25.77 -6.05
CA ILE C 594 32.32 -25.41 -5.74
C ILE C 594 31.70 -26.19 -4.55
N GLN C 595 32.04 -27.47 -4.43
CA GLN C 595 31.50 -28.29 -3.33
C GLN C 595 31.99 -27.77 -1.96
N LYS C 596 33.30 -27.53 -1.85
CA LYS C 596 33.88 -26.91 -0.63
C LYS C 596 33.26 -25.54 -0.33
N THR C 597 33.19 -24.70 -1.33
CA THR C 597 32.82 -23.28 -1.13
C THR C 597 31.41 -23.09 -0.60
N THR C 598 30.50 -23.85 -1.21
CA THR C 598 29.08 -23.77 -0.91
C THR C 598 28.63 -24.79 0.14
N ALA C 599 29.57 -25.54 0.71
CA ALA C 599 29.21 -26.64 1.67
C ALA C 599 28.27 -26.17 2.80
N ASP C 600 28.56 -25.01 3.38
CA ASP C 600 27.80 -24.48 4.55
C ASP C 600 26.62 -23.55 4.23
N LEU C 601 26.36 -23.36 2.94
CA LEU C 601 25.29 -22.48 2.51
C LEU C 601 23.93 -23.16 2.59
N GLN C 602 22.89 -22.35 2.79
CA GLN C 602 21.50 -22.83 2.67
C GLN C 602 21.22 -23.09 1.18
N PRO C 603 20.31 -24.02 0.85
CA PRO C 603 20.07 -24.34 -0.57
C PRO C 603 19.90 -23.15 -1.52
N GLN C 604 19.06 -22.19 -1.14
CA GLN C 604 18.80 -21.04 -2.03
C GLN C 604 20.08 -20.19 -2.24
N GLN C 605 20.94 -20.15 -1.24
CA GLN C 605 22.24 -19.47 -1.40
C GLN C 605 23.11 -20.22 -2.42
N VAL C 606 23.06 -21.54 -2.33
CA VAL C 606 23.76 -22.41 -3.30
C VAL C 606 23.27 -22.11 -4.72
N HIS C 607 21.98 -21.86 -4.85
CA HIS C 607 21.37 -21.64 -6.17
C HIS C 607 21.81 -20.32 -6.74
N THR C 608 21.81 -19.30 -5.88
CA THR C 608 22.35 -17.96 -6.19
C THR C 608 23.79 -18.09 -6.67
N PHE C 609 24.57 -18.89 -5.95
CA PHE C 609 25.99 -19.11 -6.31
C PHE C 609 26.14 -19.72 -7.71
N TYR C 610 25.35 -20.74 -7.97
CA TYR C 610 25.26 -21.36 -9.31
C TYR C 610 24.74 -20.38 -10.35
N LYS C 611 23.77 -19.55 -9.98
CA LYS C 611 23.28 -18.51 -10.90
C LYS C 611 24.43 -17.58 -11.31
N ALA C 612 25.25 -17.18 -10.34
CA ALA C 612 26.39 -16.28 -10.63
C ALA C 612 27.39 -16.91 -11.61
N CYS C 613 27.65 -18.19 -11.41
CA CYS C 613 28.55 -18.93 -12.31
C CYS C 613 28.01 -18.90 -13.74
N GLY C 614 26.70 -19.08 -13.86
CA GLY C 614 26.01 -19.00 -15.15
C GLY C 614 26.24 -17.70 -15.88
N ILE C 615 26.22 -16.60 -15.14
CA ILE C 615 26.50 -15.27 -15.73
C ILE C 615 27.88 -15.22 -16.38
N ILE C 616 28.86 -15.74 -15.66
CA ILE C 616 30.26 -15.80 -16.14
C ILE C 616 30.38 -16.67 -17.39
N ILE C 617 29.83 -17.87 -17.29
CA ILE C 617 29.89 -18.85 -18.37
C ILE C 617 29.29 -18.31 -19.67
N SER C 618 28.20 -17.56 -19.54
CA SER C 618 27.55 -16.95 -20.71
C SER C 618 28.41 -15.87 -21.41
N GLU C 619 29.45 -15.43 -20.73
CA GLU C 619 30.46 -14.54 -21.36
C GLU C 619 31.27 -15.22 -22.44
N GLU C 620 31.43 -16.53 -22.29
CA GLU C 620 32.18 -17.33 -23.27
C GLU C 620 31.33 -17.51 -24.51
N ARG C 621 31.74 -16.87 -25.60
CA ARG C 621 30.94 -16.89 -26.84
C ARG C 621 31.31 -18.04 -27.76
N SER C 622 32.45 -18.66 -27.51
CA SER C 622 32.78 -19.88 -28.23
C SER C 622 31.89 -21.02 -27.72
N VAL C 623 31.07 -21.57 -28.62
CA VAL C 623 30.02 -22.55 -28.25
C VAL C 623 30.59 -23.80 -27.55
N ALA C 624 31.65 -24.38 -28.11
CA ALA C 624 32.30 -25.57 -27.51
C ALA C 624 32.74 -25.32 -26.07
N GLU C 625 33.49 -24.24 -25.87
CA GLU C 625 34.02 -23.90 -24.53
C GLU C 625 32.91 -23.62 -23.54
N ARG C 626 31.90 -22.91 -24.02
CA ARG C 626 30.78 -22.51 -23.16
C ARG C 626 30.04 -23.74 -22.65
N ASN C 627 29.71 -24.62 -23.58
CA ASN C 627 29.03 -25.89 -23.25
C ASN C 627 29.84 -26.76 -22.31
N ARG C 628 31.15 -26.76 -22.52
CA ARG C 628 32.05 -27.51 -21.64
C ARG C 628 32.00 -26.92 -20.22
N LEU C 629 32.06 -25.60 -20.12
CA LEU C 629 31.96 -24.91 -18.80
C LEU C 629 30.62 -25.23 -18.11
N LEU C 630 29.57 -25.20 -18.90
CA LEU C 630 28.19 -25.47 -18.41
C LEU C 630 28.12 -26.91 -17.85
N SER C 631 28.59 -27.83 -18.67
CA SER C 631 28.74 -29.23 -18.28
C SER C 631 29.50 -29.38 -16.95
N ASP C 632 30.66 -28.73 -16.86
CA ASP C 632 31.50 -28.75 -15.64
C ASP C 632 30.73 -28.16 -14.45
N LEU C 633 30.02 -27.06 -14.69
CA LEU C 633 29.27 -26.41 -13.61
C LEU C 633 28.22 -27.37 -13.05
N MET C 634 27.55 -28.07 -13.95
CA MET C 634 26.40 -28.92 -13.58
C MET C 634 26.79 -30.32 -13.13
N GLN C 635 28.08 -30.53 -12.92
CA GLN C 635 28.61 -31.87 -12.65
C GLN C 635 27.92 -32.47 -11.42
N LEU C 636 27.96 -31.75 -10.30
CA LEU C 636 27.33 -32.24 -9.06
C LEU C 636 25.81 -32.46 -9.19
N PRO C 637 25.05 -31.42 -9.57
CA PRO C 637 23.63 -31.70 -9.77
C PRO C 637 23.32 -32.80 -10.82
N ASN C 638 24.10 -32.88 -11.88
CA ASN C 638 23.90 -33.94 -12.91
C ASN C 638 24.23 -35.36 -12.42
N MET C 639 25.16 -35.47 -11.49
CA MET C 639 25.52 -36.82 -10.98
C MET C 639 24.51 -37.28 -9.95
N ALA C 640 24.07 -36.36 -9.11
CA ALA C 640 22.94 -36.61 -8.21
C ALA C 640 21.72 -37.07 -9.01
N TRP C 641 21.49 -36.35 -10.10
CA TRP C 641 20.35 -36.59 -10.98
C TRP C 641 20.39 -37.96 -11.59
N ASP C 642 21.54 -38.30 -12.13
CA ASP C 642 21.70 -39.59 -12.82
C ASP C 642 21.37 -40.72 -11.86
N THR C 643 21.93 -40.64 -10.66
CA THR C 643 21.70 -41.68 -9.66
C THR C 643 20.22 -41.73 -9.24
N ILE C 644 19.60 -40.58 -9.11
CA ILE C 644 18.17 -40.55 -8.76
C ILE C 644 17.32 -41.18 -9.85
N VAL C 645 17.66 -40.89 -11.09
CA VAL C 645 16.89 -41.41 -12.22
C VAL C 645 16.91 -42.93 -12.25
N GLU C 646 18.05 -43.51 -11.90
CA GLU C 646 18.16 -44.97 -11.81
C GLU C 646 17.19 -45.50 -10.76
N GLN C 647 17.20 -44.85 -9.62
CA GLN C 647 16.37 -45.30 -8.50
C GLN C 647 14.87 -45.21 -8.79
N SER C 648 14.46 -44.11 -9.40
CA SER C 648 13.05 -43.93 -9.75
C SER C 648 12.62 -44.97 -10.78
N THR C 649 13.48 -45.19 -11.76
CA THR C 649 13.17 -46.16 -12.80
C THR C 649 13.04 -47.54 -12.19
N ALA C 650 13.93 -47.85 -11.27
CA ALA C 650 13.92 -49.18 -10.65
C ALA C 650 12.60 -49.39 -9.90
N ASN C 651 12.22 -48.42 -9.10
CA ASN C 651 10.94 -48.46 -8.42
C ASN C 651 10.47 -47.09 -7.96
N PRO C 652 9.17 -46.83 -8.04
CA PRO C 652 8.58 -45.57 -7.63
C PRO C 652 8.55 -45.28 -6.13
N THR C 653 8.79 -46.31 -5.33
CA THR C 653 8.76 -46.20 -3.87
C THR C 653 9.82 -45.25 -3.28
N LEU C 654 11.00 -45.27 -3.85
CA LEU C 654 12.13 -44.49 -3.30
C LEU C 654 11.89 -42.98 -3.34
N LEU C 655 11.15 -42.57 -4.35
CA LEU C 655 10.75 -41.18 -4.49
C LEU C 655 9.92 -40.81 -3.28
N LEU C 656 9.33 -41.83 -2.69
CA LEU C 656 8.49 -41.66 -1.53
C LEU C 656 9.28 -41.00 -0.41
N ASP C 657 10.56 -41.28 -0.38
CA ASP C 657 11.43 -40.81 0.68
C ASP C 657 11.45 -39.28 0.70
N SER C 658 11.26 -38.71 1.87
CA SER C 658 11.22 -37.25 2.00
C SER C 658 12.55 -36.59 1.66
N GLU C 659 13.63 -37.24 2.05
CA GLU C 659 14.98 -36.73 1.78
C GLU C 659 15.26 -36.67 0.28
N THR C 660 14.72 -37.66 -0.42
CA THR C 660 14.96 -37.82 -1.87
C THR C 660 14.21 -36.72 -2.62
N VAL C 661 13.02 -36.44 -2.15
CA VAL C 661 12.17 -35.37 -2.68
C VAL C 661 12.85 -34.01 -2.59
N LYS C 662 13.44 -33.75 -1.44
CA LYS C 662 14.21 -32.53 -1.21
C LYS C 662 15.44 -32.47 -2.11
N ILE C 663 16.13 -33.59 -2.25
CA ILE C 663 17.29 -33.66 -3.14
C ILE C 663 16.88 -33.29 -4.58
N ILE C 664 15.78 -33.88 -5.03
CA ILE C 664 15.30 -33.68 -6.41
C ILE C 664 14.95 -32.23 -6.66
N ALA C 665 14.14 -31.70 -5.76
CA ALA C 665 13.71 -30.30 -5.76
C ALA C 665 14.91 -29.36 -5.86
N ASN C 666 15.94 -29.61 -5.06
CA ASN C 666 17.15 -28.76 -5.09
C ASN C 666 17.95 -28.88 -6.40
N ILE C 667 17.91 -30.06 -7.00
CA ILE C 667 18.55 -30.27 -8.32
C ILE C 667 17.86 -29.40 -9.37
N ILE C 668 16.53 -29.47 -9.39
CA ILE C 668 15.73 -28.69 -10.37
C ILE C 668 15.91 -27.18 -10.15
N LYS C 669 15.85 -26.77 -8.90
CA LYS C 669 16.07 -25.36 -8.54
C LYS C 669 17.45 -24.87 -9.02
N THR C 670 18.46 -25.70 -8.84
CA THR C 670 19.81 -25.38 -9.33
C THR C 670 19.81 -25.15 -10.84
N ASN C 671 19.12 -26.04 -11.54
CA ASN C 671 18.91 -25.90 -13.01
C ASN C 671 18.15 -24.61 -13.32
N VAL C 672 17.11 -24.32 -12.55
CA VAL C 672 16.34 -23.06 -12.73
C VAL C 672 17.25 -21.84 -12.58
N ALA C 673 18.11 -21.88 -11.57
CA ALA C 673 19.03 -20.78 -11.25
C ALA C 673 19.98 -20.49 -12.42
N VAL C 674 20.60 -21.55 -12.91
CA VAL C 674 21.58 -21.45 -14.00
C VAL C 674 20.89 -21.04 -15.30
N CYS C 675 19.67 -21.52 -15.47
CA CYS C 675 18.91 -21.22 -16.70
C CYS C 675 18.50 -19.76 -16.73
N THR C 676 18.22 -19.26 -15.54
CA THR C 676 17.84 -17.85 -15.36
C THR C 676 18.92 -16.91 -15.87
N SER C 677 20.16 -17.19 -15.54
CA SER C 677 21.29 -16.34 -16.00
C SER C 677 21.83 -16.68 -17.40
N MET C 678 21.72 -17.93 -17.80
CA MET C 678 22.27 -18.32 -19.12
C MET C 678 21.26 -18.23 -20.27
N GLY C 679 19.98 -18.23 -19.93
CA GLY C 679 18.91 -18.10 -20.93
C GLY C 679 19.03 -19.09 -22.08
N ALA C 680 19.04 -18.56 -23.30
CA ALA C 680 19.23 -19.35 -24.53
C ALA C 680 20.42 -20.33 -24.44
N ASP C 681 21.49 -19.92 -23.78
CA ASP C 681 22.73 -20.76 -23.71
C ASP C 681 22.54 -22.06 -22.92
N PHE C 682 21.46 -22.15 -22.16
CA PHE C 682 21.20 -23.28 -21.22
C PHE C 682 20.78 -24.56 -21.92
N TYR C 683 20.38 -24.42 -23.17
CA TYR C 683 19.75 -25.51 -23.93
C TYR C 683 20.45 -26.88 -23.82
N PRO C 684 21.78 -26.96 -23.97
CA PRO C 684 22.38 -28.29 -23.88
C PRO C 684 22.16 -28.99 -22.54
N GLN C 685 22.21 -28.22 -21.46
CA GLN C 685 21.98 -28.78 -20.12
C GLN C 685 20.51 -29.18 -19.96
N LEU C 686 19.61 -28.38 -20.53
CA LEU C 686 18.19 -28.76 -20.53
C LEU C 686 17.98 -30.10 -21.23
N GLY C 687 18.62 -30.23 -22.39
CA GLY C 687 18.52 -31.45 -23.20
C GLY C 687 19.07 -32.69 -22.50
N HIS C 688 20.06 -32.48 -21.64
CA HIS C 688 20.59 -33.59 -20.84
C HIS C 688 19.53 -34.18 -19.94
N ILE C 689 18.71 -33.36 -19.32
CA ILE C 689 17.80 -33.88 -18.26
C ILE C 689 16.37 -34.05 -18.73
N TYR C 690 16.06 -33.52 -19.90
CA TYR C 690 14.66 -33.19 -20.28
C TYR C 690 13.70 -34.37 -20.30
N TYR C 691 14.08 -35.44 -21.00
CA TYR C 691 13.19 -36.59 -21.12
CA TYR C 691 13.26 -36.67 -21.12
C TYR C 691 12.96 -37.27 -19.76
N ASN C 692 14.02 -37.50 -19.00
CA ASN C 692 13.86 -38.08 -17.66
C ASN C 692 13.09 -37.18 -16.70
N MET C 693 13.28 -35.88 -16.86
CA MET C 693 12.58 -34.87 -16.05
C MET C 693 11.07 -34.94 -16.27
N LEU C 694 10.65 -35.10 -17.53
CA LEU C 694 9.20 -35.22 -17.84
C LEU C 694 8.63 -36.56 -17.38
N GLN C 695 9.43 -37.62 -17.47
CA GLN C 695 9.10 -38.90 -16.87
C GLN C 695 8.88 -38.75 -15.36
N LEU C 696 9.81 -38.04 -14.72
CA LEU C 696 9.74 -37.81 -13.27
C LEU C 696 8.50 -36.98 -12.89
N TYR C 697 8.17 -35.98 -13.71
CA TYR C 697 6.93 -35.19 -13.57
C TYR C 697 5.68 -36.12 -13.47
N ARG C 698 5.65 -37.09 -14.37
CA ARG C 698 4.57 -38.09 -14.41
C ARG C 698 4.54 -38.97 -13.16
N ALA C 699 5.71 -39.49 -12.80
CA ALA C 699 5.82 -40.41 -11.65
C ALA C 699 5.34 -39.71 -10.37
N VAL C 700 5.84 -38.50 -10.21
CA VAL C 700 5.49 -37.64 -9.06
C VAL C 700 3.99 -37.27 -9.05
N SER C 701 3.45 -36.99 -10.22
CA SER C 701 2.01 -36.77 -10.37
C SER C 701 1.18 -37.97 -9.90
N SER C 702 1.64 -39.17 -10.24
CA SER C 702 0.93 -40.41 -9.82
C SER C 702 0.94 -40.52 -8.29
N MET C 703 2.13 -40.31 -7.72
CA MET C 703 2.28 -40.27 -6.25
C MET C 703 1.29 -39.32 -5.57
N ILE C 704 1.17 -38.10 -6.09
CA ILE C 704 0.26 -37.09 -5.50
C ILE C 704 -1.18 -37.57 -5.54
N SER C 705 -1.59 -37.97 -6.73
CA SER C 705 -2.92 -38.54 -6.98
C SER C 705 -3.21 -39.71 -6.04
N ALA C 706 -2.25 -40.64 -5.95
CA ALA C 706 -2.36 -41.80 -5.04
C ALA C 706 -2.52 -41.39 -3.58
N GLN C 707 -1.76 -40.38 -3.18
CA GLN C 707 -1.81 -39.90 -1.81
C GLN C 707 -3.20 -39.28 -1.49
N VAL C 708 -3.71 -38.50 -2.43
CA VAL C 708 -5.05 -37.89 -2.27
C VAL C 708 -6.14 -38.96 -2.18
N ALA C 709 -6.08 -39.95 -3.07
CA ALA C 709 -7.02 -41.07 -3.06
C ALA C 709 -7.00 -41.77 -1.69
N ALA C 710 -5.79 -42.02 -1.22
CA ALA C 710 -5.56 -42.77 0.05
C ALA C 710 -5.84 -41.97 1.33
N GLU C 711 -5.54 -40.68 1.33
CA GLU C 711 -5.62 -39.87 2.57
C GLU C 711 -6.66 -38.77 2.58
N GLY C 712 -7.24 -38.51 1.42
CA GLY C 712 -8.19 -37.38 1.30
C GLY C 712 -7.51 -36.09 0.84
N LEU C 713 -8.32 -35.09 0.54
CA LEU C 713 -7.80 -33.76 0.09
C LEU C 713 -6.74 -33.20 1.05
N ILE C 714 -6.94 -33.45 2.33
CA ILE C 714 -6.02 -32.98 3.38
C ILE C 714 -4.57 -33.40 3.09
N ALA C 715 -4.39 -34.46 2.31
CA ALA C 715 -3.04 -34.90 1.85
C ALA C 715 -2.25 -33.77 1.17
N THR C 716 -2.97 -32.86 0.52
CA THR C 716 -2.32 -31.75 -0.21
C THR C 716 -1.57 -30.82 0.75
N LYS C 717 -1.94 -30.89 2.02
CA LYS C 717 -1.37 -30.01 3.06
C LYS C 717 -0.10 -30.58 3.68
N THR C 718 0.11 -31.85 3.45
CA THR C 718 1.23 -32.57 4.05
C THR C 718 2.59 -32.13 3.45
N PRO C 719 3.65 -32.16 4.28
CA PRO C 719 5.01 -31.92 3.83
C PRO C 719 5.37 -32.75 2.59
N LYS C 720 5.06 -34.03 2.67
CA LYS C 720 5.32 -34.97 1.56
C LYS C 720 4.73 -34.49 0.24
N VAL C 721 3.43 -34.23 0.26
CA VAL C 721 2.71 -33.84 -0.96
C VAL C 721 3.11 -32.42 -1.42
N ARG C 722 3.32 -31.50 -0.49
CA ARG C 722 3.81 -30.16 -0.87
C ARG C 722 5.20 -30.31 -1.52
N GLY C 723 6.01 -31.20 -0.96
CA GLY C 723 7.35 -31.47 -1.53
C GLY C 723 7.28 -32.07 -2.93
N LEU C 724 6.34 -32.98 -3.13
CA LEU C 724 6.12 -33.57 -4.46
C LEU C 724 5.65 -32.51 -5.46
N ARG C 725 4.72 -31.67 -5.03
CA ARG C 725 4.25 -30.56 -5.89
C ARG C 725 5.35 -29.53 -6.18
N THR C 726 6.22 -29.28 -5.22
CA THR C 726 7.38 -28.38 -5.44
C THR C 726 8.19 -28.86 -6.65
N ILE C 727 8.41 -30.17 -6.71
CA ILE C 727 9.09 -30.79 -7.85
C ILE C 727 8.36 -30.44 -9.16
N LYS C 728 7.06 -30.65 -9.17
CA LYS C 728 6.25 -30.37 -10.38
C LYS C 728 6.39 -28.89 -10.76
N LYS C 729 6.17 -28.04 -9.77
CA LYS C 729 6.23 -26.59 -9.94
C LYS C 729 7.60 -26.10 -10.44
N GLU C 730 8.67 -26.65 -9.88
CA GLU C 730 10.04 -26.27 -10.32
C GLU C 730 10.33 -26.71 -11.76
N ILE C 731 9.82 -27.90 -12.11
CA ILE C 731 9.92 -28.41 -13.49
C ILE C 731 9.20 -27.46 -14.45
N LEU C 732 7.98 -27.06 -14.10
CA LEU C 732 7.24 -26.09 -14.90
C LEU C 732 8.04 -24.76 -15.04
N LYS C 733 8.60 -24.30 -13.93
CA LYS C 733 9.38 -23.05 -13.87
C LYS C 733 10.62 -23.11 -14.75
N LEU C 734 11.30 -24.25 -14.69
CA LEU C 734 12.51 -24.45 -15.52
C LEU C 734 12.17 -24.33 -17.04
N VAL C 735 11.06 -24.93 -17.45
CA VAL C 735 10.68 -24.94 -18.87
C VAL C 735 10.21 -23.55 -19.31
N GLU C 736 9.42 -22.94 -18.46
CA GLU C 736 8.93 -21.57 -18.66
C GLU C 736 10.12 -20.63 -18.83
N THR C 737 11.06 -20.71 -17.90
CA THR C 737 12.26 -19.85 -17.90
C THR C 737 13.04 -20.01 -19.20
N TYR C 738 13.32 -21.27 -19.55
CA TYR C 738 14.05 -21.53 -20.79
C TYR C 738 13.27 -20.99 -22.01
N ILE C 739 12.03 -21.42 -22.15
CA ILE C 739 11.22 -21.02 -23.31
C ILE C 739 11.06 -19.50 -23.43
N SER C 740 11.00 -18.82 -22.29
CA SER C 740 10.83 -17.35 -22.30
C SER C 740 12.06 -16.65 -22.90
N LYS C 741 13.20 -17.32 -22.81
CA LYS C 741 14.48 -16.77 -23.31
C LYS C 741 15.01 -17.43 -24.59
N ALA C 742 14.36 -18.50 -25.04
CA ALA C 742 14.85 -19.31 -26.16
C ALA C 742 15.05 -18.48 -27.42
N ARG C 743 16.15 -18.72 -28.11
CA ARG C 743 16.38 -18.07 -29.42
C ARG C 743 16.10 -19.03 -30.58
N ASN C 744 16.25 -20.31 -30.32
CA ASN C 744 15.87 -21.34 -31.32
C ASN C 744 14.46 -21.85 -31.07
N LEU C 745 13.51 -21.15 -31.68
CA LEU C 745 12.09 -21.50 -31.55
C LEU C 745 11.75 -22.81 -32.23
N ASP C 746 12.48 -23.12 -33.29
CA ASP C 746 12.26 -24.41 -34.01
C ASP C 746 12.46 -25.60 -33.07
N ASP C 747 13.53 -25.56 -32.29
CA ASP C 747 13.84 -26.63 -31.32
C ASP C 747 12.81 -26.69 -30.20
N VAL C 748 12.32 -25.53 -29.82
CA VAL C 748 11.25 -25.47 -28.80
C VAL C 748 10.06 -26.30 -29.24
N VAL C 749 9.61 -26.00 -30.46
CA VAL C 749 8.45 -26.65 -31.04
C VAL C 749 8.71 -28.12 -31.40
N LYS C 750 9.86 -28.38 -32.01
CA LYS C 750 10.19 -29.71 -32.56
CA LYS C 750 10.14 -29.73 -32.55
C LYS C 750 10.59 -30.72 -31.47
N VAL C 751 11.15 -30.21 -30.39
CA VAL C 751 11.73 -31.06 -29.31
C VAL C 751 11.03 -30.94 -27.94
N LEU C 752 10.67 -29.72 -27.57
CA LEU C 752 10.20 -29.42 -26.20
C LEU C 752 8.68 -29.50 -26.03
N VAL C 753 7.97 -28.90 -26.96
CA VAL C 753 6.50 -28.69 -26.82
C VAL C 753 5.66 -29.96 -26.71
N GLU C 754 5.80 -30.87 -27.66
CA GLU C 754 4.99 -32.10 -27.68
CA GLU C 754 5.02 -32.14 -27.69
C GLU C 754 5.16 -32.92 -26.39
N PRO C 755 6.42 -33.23 -25.99
CA PRO C 755 6.48 -33.98 -24.74
C PRO C 755 5.95 -33.20 -23.53
N LEU C 756 6.14 -31.88 -23.54
CA LEU C 756 5.65 -31.05 -22.41
C LEU C 756 4.12 -31.10 -22.28
N LEU C 757 3.44 -30.89 -23.40
CA LEU C 757 1.97 -30.91 -23.42
C LEU C 757 1.46 -32.29 -22.98
N ASN C 758 2.09 -33.32 -23.53
CA ASN C 758 1.75 -34.71 -23.24
C ASN C 758 1.88 -34.98 -21.74
N ALA C 759 2.98 -34.51 -21.18
CA ALA C 759 3.25 -34.68 -19.73
C ALA C 759 2.35 -33.88 -18.79
N VAL C 760 1.92 -32.70 -19.19
CA VAL C 760 1.28 -31.75 -18.22
C VAL C 760 -0.24 -31.52 -18.32
N LEU C 761 -0.79 -31.63 -19.51
CA LEU C 761 -2.18 -31.20 -19.76
C LEU C 761 -3.22 -32.13 -19.15
N GLU C 762 -3.13 -33.39 -19.52
CA GLU C 762 -4.05 -34.42 -19.04
C GLU C 762 -3.95 -34.59 -17.53
N ASP C 763 -2.71 -34.54 -17.03
CA ASP C 763 -2.49 -34.55 -15.59
C ASP C 763 -3.25 -33.42 -14.88
N TYR C 764 -3.19 -32.23 -15.47
CA TYR C 764 -3.89 -31.08 -14.89
C TYR C 764 -5.40 -31.29 -14.96
N MET C 765 -5.87 -31.58 -16.17
CA MET C 765 -7.32 -31.79 -16.45
C MET C 765 -7.93 -32.88 -15.58
N ASN C 766 -7.18 -33.96 -15.38
CA ASN C 766 -7.71 -35.13 -14.66
C ASN C 766 -7.42 -35.26 -13.15
N ASN C 767 -6.78 -34.24 -12.57
CA ASN C 767 -6.66 -34.12 -11.10
C ASN C 767 -7.87 -33.42 -10.49
N VAL C 768 -8.15 -33.71 -9.22
CA VAL C 768 -9.15 -32.90 -8.48
C VAL C 768 -8.68 -31.45 -8.43
N PRO C 769 -9.61 -30.49 -8.33
CA PRO C 769 -9.26 -29.07 -8.29
C PRO C 769 -8.11 -28.69 -7.36
N ASP C 770 -8.14 -29.21 -6.14
CA ASP C 770 -7.14 -28.84 -5.11
C ASP C 770 -5.75 -29.38 -5.36
N ALA C 771 -5.62 -30.23 -6.37
CA ALA C 771 -4.33 -30.85 -6.70
C ALA C 771 -3.74 -30.28 -7.98
N ARG C 772 -4.50 -29.41 -8.64
CA ARG C 772 -4.05 -28.75 -9.87
C ARG C 772 -3.10 -27.56 -9.60
N ASP C 773 -1.97 -27.58 -10.28
CA ASP C 773 -0.99 -26.49 -10.15
C ASP C 773 -1.29 -25.31 -11.08
N ALA C 774 -1.41 -24.12 -10.50
CA ALA C 774 -1.70 -22.90 -11.29
C ALA C 774 -0.54 -22.61 -12.24
N GLU C 775 0.63 -23.07 -11.84
CA GLU C 775 1.89 -22.93 -12.59
C GLU C 775 1.81 -23.55 -14.00
N VAL C 776 1.04 -24.62 -14.13
CA VAL C 776 0.78 -25.22 -15.44
C VAL C 776 0.28 -24.12 -16.38
N LEU C 777 -0.69 -23.36 -15.89
CA LEU C 777 -1.30 -22.27 -16.66
C LEU C 777 -0.25 -21.22 -17.01
N ASN C 778 0.57 -20.89 -16.02
CA ASN C 778 1.66 -19.93 -16.21
C ASN C 778 2.68 -20.44 -17.22
N CYS C 779 3.02 -21.71 -17.13
CA CYS C 779 3.91 -22.29 -18.13
C CYS C 779 3.32 -22.19 -19.54
N MET C 780 2.04 -22.50 -19.66
CA MET C 780 1.38 -22.50 -20.98
C MET C 780 1.28 -21.11 -21.60
N THR C 781 1.11 -20.09 -20.76
CA THR C 781 1.08 -18.70 -21.25
C THR C 781 2.35 -18.37 -22.01
N THR C 782 3.48 -18.69 -21.40
CA THR C 782 4.80 -18.48 -22.04
C THR C 782 4.95 -19.29 -23.32
N VAL C 783 4.50 -20.54 -23.27
CA VAL C 783 4.55 -21.41 -24.46
C VAL C 783 3.75 -20.78 -25.62
N VAL C 784 2.54 -20.32 -25.32
CA VAL C 784 1.70 -19.66 -26.35
C VAL C 784 2.31 -18.33 -26.83
N GLU C 785 2.78 -17.55 -25.88
CA GLU C 785 3.43 -16.26 -26.17
C GLU C 785 4.58 -16.42 -27.17
N LYS C 786 5.41 -17.43 -26.95
CA LYS C 786 6.68 -17.56 -27.70
C LYS C 786 6.57 -18.35 -28.98
N VAL C 787 5.84 -19.45 -28.92
CA VAL C 787 5.68 -20.28 -30.12
C VAL C 787 4.23 -20.53 -30.56
N GLY C 788 3.30 -19.81 -29.96
CA GLY C 788 1.85 -20.01 -30.19
C GLY C 788 1.48 -20.08 -31.66
N HIS C 789 1.97 -19.10 -32.41
CA HIS C 789 1.80 -19.05 -33.89
C HIS C 789 2.28 -20.29 -34.61
N MET C 790 3.28 -20.96 -34.06
CA MET C 790 3.85 -22.16 -34.71
C MET C 790 3.15 -23.48 -34.33
N ILE C 791 2.26 -23.42 -33.35
CA ILE C 791 1.60 -24.65 -32.84
C ILE C 791 0.05 -24.56 -32.69
N PRO C 792 -0.66 -24.29 -33.79
CA PRO C 792 -2.12 -24.12 -33.71
C PRO C 792 -2.86 -25.30 -33.09
N GLN C 793 -2.45 -26.52 -33.43
CA GLN C 793 -3.11 -27.72 -32.86
C GLN C 793 -2.77 -27.86 -31.38
N GLY C 794 -1.54 -27.50 -31.03
CA GLY C 794 -1.11 -27.45 -29.61
C GLY C 794 -1.92 -26.49 -28.75
N VAL C 795 -2.27 -25.34 -29.30
CA VAL C 795 -3.03 -24.34 -28.53
C VAL C 795 -4.46 -24.82 -28.28
N ILE C 796 -5.00 -25.48 -29.30
CA ILE C 796 -6.30 -26.13 -29.21
C ILE C 796 -6.27 -27.15 -28.07
N LEU C 797 -5.17 -27.87 -27.99
CA LEU C 797 -4.99 -28.91 -26.97
C LEU C 797 -4.94 -28.28 -25.55
N ILE C 798 -4.25 -27.15 -25.47
CA ILE C 798 -4.15 -26.44 -24.19
C ILE C 798 -5.52 -25.95 -23.75
N LEU C 799 -6.24 -25.31 -24.65
CA LEU C 799 -7.61 -24.87 -24.32
C LEU C 799 -8.48 -26.04 -23.83
N GLN C 800 -8.54 -27.09 -24.65
CA GLN C 800 -9.37 -28.27 -24.34
C GLN C 800 -9.06 -28.77 -22.92
N SER C 801 -7.79 -28.85 -22.61
CA SER C 801 -7.35 -29.44 -21.34
C SER C 801 -7.58 -28.55 -20.10
N VAL C 802 -7.54 -27.24 -20.26
CA VAL C 802 -7.57 -26.35 -19.04
C VAL C 802 -8.74 -25.39 -18.93
N PHE C 803 -9.42 -25.13 -20.04
CA PHE C 803 -10.38 -24.04 -20.09
C PHE C 803 -11.61 -24.33 -19.21
N GLU C 804 -12.41 -25.31 -19.59
CA GLU C 804 -13.66 -25.61 -18.85
C GLU C 804 -13.41 -26.02 -17.39
N CYS C 805 -12.40 -26.85 -17.15
CA CYS C 805 -12.15 -27.30 -15.77
C CYS C 805 -11.66 -26.13 -14.89
N THR C 806 -10.83 -25.26 -15.45
CA THR C 806 -10.36 -24.07 -14.68
C THR C 806 -11.49 -23.08 -14.43
N LEU C 807 -12.28 -22.80 -15.47
CA LEU C 807 -13.44 -21.90 -15.32
C LEU C 807 -14.36 -22.36 -14.18
N ASP C 808 -14.62 -23.65 -14.13
CA ASP C 808 -15.51 -24.19 -13.10
C ASP C 808 -14.97 -24.08 -11.65
N MET C 809 -13.65 -24.05 -11.53
CA MET C 809 -12.99 -23.75 -10.24
C MET C 809 -13.23 -22.31 -9.79
N ILE C 810 -13.27 -21.39 -10.75
CA ILE C 810 -13.23 -19.95 -10.42
C ILE C 810 -14.54 -19.20 -10.59
N ASN C 811 -15.61 -19.89 -10.93
CA ASN C 811 -16.84 -19.21 -11.38
C ASN C 811 -18.00 -19.29 -10.40
N LYS C 812 -17.68 -19.65 -9.17
CA LYS C 812 -18.66 -19.75 -8.07
C LYS C 812 -18.54 -18.56 -7.12
N ASP C 813 -17.35 -17.96 -7.08
CA ASP C 813 -17.11 -16.72 -6.32
C ASP C 813 -15.86 -16.02 -6.85
N PHE C 814 -15.53 -14.89 -6.23
CA PHE C 814 -14.35 -14.08 -6.69
C PHE C 814 -13.05 -14.36 -5.96
N THR C 815 -13.13 -15.20 -4.95
CA THR C 815 -12.02 -15.41 -4.01
C THR C 815 -11.28 -16.77 -4.13
N GLU C 816 -12.02 -17.86 -4.29
CA GLU C 816 -11.34 -19.18 -4.29
C GLU C 816 -10.35 -19.32 -5.47
N TYR C 817 -9.30 -20.11 -5.23
CA TYR C 817 -8.21 -20.34 -6.21
C TYR C 817 -7.67 -19.05 -6.83
N PRO C 818 -7.18 -18.13 -5.99
CA PRO C 818 -6.72 -16.83 -6.48
C PRO C 818 -5.63 -16.89 -7.55
N GLU C 819 -4.69 -17.83 -7.40
CA GLU C 819 -3.60 -17.97 -8.38
C GLU C 819 -4.11 -18.48 -9.73
N HIS C 820 -4.94 -19.52 -9.71
CA HIS C 820 -5.56 -20.08 -10.94
C HIS C 820 -6.30 -19.02 -11.68
N ARG C 821 -7.01 -18.22 -10.90
CA ARG C 821 -7.84 -17.13 -11.41
C ARG C 821 -7.02 -16.15 -12.25
N VAL C 822 -5.94 -15.68 -11.63
CA VAL C 822 -5.02 -14.73 -12.28
C VAL C 822 -4.34 -15.34 -13.52
N GLU C 823 -3.78 -16.54 -13.37
CA GLU C 823 -3.08 -17.19 -14.48
C GLU C 823 -4.04 -17.62 -15.61
N PHE C 824 -5.25 -17.99 -15.24
CA PHE C 824 -6.29 -18.38 -16.22
C PHE C 824 -6.51 -17.27 -17.25
N TYR C 825 -6.77 -16.08 -16.77
CA TYR C 825 -7.01 -14.93 -17.65
C TYR C 825 -5.79 -14.42 -18.41
N LYS C 826 -4.61 -14.55 -17.82
CA LYS C 826 -3.39 -14.27 -18.59
C LYS C 826 -3.25 -15.24 -19.78
N LEU C 827 -3.62 -16.49 -19.56
CA LEU C 827 -3.51 -17.51 -20.64
C LEU C 827 -4.53 -17.21 -21.74
N LEU C 828 -5.79 -17.07 -21.34
CA LEU C 828 -6.85 -16.64 -22.29
C LEU C 828 -6.43 -15.42 -23.10
N LYS C 829 -5.79 -14.47 -22.45
CA LYS C 829 -5.38 -13.21 -23.11
C LYS C 829 -4.36 -13.44 -24.22
N VAL C 830 -3.31 -14.18 -23.92
CA VAL C 830 -2.23 -14.40 -24.90
C VAL C 830 -2.75 -15.27 -26.06
N ILE C 831 -3.60 -16.25 -25.73
CA ILE C 831 -4.26 -17.10 -26.76
C ILE C 831 -5.13 -16.26 -27.69
N ASN C 832 -5.90 -15.38 -27.10
CA ASN C 832 -6.76 -14.46 -27.85
C ASN C 832 -5.93 -13.50 -28.76
N GLU C 833 -4.81 -13.02 -28.25
CA GLU C 833 -3.83 -12.20 -29.02
C GLU C 833 -3.11 -12.96 -30.16
N LYS C 834 -2.64 -14.15 -29.85
CA LYS C 834 -1.68 -14.86 -30.74
C LYS C 834 -2.26 -16.03 -31.54
N SER C 835 -3.30 -16.65 -31.03
CA SER C 835 -3.89 -17.84 -31.71
CA SER C 835 -3.89 -17.86 -31.63
C SER C 835 -5.42 -17.82 -31.64
N PHE C 836 -5.96 -16.69 -32.09
CA PHE C 836 -7.41 -16.49 -32.04
C PHE C 836 -8.18 -17.65 -32.70
N ALA C 837 -7.58 -18.24 -33.71
CA ALA C 837 -8.16 -19.38 -34.44
C ALA C 837 -8.60 -20.50 -33.50
N ALA C 838 -7.82 -20.71 -32.46
CA ALA C 838 -8.15 -21.70 -31.42
C ALA C 838 -9.57 -21.47 -30.86
N PHE C 839 -9.95 -20.22 -30.70
CA PHE C 839 -11.31 -19.93 -30.21
C PHE C 839 -12.35 -20.18 -31.30
N LEU C 840 -11.96 -19.98 -32.55
CA LEU C 840 -12.86 -20.27 -33.70
C LEU C 840 -13.23 -21.74 -33.73
N GLU C 841 -12.28 -22.58 -33.35
CA GLU C 841 -12.47 -24.04 -33.35
C GLU C 841 -13.38 -24.52 -32.23
N LEU C 842 -13.52 -23.72 -31.19
CA LEU C 842 -14.35 -24.13 -30.03
C LEU C 842 -15.76 -24.46 -30.48
N PRO C 843 -16.36 -25.52 -29.91
CA PRO C 843 -17.78 -25.70 -30.12
C PRO C 843 -18.56 -24.48 -29.62
N PRO C 844 -19.71 -24.16 -30.23
CA PRO C 844 -20.48 -22.98 -29.83
C PRO C 844 -20.78 -22.89 -28.33
N ALA C 845 -20.94 -24.04 -27.67
CA ALA C 845 -21.22 -24.04 -26.22
C ALA C 845 -20.00 -23.54 -25.43
N ALA C 846 -18.84 -23.98 -25.85
CA ALA C 846 -17.58 -23.62 -25.18
C ALA C 846 -17.26 -22.15 -25.46
N PHE C 847 -17.61 -21.71 -26.67
CA PHE C 847 -17.46 -20.30 -27.04
C PHE C 847 -18.36 -19.39 -26.19
N LYS C 848 -19.55 -19.87 -25.85
CA LYS C 848 -20.44 -19.15 -24.94
C LYS C 848 -19.83 -18.99 -23.53
N LEU C 849 -19.29 -20.07 -23.01
CA LEU C 849 -18.55 -20.07 -21.73
C LEU C 849 -17.38 -19.08 -21.78
N PHE C 850 -16.74 -18.99 -22.94
CA PHE C 850 -15.62 -18.06 -23.15
C PHE C 850 -16.11 -16.62 -22.94
N VAL C 851 -17.21 -16.30 -23.60
CA VAL C 851 -17.81 -14.99 -23.43
C VAL C 851 -18.25 -14.75 -21.97
N ASP C 852 -18.83 -15.77 -21.36
CA ASP C 852 -19.18 -15.73 -19.93
C ASP C 852 -17.95 -15.45 -19.08
N ALA C 853 -16.88 -16.16 -19.39
CA ALA C 853 -15.63 -16.06 -18.63
C ALA C 853 -15.09 -14.62 -18.64
N ILE C 854 -15.10 -14.03 -19.83
CA ILE C 854 -14.64 -12.64 -20.04
C ILE C 854 -15.44 -11.67 -19.18
N CYS C 855 -16.76 -11.76 -19.26
CA CYS C 855 -17.63 -10.86 -18.48
C CYS C 855 -17.48 -11.11 -16.99
N TRP C 856 -17.34 -12.37 -16.64
CA TRP C 856 -17.02 -12.73 -15.25
C TRP C 856 -15.78 -12.00 -14.76
N ALA C 857 -14.75 -11.96 -15.60
CA ALA C 857 -13.52 -11.18 -15.25
C ALA C 857 -13.80 -9.69 -14.98
N PHE C 858 -14.70 -9.11 -15.77
CA PHE C 858 -15.13 -7.69 -15.59
C PHE C 858 -15.51 -7.40 -14.17
N LYS C 859 -16.25 -8.35 -13.61
CA LYS C 859 -16.95 -8.12 -12.35
C LYS C 859 -16.04 -8.26 -11.16
N HIS C 860 -14.82 -8.73 -11.39
CA HIS C 860 -13.80 -8.79 -10.32
C HIS C 860 -13.38 -7.43 -9.88
N ASN C 861 -13.12 -7.34 -8.59
CA ASN C 861 -12.51 -6.14 -8.02
C ASN C 861 -11.00 -6.25 -7.99
N ASN C 862 -10.55 -7.50 -7.94
CA ASN C 862 -9.14 -7.84 -8.17
C ASN C 862 -8.63 -7.26 -9.50
N ARG C 863 -7.75 -6.28 -9.40
CA ARG C 863 -7.16 -5.62 -10.60
C ARG C 863 -6.43 -6.57 -11.56
N ASP C 864 -5.75 -7.58 -11.03
CA ASP C 864 -5.01 -8.49 -11.91
CA ASP C 864 -5.03 -8.55 -11.87
C ASP C 864 -5.99 -9.16 -12.89
N VAL C 865 -7.17 -9.56 -12.39
CA VAL C 865 -8.20 -10.22 -13.23
C VAL C 865 -8.98 -9.22 -14.10
N GLU C 866 -9.52 -8.21 -13.42
CA GLU C 866 -10.34 -7.15 -14.04
C GLU C 866 -9.71 -6.53 -15.30
N VAL C 867 -8.45 -6.14 -15.16
CA VAL C 867 -7.74 -5.45 -16.24
C VAL C 867 -7.68 -6.37 -17.48
N ASN C 868 -7.30 -7.63 -17.24
CA ASN C 868 -7.18 -8.63 -18.33
C ASN C 868 -8.52 -8.93 -18.98
N GLY C 869 -9.54 -9.06 -18.16
CA GLY C 869 -10.93 -9.23 -18.64
C GLY C 869 -11.34 -8.13 -19.61
N LEU C 870 -10.99 -6.90 -19.27
CA LEU C 870 -11.35 -5.76 -20.14
C LEU C 870 -10.54 -5.77 -21.45
N GLN C 871 -9.27 -6.12 -21.34
CA GLN C 871 -8.38 -6.20 -22.51
C GLN C 871 -8.80 -7.32 -23.47
N ILE C 872 -9.14 -8.47 -22.90
CA ILE C 872 -9.55 -9.65 -23.70
C ILE C 872 -10.76 -9.26 -24.51
N ALA C 873 -11.71 -8.62 -23.82
CA ALA C 873 -12.96 -8.13 -24.42
C ALA C 873 -12.71 -7.22 -25.61
N LEU C 874 -11.80 -6.27 -25.42
CA LEU C 874 -11.45 -5.28 -26.46
C LEU C 874 -10.79 -6.00 -27.64
N ASP C 875 -9.84 -6.86 -27.30
CA ASP C 875 -9.10 -7.67 -28.28
C ASP C 875 -10.02 -8.59 -29.09
N LEU C 876 -10.92 -9.24 -28.38
CA LEU C 876 -11.90 -10.12 -29.01
C LEU C 876 -12.72 -9.36 -30.06
N VAL C 877 -13.21 -8.19 -29.66
CA VAL C 877 -14.03 -7.35 -30.53
C VAL C 877 -13.23 -7.05 -31.80
N LYS C 878 -11.99 -6.62 -31.60
CA LYS C 878 -11.05 -6.37 -32.69
C LYS C 878 -10.87 -7.60 -33.57
N ASN C 879 -10.63 -8.75 -32.94
CA ASN C 879 -10.45 -10.02 -33.68
C ASN C 879 -11.65 -10.32 -34.58
N ILE C 880 -12.84 -10.13 -34.02
CA ILE C 880 -14.10 -10.32 -34.75
C ILE C 880 -14.21 -9.34 -35.92
N GLU C 881 -14.06 -8.07 -35.62
CA GLU C 881 -14.15 -7.03 -36.65
C GLU C 881 -13.23 -7.36 -37.83
N ARG C 882 -12.03 -7.81 -37.49
CA ARG C 882 -10.96 -8.13 -38.45
C ARG C 882 -11.39 -9.22 -39.46
N MET C 883 -12.27 -10.12 -39.03
CA MET C 883 -12.76 -11.24 -39.88
C MET C 883 -13.60 -10.73 -41.05
N GLY C 884 -14.19 -9.56 -40.86
CA GLY C 884 -15.02 -8.92 -41.88
C GLY C 884 -16.38 -9.58 -41.98
N ASN C 885 -17.06 -9.31 -43.09
CA ASN C 885 -18.46 -9.75 -43.25
C ASN C 885 -18.57 -11.23 -43.58
N VAL C 886 -18.29 -12.04 -42.57
CA VAL C 886 -18.37 -13.52 -42.69
C VAL C 886 -19.33 -14.05 -41.61
N PRO C 887 -19.90 -15.26 -41.80
CA PRO C 887 -20.93 -15.76 -40.90
C PRO C 887 -20.57 -15.79 -39.43
N PHE C 888 -19.34 -16.16 -39.11
CA PHE C 888 -18.91 -16.22 -37.70
C PHE C 888 -18.95 -14.84 -37.02
N ALA C 889 -18.53 -13.83 -37.76
CA ALA C 889 -18.59 -12.43 -37.28
C ALA C 889 -20.05 -12.01 -37.06
N ASN C 890 -20.88 -12.29 -38.06
CA ASN C 890 -22.31 -11.97 -37.99
C ASN C 890 -23.00 -12.65 -36.81
N GLU C 891 -22.74 -13.94 -36.65
CA GLU C 891 -23.35 -14.71 -35.53
C GLU C 891 -22.86 -14.18 -34.19
N PHE C 892 -21.56 -13.93 -34.12
CA PHE C 892 -21.00 -13.36 -32.91
C PHE C 892 -21.77 -12.11 -32.46
N HIS C 893 -21.97 -11.19 -33.39
CA HIS C 893 -22.65 -9.92 -33.10
C HIS C 893 -24.07 -10.16 -32.70
N LYS C 894 -24.78 -10.94 -33.51
CA LYS C 894 -26.16 -11.34 -33.15
C LYS C 894 -26.24 -11.91 -31.73
N ASN C 895 -25.29 -12.75 -31.36
CA ASN C 895 -25.31 -13.46 -30.06
C ASN C 895 -24.79 -12.69 -28.86
N TYR C 896 -23.79 -11.87 -29.10
CA TYR C 896 -22.96 -11.33 -28.01
C TYR C 896 -22.80 -9.83 -27.93
N PHE C 897 -23.08 -9.13 -29.02
CA PHE C 897 -22.89 -7.67 -29.05
C PHE C 897 -23.58 -6.95 -27.88
N PHE C 898 -24.85 -7.27 -27.66
CA PHE C 898 -25.62 -6.62 -26.57
C PHE C 898 -25.28 -7.15 -25.19
N ILE C 899 -24.85 -8.40 -25.11
CA ILE C 899 -24.33 -8.95 -23.86
C ILE C 899 -23.11 -8.13 -23.42
N PHE C 900 -22.21 -7.83 -24.35
CA PHE C 900 -20.99 -7.04 -24.01
C PHE C 900 -21.30 -5.60 -23.63
N VAL C 901 -22.22 -5.00 -24.37
CA VAL C 901 -22.67 -3.63 -24.10
C VAL C 901 -23.30 -3.51 -22.70
N SER C 902 -24.22 -4.41 -22.39
CA SER C 902 -24.95 -4.29 -21.12
C SER C 902 -24.05 -4.62 -19.94
N GLU C 903 -23.20 -5.63 -20.11
CA GLU C 903 -22.24 -6.03 -19.08
C GLU C 903 -21.28 -4.89 -18.76
N THR C 904 -20.81 -4.23 -19.80
CA THR C 904 -19.89 -3.07 -19.67
C THR C 904 -20.59 -1.92 -18.95
N PHE C 905 -21.82 -1.66 -19.32
CA PHE C 905 -22.64 -0.67 -18.60
C PHE C 905 -22.84 -1.04 -17.14
N PHE C 906 -23.19 -2.29 -16.89
CA PHE C 906 -23.35 -2.75 -15.51
C PHE C 906 -22.17 -2.39 -14.59
N VAL C 907 -20.96 -2.74 -14.99
CA VAL C 907 -19.77 -2.49 -14.14
C VAL C 907 -19.40 -0.99 -14.12
N LEU C 908 -19.72 -0.29 -15.20
CA LEU C 908 -19.60 1.19 -15.22
C LEU C 908 -20.46 1.84 -14.16
N THR C 909 -21.67 1.35 -14.03
CA THR C 909 -22.69 2.06 -13.25
C THR C 909 -22.97 1.52 -11.84
N ASP C 910 -22.22 0.52 -11.39
CA ASP C 910 -22.53 -0.10 -10.07
C ASP C 910 -21.67 0.41 -8.92
N SER C 911 -20.75 1.32 -9.19
CA SER C 911 -19.91 1.92 -8.13
C SER C 911 -18.94 0.96 -7.44
N ASP C 912 -18.90 -0.27 -7.93
CA ASP C 912 -18.06 -1.29 -7.29
C ASP C 912 -16.86 -1.58 -8.16
N HIS C 913 -16.80 -0.93 -9.31
CA HIS C 913 -15.74 -1.22 -10.27
C HIS C 913 -15.06 0.03 -10.79
N LYS C 914 -14.94 1.00 -9.90
CA LYS C 914 -14.38 2.31 -10.27
C LYS C 914 -12.95 2.27 -10.83
N SER C 915 -12.16 1.32 -10.34
CA SER C 915 -10.77 1.16 -10.84
C SER C 915 -10.68 0.90 -12.36
N GLY C 916 -11.71 0.27 -12.91
CA GLY C 916 -11.71 -0.12 -14.34
C GLY C 916 -12.33 0.91 -15.28
N PHE C 917 -12.67 2.08 -14.73
CA PHE C 917 -13.46 3.08 -15.50
C PHE C 917 -12.91 3.36 -16.90
N SER C 918 -11.61 3.55 -16.97
CA SER C 918 -10.95 3.93 -18.23
C SER C 918 -11.07 2.86 -19.28
N LYS C 919 -10.81 1.62 -18.89
CA LYS C 919 -10.82 0.54 -19.87
C LYS C 919 -12.25 0.16 -20.23
N GLN C 920 -13.13 0.23 -19.24
CA GLN C 920 -14.59 0.08 -19.47
C GLN C 920 -15.09 1.09 -20.52
N ALA C 921 -14.67 2.32 -20.35
CA ALA C 921 -15.09 3.41 -21.24
C ALA C 921 -14.56 3.16 -22.66
N LEU C 922 -13.32 2.73 -22.73
CA LEU C 922 -12.68 2.40 -24.03
C LEU C 922 -13.47 1.29 -24.76
N LEU C 923 -13.85 0.27 -24.01
CA LEU C 923 -14.61 -0.87 -24.55
C LEU C 923 -15.98 -0.41 -25.04
N LEU C 924 -16.63 0.38 -24.21
CA LEU C 924 -17.97 0.85 -24.53
C LEU C 924 -17.90 1.69 -25.79
N MET C 925 -16.89 2.52 -25.85
CA MET C 925 -16.71 3.39 -27.02
C MET C 925 -16.54 2.56 -28.28
N LYS C 926 -15.65 1.58 -28.24
CA LYS C 926 -15.43 0.69 -29.38
C LYS C 926 -16.75 0.07 -29.84
N LEU C 927 -17.51 -0.46 -28.88
CA LEU C 927 -18.77 -1.18 -29.20
C LEU C 927 -19.77 -0.25 -29.89
N ILE C 928 -19.94 0.93 -29.32
CA ILE C 928 -20.87 1.95 -29.88
C ILE C 928 -20.41 2.41 -31.25
N SER C 929 -19.11 2.59 -31.40
CA SER C 929 -18.57 3.11 -32.66
C SER C 929 -18.73 2.10 -33.81
N LEU C 930 -18.76 0.82 -33.46
CA LEU C 930 -19.01 -0.24 -34.45
C LEU C 930 -20.35 -0.03 -35.15
N VAL C 931 -21.33 0.38 -34.37
CA VAL C 931 -22.68 0.62 -34.93
C VAL C 931 -22.73 1.96 -35.65
N TYR C 932 -22.20 2.97 -34.97
CA TYR C 932 -22.11 4.34 -35.51
C TYR C 932 -21.40 4.38 -36.87
N ASP C 933 -20.41 3.50 -37.03
CA ASP C 933 -19.69 3.33 -38.32
C ASP C 933 -20.23 2.22 -39.23
N ASN C 934 -21.45 1.79 -38.99
CA ASN C 934 -22.04 0.68 -39.77
C ASN C 934 -21.14 -0.54 -40.03
N LYS C 935 -20.30 -0.84 -39.06
CA LYS C 935 -19.32 -1.96 -39.15
C LYS C 935 -19.91 -3.33 -38.80
N ILE C 936 -21.21 -3.34 -38.52
CA ILE C 936 -21.94 -4.60 -38.30
C ILE C 936 -22.89 -4.78 -39.46
N SER C 937 -22.61 -5.82 -40.24
CA SER C 937 -23.29 -6.03 -41.55
C SER C 937 -24.68 -6.65 -41.47
N VAL C 938 -25.08 -7.10 -40.29
CA VAL C 938 -26.42 -7.71 -40.12
C VAL C 938 -27.28 -7.00 -39.07
N PRO C 939 -28.61 -7.02 -39.23
CA PRO C 939 -29.44 -6.45 -38.19
C PRO C 939 -29.18 -7.11 -36.84
N LEU C 940 -29.02 -6.26 -35.84
CA LEU C 940 -28.76 -6.70 -34.46
C LEU C 940 -30.03 -7.15 -33.78
N TYR C 941 -31.14 -6.84 -34.41
CA TYR C 941 -32.48 -7.18 -33.92
C TYR C 941 -33.08 -8.33 -34.69
N GLN C 942 -33.76 -9.21 -33.98
CA GLN C 942 -34.51 -10.29 -34.63
C GLN C 942 -35.69 -9.69 -35.39
N GLU C 943 -36.08 -10.33 -36.47
CA GLU C 943 -37.13 -9.81 -37.34
C GLU C 943 -38.50 -9.69 -36.68
N ALA C 944 -39.18 -8.58 -36.99
CA ALA C 944 -40.55 -8.32 -36.52
C ALA C 944 -40.51 -7.68 -35.16
N GLU C 945 -39.32 -7.66 -34.59
CA GLU C 945 -39.04 -6.91 -33.37
C GLU C 945 -39.21 -5.44 -33.67
N VAL C 946 -38.82 -5.10 -34.89
CA VAL C 946 -38.82 -3.72 -35.37
C VAL C 946 -39.03 -3.76 -36.88
N PRO C 947 -39.32 -2.60 -37.47
CA PRO C 947 -39.51 -2.50 -38.90
C PRO C 947 -38.26 -2.88 -39.70
N GLN C 948 -38.48 -3.41 -40.88
CA GLN C 948 -37.40 -3.99 -41.69
C GLN C 948 -36.32 -3.00 -42.09
N GLY C 949 -36.73 -1.79 -42.42
CA GLY C 949 -35.77 -0.78 -42.88
C GLY C 949 -34.74 -0.41 -41.82
N THR C 950 -35.11 -0.64 -40.57
CA THR C 950 -34.48 -0.01 -39.41
C THR C 950 -32.98 -0.22 -39.28
N SER C 951 -32.28 0.88 -39.09
CA SER C 951 -30.83 0.89 -38.96
C SER C 951 -30.41 0.33 -37.62
N ASN C 952 -29.18 -0.14 -37.54
CA ASN C 952 -28.66 -0.64 -36.28
C ASN C 952 -28.49 0.50 -35.26
N GLN C 953 -28.28 1.70 -35.79
CA GLN C 953 -28.18 2.94 -34.98
C GLN C 953 -29.46 3.22 -34.21
N VAL C 954 -30.55 3.25 -34.95
CA VAL C 954 -31.87 3.44 -34.33
C VAL C 954 -32.10 2.34 -33.29
N TYR C 955 -31.91 1.10 -33.70
CA TYR C 955 -32.18 -0.01 -32.78
C TYR C 955 -31.33 0.00 -31.48
N LEU C 956 -30.06 0.36 -31.63
CA LEU C 956 -29.10 0.47 -30.51
C LEU C 956 -29.56 1.50 -29.48
N SER C 957 -30.04 2.63 -29.98
CA SER C 957 -30.57 3.70 -29.13
C SER C 957 -31.78 3.22 -28.36
N GLN C 958 -32.58 2.47 -29.09
CA GLN C 958 -33.82 1.96 -28.57
C GLN C 958 -33.57 0.92 -27.49
N TYR C 959 -32.63 0.03 -27.77
CA TYR C 959 -32.25 -0.99 -26.79
C TYR C 959 -31.71 -0.33 -25.53
N LEU C 960 -30.87 0.68 -25.72
CA LEU C 960 -30.14 1.29 -24.59
C LEU C 960 -31.08 2.12 -23.74
N ALA C 961 -32.01 2.81 -24.39
CA ALA C 961 -32.93 3.69 -23.68
C ALA C 961 -33.76 2.82 -22.78
N ASN C 962 -34.21 1.71 -23.34
CA ASN C 962 -35.04 0.73 -22.61
C ASN C 962 -34.27 0.08 -21.46
N MET C 963 -33.01 -0.24 -21.72
CA MET C 963 -32.13 -0.83 -20.69
C MET C 963 -31.99 0.12 -19.51
N LEU C 964 -31.64 1.35 -19.81
CA LEU C 964 -31.40 2.36 -18.77
C LEU C 964 -32.70 2.71 -18.05
N SER C 965 -33.76 2.81 -18.82
CA SER C 965 -35.09 3.10 -18.27
C SER C 965 -35.51 2.08 -17.20
N ASN C 966 -35.25 0.80 -17.45
CA ASN C 966 -35.63 -0.25 -16.46
C ASN C 966 -34.64 -0.36 -15.30
N ALA C 967 -33.38 -0.08 -15.63
CA ALA C 967 -32.25 -0.22 -14.68
C ALA C 967 -32.15 0.97 -13.72
N PHE C 968 -32.58 2.13 -14.20
CA PHE C 968 -32.61 3.41 -13.45
C PHE C 968 -33.95 4.12 -13.63
N PRO C 969 -35.01 3.59 -13.00
CA PRO C 969 -36.38 4.06 -13.21
C PRO C 969 -36.65 5.48 -12.71
N HIS C 970 -35.75 6.00 -11.89
CA HIS C 970 -35.87 7.38 -11.35
C HIS C 970 -35.40 8.47 -12.30
N LEU C 971 -34.67 8.08 -13.35
CA LEU C 971 -34.34 8.99 -14.47
C LEU C 971 -35.57 9.29 -15.30
N THR C 972 -35.62 10.48 -15.88
CA THR C 972 -36.66 10.84 -16.83
C THR C 972 -36.27 10.34 -18.22
N SER C 973 -37.25 10.20 -19.09
CA SER C 973 -37.01 9.83 -20.50
C SER C 973 -36.02 10.77 -21.19
N GLU C 974 -36.19 12.06 -20.95
CA GLU C 974 -35.34 13.09 -21.59
CA GLU C 974 -35.33 13.07 -21.60
C GLU C 974 -33.91 13.00 -21.07
N GLN C 975 -33.73 12.66 -19.79
CA GLN C 975 -32.37 12.51 -19.30
C GLN C 975 -31.69 11.38 -20.07
N ILE C 976 -32.39 10.26 -20.13
CA ILE C 976 -31.89 9.09 -20.83
C ILE C 976 -31.63 9.41 -22.30
N ALA C 977 -32.63 9.99 -22.97
CA ALA C 977 -32.50 10.31 -24.40
C ALA C 977 -31.28 11.22 -24.62
N SER C 978 -31.19 12.27 -23.80
CA SER C 978 -30.10 13.28 -23.92
C SER C 978 -28.74 12.70 -23.68
N PHE C 979 -28.69 11.83 -22.67
CA PHE C 979 -27.47 11.10 -22.34
C PHE C 979 -27.03 10.28 -23.55
N LEU C 980 -27.95 9.51 -24.13
CA LEU C 980 -27.59 8.61 -25.27
C LEU C 980 -27.19 9.37 -26.54
N SER C 981 -27.91 10.45 -26.83
CA SER C 981 -27.54 11.35 -27.92
CA SER C 981 -27.53 11.36 -27.92
C SER C 981 -26.07 11.79 -27.74
N ALA C 982 -25.77 12.33 -26.58
CA ALA C 982 -24.42 12.87 -26.32
C ALA C 982 -23.40 11.74 -26.48
N LEU C 983 -23.65 10.65 -25.79
CA LEU C 983 -22.73 9.53 -25.74
C LEU C 983 -22.46 9.00 -27.14
N THR C 984 -23.49 8.87 -27.96
CA THR C 984 -23.30 8.23 -29.27
C THR C 984 -22.52 9.16 -30.22
N LYS C 985 -22.88 10.44 -30.19
CA LYS C 985 -22.14 11.46 -30.96
C LYS C 985 -20.67 11.54 -30.61
N GLN C 986 -20.33 11.26 -29.36
CA GLN C 986 -18.97 11.47 -28.86
C GLN C 986 -18.13 10.19 -28.91
N CYS C 987 -18.64 9.19 -29.63
CA CYS C 987 -18.01 7.84 -29.66
C CYS C 987 -16.68 7.75 -30.43
N LYS C 988 -16.25 8.87 -30.98
CA LYS C 988 -14.92 9.00 -31.62
C LYS C 988 -13.92 9.81 -30.77
N ASP C 989 -14.43 10.52 -29.77
CA ASP C 989 -13.59 11.38 -28.88
C ASP C 989 -13.59 10.84 -27.44
N LEU C 990 -12.62 9.98 -27.13
CA LEU C 990 -12.57 9.27 -25.83
C LEU C 990 -12.63 10.16 -24.59
N VAL C 991 -12.07 11.35 -24.68
CA VAL C 991 -11.94 12.21 -23.50
C VAL C 991 -13.30 12.83 -23.19
N VAL C 992 -13.99 13.28 -24.22
CA VAL C 992 -15.38 13.82 -24.12
C VAL C 992 -16.40 12.73 -23.69
N PHE C 993 -16.37 11.62 -24.42
CA PHE C 993 -17.14 10.37 -24.10
C PHE C 993 -17.02 10.01 -22.63
N LYS C 994 -15.81 9.99 -22.12
CA LYS C 994 -15.58 9.70 -20.70
C LYS C 994 -16.23 10.69 -19.77
N GLY C 995 -16.22 11.96 -20.18
CA GLY C 995 -16.82 13.01 -19.35
C GLY C 995 -18.33 12.86 -19.26
N THR C 996 -18.92 12.50 -20.39
CA THR C 996 -20.38 12.23 -20.52
C THR C 996 -20.78 11.02 -19.66
N LEU C 997 -19.93 10.00 -19.66
CA LEU C 997 -20.12 8.87 -18.73
C LEU C 997 -20.10 9.32 -17.28
N ARG C 998 -19.11 10.14 -16.91
CA ARG C 998 -18.98 10.60 -15.51
C ARG C 998 -20.16 11.44 -15.08
N ASP C 999 -20.63 12.27 -15.99
CA ASP C 999 -21.86 13.05 -15.76
C ASP C 999 -23.06 12.14 -15.53
N PHE C 1000 -23.16 11.09 -16.34
CA PHE C 1000 -24.23 10.12 -16.13
C PHE C 1000 -24.13 9.53 -14.72
N LEU C 1001 -22.92 9.13 -14.34
CA LEU C 1001 -22.70 8.53 -13.00
C LEU C 1001 -23.07 9.47 -11.87
N VAL C 1002 -22.90 10.77 -12.09
CA VAL C 1002 -23.34 11.73 -11.09
C VAL C 1002 -24.87 11.72 -11.07
N GLN C 1003 -25.46 11.81 -12.24
CA GLN C 1003 -26.91 12.01 -12.32
C GLN C 1003 -27.74 10.86 -11.78
N ILE C 1004 -27.23 9.64 -11.94
CA ILE C 1004 -27.96 8.44 -11.45
C ILE C 1004 -28.01 8.37 -9.93
N LYS C 1005 -27.19 9.18 -9.28
CA LYS C 1005 -27.13 9.21 -7.81
C LYS C 1005 -28.12 10.16 -7.18
N GLU C 1006 -28.87 10.87 -8.01
CA GLU C 1006 -29.87 11.82 -7.53
C GLU C 1006 -31.11 11.81 -8.43
N VAL C 1007 -32.09 12.61 -8.05
CA VAL C 1007 -33.33 12.79 -8.84
C VAL C 1007 -33.41 14.19 -9.49
N GLY C 1008 -33.88 14.27 -10.72
CA GLY C 1008 -34.12 15.58 -11.37
C GLY C 1008 -32.90 16.19 -12.06
N GLY C 1009 -31.89 15.39 -12.25
CA GLY C 1009 -30.72 15.81 -13.04
C GLY C 1009 -31.15 16.52 -14.32
N ASP C 1010 -30.46 17.61 -14.66
CA ASP C 1010 -30.78 18.42 -15.85
C ASP C 1010 -30.27 17.74 -17.11
N PRO C 1011 -31.18 17.38 -18.03
CA PRO C 1011 -30.82 16.72 -19.28
C PRO C 1011 -29.89 17.55 -20.16
N THR C 1012 -29.97 18.86 -20.05
CA THR C 1012 -29.15 19.76 -20.88
C THR C 1012 -27.68 19.69 -20.51
N ASP C 1013 -27.39 19.15 -19.32
CA ASP C 1013 -26.00 18.92 -18.91
C ASP C 1013 -25.24 18.14 -19.95
N TYR C 1014 -25.90 17.26 -20.68
CA TYR C 1014 -25.19 16.44 -21.67
C TYR C 1014 -24.76 17.21 -22.91
N LEU C 1015 -25.21 18.47 -23.00
CA LEU C 1015 -24.76 19.39 -24.05
C LEU C 1015 -23.42 20.08 -23.75
N PHE C 1016 -22.85 19.80 -22.59
CA PHE C 1016 -21.59 20.45 -22.17
C PHE C 1016 -20.49 20.25 -23.20
N ALA C 1017 -19.89 21.36 -23.60
CA ALA C 1017 -18.78 21.35 -24.57
C ALA C 1017 -17.86 22.55 -24.37
PG GNP D . -14.62 -2.46 4.94
O1G GNP D . -15.64 -2.80 3.90
O2G GNP D . -15.06 -2.97 6.40
O3G GNP D . -14.34 -0.89 4.95
N3B GNP D . -13.16 -3.22 4.45
PB GNP D . -11.77 -3.17 5.47
O1B GNP D . -12.11 -3.32 6.89
O2B GNP D . -11.04 -1.79 5.15
O3A GNP D . -10.82 -4.36 4.95
PA GNP D . -10.69 -5.77 5.71
O1A GNP D . -12.03 -6.42 5.65
O2A GNP D . -10.00 -5.51 7.01
O5' GNP D . -9.66 -6.48 4.68
C5' GNP D . -9.99 -6.65 3.31
C4' GNP D . -9.15 -7.76 2.70
O4' GNP D . -7.79 -7.34 2.60
C3' GNP D . -9.13 -9.05 3.53
O3' GNP D . -9.19 -10.18 2.66
C2' GNP D . -7.81 -9.04 4.25
O2' GNP D . -7.34 -10.36 4.55
C1' GNP D . -6.94 -8.30 3.25
N9 GNP D . -5.81 -7.61 3.91
C8 GNP D . -5.87 -6.75 4.96
N7 GNP D . -4.63 -6.30 5.29
C5 GNP D . -3.77 -6.87 4.41
C6 GNP D . -2.33 -6.85 4.18
O6 GNP D . -1.59 -6.14 4.92
N1 GNP D . -1.83 -7.58 3.15
C2 GNP D . -2.60 -8.35 2.36
N2 GNP D . -1.98 -9.05 1.37
N3 GNP D . -3.95 -8.43 2.51
C4 GNP D . -4.56 -7.74 3.50
MG MG E . -13.88 -3.42 7.86
C1 EDO F . -15.97 9.06 -0.55
O1 EDO F . -14.55 8.95 -0.70
C2 EDO F . -16.34 9.01 0.93
O2 EDO F . -15.73 10.09 1.64
O6 LMB G . 46.13 -1.67 -5.88
C24 LMB G . 46.64 -1.03 -4.92
O5 LMB G . 47.55 -0.21 -5.13
C23 LMB G . 46.17 -1.19 -3.52
C22 LMB G . 45.08 -1.92 -3.18
C33 LMB G . 44.27 -2.68 -4.20
C21 LMB G . 44.67 -1.98 -1.73
C20 LMB G . 44.81 -3.40 -1.15
C32 LMB G . 44.10 -3.48 0.20
C19 LMB G . 46.29 -3.80 -1.04
O4 LMB G . 46.94 -3.04 -0.02
C18 LMB G . 46.49 -5.30 -0.77
C31 LMB G . 47.97 -5.60 -0.54
C17 LMB G . 46.00 -6.18 -1.90
O3 LMB G . 45.89 -5.76 -3.05
C16 LMB G . 45.63 -7.59 -1.56
C30 LMB G . 46.05 -8.50 -2.70
C15 LMB G . 44.13 -7.70 -1.34
C14 LMB G . 43.55 -7.85 -0.13
C29 LMB G . 44.37 -7.92 1.14
C13 LMB G . 42.06 -7.98 -0.08
C12 LMB G . 41.37 -8.24 1.03
C11 LMB G . 39.87 -8.37 0.96
C10 LMB G . 39.15 -7.46 1.96
C28 LMB G . 39.19 -6.01 1.48
C9 LMB G . 37.71 -7.88 2.12
C8 LMB G . 37.11 -8.24 3.27
C26 LMB G . 35.64 -8.64 3.20
C27 LMB G . 35.10 -8.71 1.78
C7 LMB G . 37.80 -8.31 4.59
C6 LMB G . 37.12 -8.56 5.72
C5 LMB G . 37.81 -8.69 7.07
O2 LMB G . 37.53 -10.00 7.56
C4 LMB G . 37.39 -7.65 8.13
C25 LMB G . 35.87 -7.61 8.29
C3 LMB G . 38.06 -7.83 9.52
C2 LMB G . 39.50 -8.35 9.41
C1 LMB G . 40.22 -8.32 10.74
O1' LMB G . 41.10 -7.45 10.92
O1 LMB G . 39.90 -9.15 11.62
C1 GOL H . -20.00 -17.12 -13.47
O1 GOL H . -21.25 -16.71 -12.90
C2 GOL H . -20.13 -17.34 -14.99
O2 GOL H . -20.64 -16.18 -15.65
C3 GOL H . -18.77 -17.71 -15.57
O3 GOL H . -18.59 -19.14 -15.56
C1 EDO I . -27.04 6.12 -32.87
O1 EDO I . -27.13 4.99 -31.99
C2 EDO I . -25.61 6.40 -33.33
O2 EDO I . -24.82 5.21 -33.48
CL CL J . -39.30 13.42 -19.76
CL CL K . 32.81 -7.02 -17.27
CL CL L . -22.80 17.60 17.94
CL CL M . -9.27 43.59 -7.12
#